data_8IMX
#
_entry.id   8IMX
#
_cell.length_a   1.00
_cell.length_b   1.00
_cell.length_c   1.00
_cell.angle_alpha   90.00
_cell.angle_beta   90.00
_cell.angle_gamma   90.00
#
_symmetry.space_group_name_H-M   'P 1'
#
loop_
_entity.id
_entity.type
_entity.pdbx_description
1 polymer 'UL16-binding protein 2,GFP-like fluorescent chromoprotein cFP484'
2 polymer 'Glycosylphosphatidylinositol anchor attachment 1 protein,GFP-like fluorescent chromoprotein cFP484'
3 polymer 'GPI-anchor transamidase,GFP-like fluorescent chromoprotein cFP484'
4 polymer 'GPI transamidase component PIG-S,GFP-like fluorescent chromoprotein cFP484'
5 polymer 'GPI transamidase component PIG-T,GFP-like fluorescent chromoprotein cFP484'
6 polymer 'Phosphatidylinositol glycan anchor biosynthesis class U protein,GFP-like fluorescent chromoprotein cFP484'
7 polymer 'Met-Ser-Ser peptide'
8 branched 2-acetamido-2-deoxy-beta-D-glucopyranose-(1-4)-2-acetamido-2-deoxy-beta-D-glucopyranose
9 non-polymer 'CHOLESTEROL HEMISUCCINATE'
10 non-polymer 'MAGNESIUM ION'
11 non-polymer '[(2~{R})-1-[2-azanylethoxy(oxidanyl)phosphoryl]oxy-3-hexadecanoyloxy-propan-2-yl] (~{Z})-octadec-9-enoate'
12 non-polymer Digitonin
13 non-polymer 'CALCIUM ION'
14 non-polymer 2-acetamido-2-deoxy-beta-D-glucopyranose
15 non-polymer 1-palmitoyl-2-oleoyl-sn-glycero-3-phosphocholine
16 non-polymer '[(2R)-1-hexadecanoyloxy-3-[[3-[[(2R)-3-hexadecanoyloxy-2-[(Z)-octadec-9-enoyl]oxy-propoxy]-oxidanyl-phosphoryl]oxy-2-oxidanyl-propoxy]-oxidanyl-phosphoryl]oxy-propan-2-yl] (Z)-octadec-9-enoate'
17 non-polymer '2-azanylethyl [(2R,3S,4S,5S,6S)-3,4,5,6-tetrakis(oxidanyl)oxan-2-yl]methyl hydrogen phosphate'
18 non-polymer 2-amino-2-deoxy-alpha-D-glucopyranose
19 non-polymer '2-azanylethyl [(2~{S},3~{S},4~{S},5~{S},6~{R})-6-(hydroxymethyl)-2,4,5-tris(oxidanyl)oxan-3-yl] hydrogen phosphate'
20 non-polymer '[(2R)-1-[[(1S,2R,3R,4S,5S,6R)-2-hexadecanoyloxy-3,4,5,6-tetrakis(oxidanyl)cyclohexyl]oxy-oxidanyl-phosphoryl]oxy-3-octadecoxy-propan-2-yl] (5Z,8Z,11Z,14Z)-icosa-5,8,11,14-tetraenoate'
#
loop_
_entity_poly.entity_id
_entity_poly.type
_entity_poly.pdbx_seq_one_letter_code
_entity_poly.pdbx_strand_id
1 'polypeptide(L)'
;MAAAAATKILLCLPLLLLLSGWSRAGGSGGSASVIKPEMKIKLRMEGAVNGHKFVIEGEGIGKPYEGTQTLDLTVEEGAP
LPFSYDILTPAFQYGNRAFTKYPEDIPDYFKQAFPEGYSWERSMTYEDQGICIATSDITMEGDCFFYEIRFDGTNFPPNG
PVMQKKTLKWEPSTEKMYVEDGVLKGDVEMALLLEGGGHYRCDFKTTYKAKKDVRLPDAHEVDHRIEILSHDKDYNKVRL
YEHAEARYSGGGSGGGSAWSHPQFEKGGGSGGGSGGSAWSHPQFEKGSSAGAPLAMSSGTTQLRATATTLILCCLLIILP
CFILPGI
;
D
2 'polypeptide(L)'
;MGSGLLSDPVRRRALARLVLRLNAPLCVLSYVAGIAWFLALVFPPLTQRTYMSENAMGSTMVEEQFAGGDRARAFARDFA
AHRKKSGALPVAWLERTMRSVGLEVYTQSFSRKLPFPDETHERYMVSGTNVYGILRAPRAASTESLVLTVPCGSDSTNSQ
AVGLLLALAAHFRGQIYWAKDIVFLVTEHDLLGTEAWLEAYHDVNVTGMQSSPLQGRAGAIQAAVALELSSDVVTSLDVA
VEGLNGQLPNLDLLNLFQTFCQKGGLLCTLQGKLQPEDWTSLDGPLQGLQTLLLMVLRQASGRPHGSHGLFLRYRVEALT
LRGINSFRQYKYDLVAVGKALEGMFRKLNHLLERLHQSFFLYLLPGLSRFVSIGLYMPAVGFLLLVLGLKALELWMQLHE
AGMGLEEPGGAPGPSVPLPPSQGVGLASLVAPLLISQAMGLALYVLPVLGQHVATQHFPVAEAEAVVLTLLAIYAAGLAL
PHNTHRVVSTQAPDRGWMALKLVALIYLALQLGCIALTNFSLGFLLATTMVPTAALAKPHGPRTLYAALLVLTSPAATLL
GSLFLWRELQEAPLSLAEGWQLFLAALAQGVLEHHTYGALLFPLLSLGLYPCWLLFWNVLFWKGTLEVLFQGPGGSGGSA
SVIKPEMKIKLRMEGAVNGHKFVIEGEGIGKPYEGTQTLDLTVEEGAPLPFSYDILTPAFQYGNRAFTKYPEDIPDYFKQ
AFPEGYSWERSMTYEDQGICIATSDITMEGDCFFYEIRFDGTNFPPNGPVMQKKTLKWEPSTEKMYVEDGVLKGDVEMAL
LLEGGGHYRCDFKTTYKAKKDVRLPDAHEVDHRIEILSHDKDYNKVRLYEHAEARYSGGGSGGGGSGGGGDYKDDDDADY
KDDDDA
;
G
3 'polypeptide(L)'
;MGSAVTDSLSRAATVLATVLLLSFGSVAASHIEDQAEQFFRSGHTNNWAVLVCTSRFWFNYRHVANTLSVYRSVKRLGIP
DSHIVLMLADDMACNPRNPKPATVFSHKNMELNVYGDDVEVDYRSYEVTVENFLRVLTGRIPPSTPRSKRLLSDDRSNIL
IYMTGHGGNGFLKFQDSEEITNIELADAFEQMWQKRRYNELLFIIDTCQGASMYERFYSPNIMALASSQVGEDSLSHQPD
PAIGVHLMDRYTFYVLEFLEEINPASQTNMNDLFQVCPKSLCVSTPGHRTDLFQRDPKNVLITDFFGSVRKVEITTETIK
LQQDSEIMESSYKEDQMDEKLMEPLKYAEQLPVAQIIHQKPKLKDWHPPGGFILGLWALIIMVFFKTYGIKHMKFIFGTL
EVLFQGPGGSGGSASVIKPEMKIKLRMEGAVNGHKFVIEGEGIGKPYEGTQTLDLTVEEGAPLPFSYDILTPAFQYGNRA
FTKYPEDIPDYFKQAFPEGYSWERSMTYEDQGICIATSDITMEGDCFFYEIRFDGTNFPPNGPVMQKKTLKWEPSTEKMY
VEDGVLKGDVEMALLLEGGGHYRCDFKTTYKAKKDVRLPDAHEVDHRIEILSHDKDYNKVRLYEHAEARYSGGGSGGGYP
YDVPDYA
;
K
4 'polypeptide(L)'
;MGSAAAGAAATHLEVARGKRAALFFAAVAIVLGLPLWWKTTETYRASLPYSQISGLNALQLRLMVPVTVVFTRESVPLDD
QEKLPFTVVHEREIPLKYKMKIKCRFQKAYRRALDHEEEALSSGSVQEAEAMLDEPQEQAEGSLTVYVISEHSSLLPQDM
MSYIGPKRTAVVRGIMHREAFNIIGRRIVQVAQAMSLTEDVLAAALADHLPEDKWSAEKRRPLKSSLGYEITFSLLNPDP
KSHDVYWDIEGAVRRYVQPFLNALGAAGNFSVDSQILYYAMLGVNPRFDSASSSYYLDMHSLPHVINPVESRLGSSAASL
YPVLNFLLYVPELAHSPLYIQDKDGAPVATNAFHSPRWGGIMVYNVDSKTYNASVLPVRVEVDMVRVMEVFLAQLRLLFG
IAQPQLPPKCLLSGPTSEGLMTWELDRLLWARSVENLATATTTLTSLAQLLGKISNIVIKDDVASEVYKAVAAVQKSAEE
LASGHLASAFVASQEAVTSSELAFFDPSLLHLLYFPDDQKFAIYIPLFLPMAVPILLSLVKIFLETRKSWRKPEKTDGTL
EVLFQGPGGSGGSASVIKPEMKIKLRMEGAVNGHKFVIEGEGIGKPYEGTQTLDLTVEEGAPLPFSYDILTPAFQYGNRA
FTKYPEDIPDYFKQAFPEGYSWERSMTYEDQGICIATSDITMEGDCFFYEIRFDGTNFPPNGPVMQKKTLKWEPSTEKMY
VEDGVLKGDVEMALLLEGGGHYRCDFKTTYKAKKDVRLPDAHEVDHRIEILSHDKDYNKVRLYEHAEARYSGGGSGGGGG
GGGGGGEQKLISEEDL
;
S
5 'polypeptide(L)'
;MGSAAAMPLALLVLLLLGPGGWCLAEPPRDSLREELVITPLPSGDVAATFQFRTRWDSELQREGVSHYRLFPKALGQLIS
KYSLRELHLSFTQGFWRTRYWGPPFLQAPSGAELWVWFQDTVTDVDKSWKELSNVLSGIFCASLNFIDSTNTVTPTASFK
PLGLANDTDHYFLRYAVLPREVVCTENLTPWKKLLPCSSKAGLSVLLKADRLFHTSYHSQAVHIRPVCRNARCTSISWEL
RQTLSVVFDAFITGQGKKDWSLFRMFSRTLTEPCPLASESRVYVDITTYNQDNETLEVHPPPTTTYQDVILGTRKTYAIY
DLLDTAMINNSRNLNIQLKWKRPPENEAPPVPFLHAQRYVSGYGLQKGELSTLLYNTHPYRAFPVLLLDTVPWYLRLYVH
TLTITSKGKENKPSYIHYQPAQDRLQPHLLEMLIQLPANSVTKVSIQFERALLKWTEYTPDPNHGFYVSPSVLSALVPSM
VAAKPVDWEESPLFNSLFPVSDGSNYFVRLYTEPLLVNLPTPDFSMPYNVICLTCTVVAVCYGSFYNLLTRTFHIEEPRT
GGLAKRLANLIRRARGVPPLGTLEVLFQGPGGSGGSASVIKPEMKIKLRMEGAVNGHKFVIEGEGIGKPYEGTQTLDLTV
EEGAPLPFSYDILTPAFQYGNRAFTKYPEDIPDYFKQAFPEGYSWERSMTYEDQGICIATSDITMEGDCFFYEIRFDGTN
FPPNGPVMQKKTLKWEPSTEKMYVEDGVLKGDVEMALLLEGGGHYRCDFKTTYKAKKDVRLPDAHEVDHRIEILSHDKDY
NKVRLYEHAEARYSGGGSGGGHHHHHHHHHH
;
T
6 'polypeptide(L)'
;MGSAAPLVLVLVVAVTVRAALFRSSLAEFISERVEVVSPLSSWKRVVEGLSLLDLGVSPYSGAVFHETPLIIYLFHFLID
YAELVFMITDALTAIALYFAIQDFNKVVFKKQKLLLELDQYAPDVAELIRTPMEMRYIPLKVALFYLLNPYTILSCVAKS
TCAINNTLIAFFILTTIKGSAFLSAIFLALATYQSLYPLTLFVPGLLYLLQRQYIPVKMKSKAFWIFSWEYAMMYVGSLV
VIICLSFFLLSSWDFIPAVYGFILSVPDLTPNIGLFWYFFAEMFEHFSLFFVCVFQINVFFYTIPLAIKLKEHPIFFMFI
QIAVIAIFKSYPTVGDVALYMAFFPVWNHLYRFLRNIFVLTCIIIVCSLLFPVLWHLWIYAGSANSNFFYAITLTFNVGQ
ILLISDYFYAFLRREYYLTHGLYLTAKDGTEAMLVLKGTLEVLFQGPGGSGGSASVIKPEMKIKLRMEGAVNGHKFVIEG
EGIGKPYEGTQTLDLTVEEGAPLPFSYDILTPAFQYGNRAFTKYPEDIPDYFKQAFPEGYSWERSMTYEDQGICIATSDI
TMEGDCFFYEIRFDGTNFPPNGPVMQKKTLKWEPSTEKMYVEDGVLKGDVEMALLLEGGGHYRCDFKTTYKAKKDVRLPD
AHEVDHRIEILSHDKDYNKVRLYEHAEARYSGGGSGGG
;
U
7 'polypeptide(L)' MSS P
#
# COMPACT_ATOMS: atom_id res chain seq x y z
N GLY A 299 18.75 -7.31 13.77
CA GLY A 299 18.88 -5.97 14.38
C GLY A 299 18.14 -4.88 13.64
N THR A 300 17.89 -3.73 14.29
CA THR A 300 17.27 -2.63 13.53
C THR A 300 17.21 -1.36 14.37
N THR A 301 16.49 -0.33 13.91
CA THR A 301 16.31 0.89 14.74
C THR A 301 14.82 1.23 14.85
N GLN A 302 14.29 1.39 16.06
CA GLN A 302 12.88 1.84 16.16
C GLN A 302 12.88 3.34 15.98
N LEU A 303 11.71 3.91 15.79
CA LEU A 303 11.55 5.34 15.65
C LEU A 303 11.51 6.00 17.02
N ARG A 304 12.52 6.81 17.32
CA ARG A 304 12.62 7.51 18.59
C ARG A 304 12.91 8.98 18.32
N ALA A 305 12.31 9.86 19.12
CA ALA A 305 12.47 11.28 18.93
C ALA A 305 13.87 11.74 19.34
N THR A 306 14.42 12.67 18.57
CA THR A 306 15.73 13.27 18.88
C THR A 306 15.49 14.44 19.82
N ALA A 307 15.35 14.11 21.11
CA ALA A 307 15.00 15.12 22.09
C ALA A 307 16.07 16.20 22.23
N THR A 308 17.32 15.77 22.46
CA THR A 308 18.40 16.74 22.64
C THR A 308 18.64 17.53 21.37
N THR A 309 18.64 16.86 20.22
CA THR A 309 19.07 17.50 18.98
C THR A 309 18.09 18.57 18.54
N LEU A 310 16.80 18.25 18.54
CA LEU A 310 15.81 19.10 17.88
C LEU A 310 14.84 19.78 18.81
N ILE A 311 14.32 19.09 19.82
CA ILE A 311 13.38 19.76 20.73
C ILE A 311 14.07 20.89 21.47
N LEU A 312 15.29 20.65 21.97
CA LEU A 312 16.03 21.70 22.65
C LEU A 312 16.33 22.86 21.72
N CYS A 313 16.78 22.57 20.50
CA CYS A 313 17.13 23.62 19.55
C CYS A 313 15.89 24.45 19.19
N CYS A 314 14.80 23.80 18.83
CA CYS A 314 13.59 24.48 18.39
C CYS A 314 12.79 25.08 19.55
N LEU A 315 13.15 24.78 20.79
CA LEU A 315 12.58 25.47 21.93
C LEU A 315 13.43 26.65 22.38
N LEU A 316 14.75 26.56 22.28
CA LEU A 316 15.64 27.66 22.60
C LEU A 316 15.76 28.65 21.45
N ILE A 317 15.23 28.31 20.27
CA ILE A 317 15.05 29.28 19.20
C ILE A 317 13.81 30.15 19.41
N ILE A 318 12.87 29.71 20.23
CA ILE A 318 11.66 30.46 20.52
C ILE A 318 11.77 31.21 21.85
N LEU A 319 12.04 30.48 22.94
CA LEU A 319 11.92 31.09 24.26
C LEU A 319 12.95 32.19 24.49
N PRO A 320 14.27 31.95 24.39
CA PRO A 320 15.21 33.06 24.60
C PRO A 320 15.16 34.11 23.51
N CYS A 321 14.63 33.78 22.33
CA CYS A 321 14.57 34.77 21.26
C CYS A 321 13.45 35.77 21.48
N PHE A 322 12.34 35.33 22.08
CA PHE A 322 11.15 36.14 22.19
C PHE A 322 10.75 36.49 23.62
N ILE A 323 10.62 35.49 24.50
CA ILE A 323 9.90 35.66 25.75
C ILE A 323 10.81 36.07 26.90
N LEU A 324 11.78 35.22 27.26
CA LEU A 324 12.51 35.43 28.50
C LEU A 324 13.32 36.73 28.52
N PRO A 325 14.14 37.05 27.50
CA PRO A 325 14.83 38.35 27.56
C PRO A 325 14.06 39.43 26.81
N ARG B 12 22.03 45.02 15.49
CA ARG B 12 22.12 46.26 16.24
C ARG B 12 23.12 47.23 15.60
N ARG B 13 23.15 48.46 16.11
CA ARG B 13 24.06 49.46 15.55
C ARG B 13 25.51 49.08 15.77
N ALA B 14 25.84 48.55 16.96
CA ALA B 14 27.21 48.12 17.22
C ALA B 14 27.61 46.97 16.30
N LEU B 15 26.70 46.01 16.10
CA LEU B 15 26.98 44.91 15.18
C LEU B 15 27.17 45.41 13.76
N ALA B 16 26.36 46.38 13.34
CA ALA B 16 26.53 46.94 12.00
C ALA B 16 27.88 47.63 11.85
N ARG B 17 28.29 48.40 12.87
CA ARG B 17 29.59 49.05 12.82
C ARG B 17 30.72 48.03 12.78
N LEU B 18 30.59 46.96 13.57
CA LEU B 18 31.60 45.90 13.55
C LEU B 18 31.67 45.22 12.19
N VAL B 19 30.53 45.00 11.55
CA VAL B 19 30.52 44.45 10.20
C VAL B 19 31.24 45.40 9.24
N LEU B 20 30.91 46.70 9.32
CA LEU B 20 31.60 47.69 8.49
C LEU B 20 33.10 47.62 8.64
N ARG B 21 33.59 47.58 9.89
CA ARG B 21 35.03 47.69 10.11
C ARG B 21 35.77 46.45 9.61
N LEU B 22 35.14 45.28 9.63
CA LEU B 22 35.81 44.02 9.36
C LEU B 22 35.23 43.27 8.17
N ASN B 23 34.78 43.99 7.14
CA ASN B 23 34.25 43.31 5.96
C ASN B 23 35.36 42.62 5.17
N ALA B 24 36.44 43.33 4.87
CA ALA B 24 37.49 42.75 4.03
C ALA B 24 38.19 41.57 4.70
N PRO B 25 38.65 41.65 5.95
CA PRO B 25 39.23 40.44 6.56
C PRO B 25 38.26 39.28 6.65
N LEU B 26 36.98 39.55 6.96
CA LEU B 26 36.00 38.47 7.05
C LEU B 26 35.80 37.81 5.70
N CYS B 27 35.70 38.61 4.63
CA CYS B 27 35.51 38.06 3.30
C CYS B 27 36.73 37.23 2.87
N VAL B 28 37.93 37.73 3.12
CA VAL B 28 39.13 36.98 2.76
C VAL B 28 39.20 35.68 3.54
N LEU B 29 38.92 35.74 4.84
CA LEU B 29 38.96 34.54 5.67
C LEU B 29 37.92 33.53 5.21
N SER B 30 36.72 33.99 4.86
CA SER B 30 35.69 33.09 4.37
C SER B 30 36.06 32.43 3.05
N TYR B 31 36.63 33.19 2.11
CA TYR B 31 37.03 32.59 0.85
C TYR B 31 38.15 31.56 1.06
N VAL B 32 39.15 31.91 1.86
CA VAL B 32 40.23 30.95 2.15
C VAL B 32 39.69 29.73 2.88
N ALA B 33 38.72 29.92 3.78
CA ALA B 33 38.12 28.79 4.48
C ALA B 33 37.38 27.87 3.54
N GLY B 34 36.65 28.44 2.58
CA GLY B 34 35.97 27.61 1.59
C GLY B 34 36.95 26.81 0.74
N ILE B 35 38.01 27.46 0.27
CA ILE B 35 39.00 26.76 -0.54
C ILE B 35 39.68 25.66 0.27
N ALA B 36 40.06 25.96 1.50
CA ALA B 36 40.71 24.97 2.36
C ALA B 36 39.76 23.82 2.72
N TRP B 37 38.48 24.12 2.90
CA TRP B 37 37.51 23.07 3.18
C TRP B 37 37.34 22.14 1.99
N PHE B 38 37.32 22.69 0.77
CA PHE B 38 37.30 21.81 -0.39
C PHE B 38 38.57 20.98 -0.48
N LEU B 39 39.73 21.59 -0.23
CA LEU B 39 40.98 20.86 -0.29
C LEU B 39 41.13 19.84 0.83
N ALA B 40 40.34 19.95 1.90
CA ALA B 40 40.35 18.98 2.98
C ALA B 40 39.31 17.88 2.81
N LEU B 41 38.62 17.84 1.67
CA LEU B 41 37.62 16.81 1.43
C LEU B 41 38.23 15.43 1.27
N VAL B 42 39.53 15.35 0.95
CA VAL B 42 40.18 14.07 0.70
C VAL B 42 40.82 13.49 1.97
N PHE B 43 40.51 14.03 3.13
CA PHE B 43 41.19 13.53 4.31
C PHE B 43 40.25 12.72 5.21
N PRO B 44 40.80 11.76 5.94
CA PRO B 44 39.98 10.73 6.60
C PRO B 44 38.89 11.30 7.49
N PRO B 45 39.11 12.41 8.21
CA PRO B 45 37.99 12.97 9.00
C PRO B 45 36.77 13.31 8.16
N LEU B 46 36.95 13.77 6.92
CA LEU B 46 35.84 14.16 6.07
C LEU B 46 35.43 13.12 5.05
N THR B 47 36.38 12.36 4.50
CA THR B 47 36.08 11.33 3.52
C THR B 47 35.81 10.01 4.25
N GLN B 48 34.84 9.26 3.76
CA GLN B 48 34.42 8.01 4.37
C GLN B 48 34.58 6.86 3.39
N ARG B 49 34.90 5.69 3.93
CA ARG B 49 34.94 4.49 3.11
C ARG B 49 33.53 4.08 2.71
N THR B 50 33.37 3.69 1.45
CA THR B 50 32.06 3.29 0.94
C THR B 50 31.63 1.99 1.58
N TYR B 51 30.33 1.89 1.86
CA TYR B 51 29.74 0.70 2.45
C TYR B 51 28.49 0.34 1.65
N MET B 52 27.91 -0.81 1.97
CA MET B 52 26.81 -1.32 1.16
C MET B 52 25.52 -0.56 1.41
N SER B 53 25.04 -0.58 2.66
CA SER B 53 23.87 0.18 3.08
C SER B 53 22.57 -0.32 2.47
N GLU B 54 22.66 -1.33 1.60
CA GLU B 54 21.47 -1.96 1.02
C GLU B 54 21.51 -3.45 1.32
N ASN B 55 20.73 -3.88 2.31
CA ASN B 55 20.81 -5.26 2.75
C ASN B 55 20.37 -6.23 1.66
N ALA B 56 19.48 -5.80 0.77
CA ALA B 56 18.98 -6.64 -0.32
C ALA B 56 20.13 -7.12 -1.19
N MET B 57 21.20 -6.33 -1.27
CA MET B 57 22.36 -6.67 -2.07
C MET B 57 23.58 -7.02 -1.25
N GLY B 58 23.62 -6.66 0.02
CA GLY B 58 24.77 -6.94 0.86
C GLY B 58 24.64 -8.20 1.68
N SER B 59 23.42 -8.66 1.91
CA SER B 59 23.17 -9.85 2.70
C SER B 59 23.01 -11.11 1.85
N THR B 60 23.14 -10.98 0.53
CA THR B 60 23.04 -12.10 -0.39
C THR B 60 24.37 -12.29 -1.10
N MET B 61 24.51 -13.44 -1.75
CA MET B 61 25.71 -13.77 -2.51
C MET B 61 25.29 -14.54 -3.76
N VAL B 62 26.15 -14.48 -4.78
CA VAL B 62 25.88 -15.12 -6.06
C VAL B 62 27.08 -15.97 -6.44
N GLU B 63 26.82 -17.10 -7.08
CA GLU B 63 27.85 -17.98 -7.62
C GLU B 63 27.80 -17.87 -9.14
N GLU B 64 28.77 -17.20 -9.73
CA GLU B 64 28.78 -16.96 -11.16
C GLU B 64 29.12 -18.23 -11.92
N GLN B 65 28.34 -18.50 -12.97
CA GLN B 65 28.54 -19.69 -13.80
C GLN B 65 28.69 -19.33 -15.26
N PHE B 66 29.22 -18.13 -15.54
CA PHE B 66 29.41 -17.71 -16.92
C PHE B 66 30.63 -18.40 -17.51
N ALA B 67 30.41 -19.25 -18.51
CA ALA B 67 31.49 -19.93 -19.20
C ALA B 67 31.52 -19.65 -20.69
N GLY B 68 30.62 -18.82 -21.21
CA GLY B 68 30.55 -18.56 -22.63
C GLY B 68 31.51 -17.49 -23.10
N GLY B 69 32.80 -17.70 -22.86
CA GLY B 69 33.83 -16.79 -23.34
C GLY B 69 34.21 -16.96 -24.78
N ASP B 70 34.04 -18.16 -25.35
CA ASP B 70 34.28 -18.37 -26.77
C ASP B 70 33.08 -17.98 -27.62
N ARG B 71 31.87 -18.16 -27.09
CA ARG B 71 30.68 -17.68 -27.79
C ARG B 71 30.73 -16.16 -27.96
N ALA B 72 31.17 -15.45 -26.92
CA ALA B 72 31.28 -14.00 -27.01
C ALA B 72 32.27 -13.58 -28.08
N ARG B 73 33.42 -14.26 -28.16
CA ARG B 73 34.40 -13.94 -29.19
C ARG B 73 33.90 -14.25 -30.59
N ALA B 74 33.22 -15.40 -30.77
CA ALA B 74 32.67 -15.72 -32.07
C ALA B 74 31.61 -14.70 -32.49
N PHE B 75 30.74 -14.32 -31.55
CA PHE B 75 29.75 -13.28 -31.84
C PHE B 75 30.44 -11.96 -32.18
N ALA B 76 31.54 -11.64 -31.52
CA ALA B 76 32.26 -10.41 -31.81
C ALA B 76 32.80 -10.42 -33.23
N ARG B 77 33.41 -11.53 -33.64
CA ARG B 77 33.93 -11.61 -35.01
C ARG B 77 32.80 -11.52 -36.02
N ASP B 78 31.68 -12.21 -35.78
CA ASP B 78 30.56 -12.16 -36.71
C ASP B 78 30.00 -10.75 -36.81
N PHE B 79 29.81 -10.09 -35.67
CA PHE B 79 29.27 -8.73 -35.67
C PHE B 79 30.21 -7.76 -36.36
N ALA B 80 31.51 -7.90 -36.14
CA ALA B 80 32.47 -7.02 -36.81
C ALA B 80 32.43 -7.22 -38.32
N ALA B 81 32.40 -8.48 -38.77
CA ALA B 81 32.36 -8.74 -40.20
C ALA B 81 31.07 -8.19 -40.82
N HIS B 82 29.93 -8.39 -40.15
CA HIS B 82 28.67 -7.93 -40.71
C HIS B 82 28.57 -6.41 -40.68
N ARG B 83 29.12 -5.76 -39.65
CA ARG B 83 29.15 -4.31 -39.63
C ARG B 83 30.02 -3.77 -40.74
N LYS B 84 31.17 -4.40 -41.00
CA LYS B 84 32.03 -3.97 -42.10
C LYS B 84 31.30 -4.11 -43.43
N LYS B 85 30.59 -5.22 -43.62
CA LYS B 85 29.85 -5.43 -44.87
C LYS B 85 28.72 -4.42 -45.02
N SER B 86 27.98 -4.15 -43.95
CA SER B 86 26.79 -3.31 -44.06
C SER B 86 27.14 -1.84 -44.15
N GLY B 87 28.25 -1.43 -43.54
CA GLY B 87 28.55 -0.02 -43.46
C GLY B 87 27.83 0.73 -42.36
N ALA B 88 27.04 0.04 -41.56
CA ALA B 88 26.31 0.61 -40.44
C ALA B 88 26.03 -0.52 -39.46
N LEU B 89 25.15 -0.27 -38.51
CA LEU B 89 24.79 -1.29 -37.54
C LEU B 89 24.03 -2.42 -38.25
N PRO B 90 24.52 -3.66 -38.19
CA PRO B 90 23.82 -4.76 -38.86
C PRO B 90 22.53 -5.11 -38.14
N VAL B 91 21.40 -4.75 -38.74
CA VAL B 91 20.11 -4.96 -38.08
C VAL B 91 19.64 -6.38 -38.29
N ALA B 92 19.71 -6.89 -39.51
CA ALA B 92 19.24 -8.24 -39.79
C ALA B 92 20.01 -9.27 -38.98
N TRP B 93 21.34 -9.14 -38.96
CA TRP B 93 22.16 -10.08 -38.20
C TRP B 93 21.86 -10.00 -36.71
N LEU B 94 21.70 -8.79 -36.18
CA LEU B 94 21.43 -8.65 -34.76
C LEU B 94 20.08 -9.27 -34.39
N GLU B 95 19.06 -9.05 -35.21
CA GLU B 95 17.71 -9.59 -34.96
C GLU B 95 17.69 -11.09 -35.14
N ARG B 96 18.48 -11.66 -36.04
CA ARG B 96 18.58 -13.11 -36.20
C ARG B 96 19.33 -13.74 -35.02
N THR B 97 20.42 -13.11 -34.58
CA THR B 97 21.20 -13.68 -33.49
C THR B 97 20.45 -13.57 -32.17
N MET B 98 19.73 -12.48 -31.94
CA MET B 98 18.93 -12.38 -30.72
C MET B 98 17.81 -13.42 -30.70
N ARG B 99 17.17 -13.65 -31.85
CA ARG B 99 16.19 -14.72 -31.92
C ARG B 99 16.83 -16.08 -31.66
N SER B 100 18.04 -16.29 -32.19
CA SER B 100 18.74 -17.55 -31.97
C SER B 100 19.05 -17.78 -30.50
N VAL B 101 19.53 -16.75 -29.81
CA VAL B 101 19.81 -16.88 -28.37
C VAL B 101 18.56 -16.85 -27.54
N GLY B 102 17.41 -16.53 -28.13
CA GLY B 102 16.14 -16.68 -27.46
C GLY B 102 15.49 -15.41 -26.94
N LEU B 103 16.01 -14.24 -27.32
CA LEU B 103 15.41 -13.01 -26.86
C LEU B 103 14.18 -12.65 -27.69
N GLU B 104 13.40 -11.70 -27.18
CA GLU B 104 12.21 -11.21 -27.85
C GLU B 104 12.59 -9.91 -28.55
N VAL B 105 13.14 -10.06 -29.76
CA VAL B 105 13.86 -8.97 -30.41
C VAL B 105 12.88 -7.95 -30.98
N TYR B 106 13.28 -6.69 -30.94
CA TYR B 106 12.51 -5.58 -31.50
C TYR B 106 13.46 -4.64 -32.24
N THR B 107 12.88 -3.69 -32.96
CA THR B 107 13.65 -2.73 -33.73
C THR B 107 12.98 -1.36 -33.67
N GLN B 108 13.77 -0.32 -33.43
CA GLN B 108 13.29 1.05 -33.43
C GLN B 108 14.12 1.86 -34.41
N SER B 109 13.45 2.62 -35.27
CA SER B 109 14.11 3.47 -36.25
C SER B 109 13.91 4.92 -35.85
N PHE B 110 15.00 5.65 -35.69
CA PHE B 110 14.95 7.04 -35.26
C PHE B 110 15.65 7.93 -36.29
N SER B 111 15.39 9.23 -36.19
CA SER B 111 15.98 10.20 -37.10
C SER B 111 15.99 11.57 -36.42
N ARG B 112 16.95 12.40 -36.80
CA ARG B 112 17.08 13.74 -36.24
C ARG B 112 17.95 14.58 -37.15
N LYS B 113 17.72 15.89 -37.13
CA LYS B 113 18.57 16.86 -37.81
C LYS B 113 19.27 17.71 -36.75
N LEU B 114 20.59 17.73 -36.78
CA LEU B 114 21.35 18.51 -35.81
C LEU B 114 21.29 20.00 -36.17
N PRO B 115 21.40 20.88 -35.17
CA PRO B 115 21.38 22.33 -35.47
C PRO B 115 22.49 22.77 -36.41
N PHE B 116 23.67 22.20 -36.28
CA PHE B 116 24.80 22.50 -37.14
C PHE B 116 25.63 21.24 -37.29
N PRO B 117 26.47 21.16 -38.33
CA PRO B 117 27.34 19.98 -38.49
C PRO B 117 28.22 19.78 -37.27
N ASP B 118 28.35 18.52 -36.86
CA ASP B 118 29.16 18.15 -35.71
C ASP B 118 30.49 17.63 -36.24
N GLU B 119 31.55 18.43 -36.09
CA GLU B 119 32.83 18.07 -36.66
C GLU B 119 33.45 16.86 -35.97
N THR B 120 33.29 16.76 -34.65
CA THR B 120 33.94 15.68 -33.90
C THR B 120 33.35 14.33 -34.27
N HIS B 121 32.03 14.24 -34.36
CA HIS B 121 31.36 12.99 -34.68
C HIS B 121 30.98 12.87 -36.15
N GLU B 122 31.24 13.90 -36.96
CA GLU B 122 30.99 13.88 -38.41
C GLU B 122 29.54 13.51 -38.72
N ARG B 123 28.61 14.36 -38.29
CA ARG B 123 27.19 14.16 -38.52
C ARG B 123 26.48 15.49 -38.66
N TYR B 124 25.57 15.58 -39.65
CA TYR B 124 24.65 16.70 -39.76
C TYR B 124 23.21 16.26 -39.56
N MET B 125 22.74 15.29 -40.34
CA MET B 125 21.43 14.66 -40.13
C MET B 125 21.66 13.19 -39.84
N VAL B 126 21.14 12.72 -38.72
CA VAL B 126 21.42 11.39 -38.21
C VAL B 126 20.19 10.52 -38.38
N SER B 127 20.37 9.38 -39.06
CA SER B 127 19.34 8.36 -39.19
C SER B 127 19.92 7.03 -38.75
N GLY B 128 19.18 6.31 -37.90
CA GLY B 128 19.69 5.06 -37.38
C GLY B 128 18.57 4.15 -36.93
N THR B 129 18.96 2.95 -36.51
CA THR B 129 18.03 1.95 -36.01
C THR B 129 18.58 1.35 -34.73
N ASN B 130 17.71 1.22 -33.73
CA ASN B 130 18.06 0.59 -32.47
C ASN B 130 17.49 -0.83 -32.45
N VAL B 131 18.35 -1.80 -32.15
CA VAL B 131 17.95 -3.20 -32.04
C VAL B 131 18.04 -3.60 -30.57
N TYR B 132 16.95 -4.10 -30.03
CA TYR B 132 16.94 -4.54 -28.64
C TYR B 132 16.05 -5.76 -28.49
N GLY B 133 16.50 -6.70 -27.68
CA GLY B 133 15.72 -7.88 -27.36
C GLY B 133 15.45 -7.95 -25.89
N ILE B 134 14.22 -8.33 -25.54
CA ILE B 134 13.77 -8.36 -24.15
C ILE B 134 13.72 -9.81 -23.68
N LEU B 135 14.39 -10.08 -22.56
CA LEU B 135 14.35 -11.38 -21.90
C LEU B 135 13.22 -11.31 -20.89
N ARG B 136 12.04 -11.80 -21.28
CA ARG B 136 10.90 -11.77 -20.38
C ARG B 136 11.17 -12.65 -19.16
N ALA B 137 11.05 -12.05 -17.98
CA ALA B 137 11.36 -12.77 -16.77
C ALA B 137 10.30 -13.83 -16.51
N PRO B 138 10.67 -15.11 -16.44
CA PRO B 138 9.69 -16.13 -16.06
C PRO B 138 9.30 -15.98 -14.60
N ARG B 139 8.14 -16.53 -14.27
CA ARG B 139 7.57 -16.50 -12.92
C ARG B 139 7.23 -15.09 -12.47
N ALA B 140 7.17 -14.12 -13.38
CA ALA B 140 6.80 -12.76 -13.02
C ALA B 140 6.22 -12.06 -14.24
N ALA B 141 5.29 -11.15 -13.99
CA ALA B 141 4.75 -10.32 -15.04
C ALA B 141 5.76 -9.23 -15.41
N SER B 142 5.61 -8.68 -16.61
CA SER B 142 6.53 -7.65 -17.11
C SER B 142 6.22 -6.35 -16.40
N THR B 143 6.75 -6.24 -15.17
CA THR B 143 6.57 -5.05 -14.36
C THR B 143 7.87 -4.30 -14.07
N GLU B 144 8.99 -4.99 -14.01
CA GLU B 144 10.29 -4.36 -13.75
C GLU B 144 11.24 -4.72 -14.88
N SER B 145 12.35 -4.00 -14.95
CA SER B 145 13.28 -4.21 -16.05
C SER B 145 14.69 -3.83 -15.63
N LEU B 146 15.66 -4.53 -16.23
CA LEU B 146 17.08 -4.19 -16.15
C LEU B 146 17.60 -4.07 -17.56
N VAL B 147 18.47 -3.10 -17.80
CA VAL B 147 18.96 -2.81 -19.14
C VAL B 147 20.45 -3.08 -19.20
N LEU B 148 20.88 -3.86 -20.18
CA LEU B 148 22.29 -4.04 -20.51
C LEU B 148 22.49 -3.52 -21.93
N THR B 149 23.08 -2.35 -22.06
CA THR B 149 23.19 -1.66 -23.33
C THR B 149 24.64 -1.56 -23.77
N VAL B 150 24.85 -1.65 -25.08
CA VAL B 150 26.17 -1.47 -25.70
C VAL B 150 26.09 -0.25 -26.60
N PRO B 151 26.79 0.84 -26.28
CA PRO B 151 26.77 2.01 -27.17
C PRO B 151 27.63 1.79 -28.40
N CYS B 152 27.01 1.58 -29.55
CA CYS B 152 27.72 1.29 -30.79
C CYS B 152 27.71 2.51 -31.67
N GLY B 153 28.89 2.92 -32.13
CA GLY B 153 29.02 4.03 -33.05
C GLY B 153 29.89 3.66 -34.22
N SER B 154 29.86 4.51 -35.25
CA SER B 154 30.62 4.28 -36.48
C SER B 154 32.10 4.56 -36.19
N ASP B 155 32.71 3.66 -35.42
CA ASP B 155 34.11 3.81 -35.06
C ASP B 155 34.86 2.47 -35.06
N SER B 156 34.24 1.41 -35.60
CA SER B 156 34.84 0.07 -35.63
C SER B 156 35.25 -0.39 -34.24
N THR B 157 34.38 -0.14 -33.26
CA THR B 157 34.62 -0.51 -31.88
C THR B 157 33.37 -1.18 -31.29
N ASN B 158 33.51 -1.66 -30.06
CA ASN B 158 32.46 -2.27 -29.26
C ASN B 158 31.94 -3.58 -29.84
N SER B 159 32.64 -4.17 -30.81
CA SER B 159 32.23 -5.48 -31.32
C SER B 159 32.36 -6.55 -30.23
N GLN B 160 33.44 -6.49 -29.45
CA GLN B 160 33.58 -7.42 -28.34
C GLN B 160 32.51 -7.19 -27.29
N ALA B 161 32.12 -5.92 -27.09
CA ALA B 161 31.03 -5.63 -26.15
C ALA B 161 29.73 -6.24 -26.63
N VAL B 162 29.44 -6.14 -27.94
CA VAL B 162 28.22 -6.74 -28.47
C VAL B 162 28.27 -8.26 -28.32
N GLY B 163 29.42 -8.86 -28.62
CA GLY B 163 29.54 -10.30 -28.48
C GLY B 163 29.34 -10.76 -27.05
N LEU B 164 29.93 -10.04 -26.09
CA LEU B 164 29.75 -10.39 -24.69
C LEU B 164 28.32 -10.17 -24.24
N LEU B 165 27.66 -9.13 -24.75
CA LEU B 165 26.25 -8.91 -24.45
C LEU B 165 25.40 -10.09 -24.93
N LEU B 166 25.65 -10.55 -26.15
CA LEU B 166 24.89 -11.68 -26.69
C LEU B 166 25.17 -12.96 -25.92
N ALA B 167 26.43 -13.18 -25.54
CA ALA B 167 26.76 -14.37 -24.75
C ALA B 167 26.09 -14.32 -23.38
N LEU B 168 26.08 -13.14 -22.75
CA LEU B 168 25.40 -12.99 -21.48
C LEU B 168 23.90 -13.23 -21.62
N ALA B 169 23.31 -12.75 -22.73
CA ALA B 169 21.89 -13.01 -22.97
C ALA B 169 21.63 -14.50 -23.13
N ALA B 170 22.49 -15.21 -23.86
CA ALA B 170 22.33 -16.64 -24.03
C ALA B 170 22.43 -17.36 -22.69
N HIS B 171 23.37 -16.94 -21.84
CA HIS B 171 23.49 -17.54 -20.51
C HIS B 171 22.26 -17.25 -19.66
N PHE B 172 21.75 -16.01 -19.70
CA PHE B 172 20.66 -15.60 -18.83
C PHE B 172 19.34 -16.23 -19.26
N ARG B 173 19.17 -16.51 -20.56
CA ARG B 173 17.87 -16.91 -21.07
C ARG B 173 17.40 -18.23 -20.47
N GLY B 174 18.32 -19.16 -20.20
CA GLY B 174 17.94 -20.46 -19.72
C GLY B 174 17.66 -20.55 -18.23
N GLN B 175 17.71 -19.43 -17.51
CA GLN B 175 17.55 -19.43 -16.07
C GLN B 175 16.14 -19.02 -15.66
N ILE B 176 15.76 -19.41 -14.44
CA ILE B 176 14.42 -19.18 -13.93
C ILE B 176 14.39 -18.14 -12.81
N TYR B 177 15.54 -17.71 -12.31
CA TYR B 177 15.61 -16.89 -11.11
C TYR B 177 15.56 -15.40 -11.40
N TRP B 178 14.90 -14.99 -12.49
CA TRP B 178 14.81 -13.58 -12.86
C TRP B 178 13.47 -13.01 -12.40
N ALA B 179 13.53 -12.02 -11.52
CA ALA B 179 12.34 -11.30 -11.10
C ALA B 179 12.09 -10.04 -11.94
N LYS B 180 13.02 -9.69 -12.81
CA LYS B 180 12.93 -8.50 -13.64
C LYS B 180 13.33 -8.85 -15.07
N ASP B 181 12.62 -8.28 -16.03
CA ASP B 181 13.00 -8.45 -17.42
C ASP B 181 14.35 -7.81 -17.68
N ILE B 182 15.09 -8.37 -18.64
CA ILE B 182 16.39 -7.84 -19.02
C ILE B 182 16.33 -7.43 -20.48
N VAL B 183 16.67 -6.18 -20.75
CA VAL B 183 16.67 -5.63 -22.10
C VAL B 183 18.11 -5.53 -22.57
N PHE B 184 18.42 -6.19 -23.68
CA PHE B 184 19.74 -6.14 -24.29
C PHE B 184 19.63 -5.20 -25.49
N LEU B 185 20.13 -3.98 -25.33
CA LEU B 185 19.93 -2.90 -26.29
C LEU B 185 21.25 -2.61 -26.98
N VAL B 186 21.22 -2.60 -28.32
CA VAL B 186 22.38 -2.26 -29.13
C VAL B 186 22.03 -0.98 -29.89
N THR B 187 22.51 0.15 -29.38
CA THR B 187 22.17 1.44 -29.97
C THR B 187 23.02 1.73 -31.20
N GLU B 188 22.61 2.74 -31.95
CA GLU B 188 23.36 3.23 -33.09
C GLU B 188 23.61 4.72 -32.93
N HIS B 189 24.73 5.18 -33.48
CA HIS B 189 25.16 6.58 -33.38
C HIS B 189 25.38 6.98 -31.93
N ASP B 190 26.12 6.14 -31.19
CA ASP B 190 26.55 6.36 -29.79
C ASP B 190 25.35 6.87 -28.98
N LEU B 191 25.48 8.01 -28.28
CA LEU B 191 24.43 8.43 -27.34
C LEU B 191 23.17 8.92 -28.04
N LEU B 192 23.23 9.24 -29.33
CA LEU B 192 22.02 9.65 -30.03
C LEU B 192 20.99 8.53 -30.04
N GLY B 193 21.42 7.31 -30.34
CA GLY B 193 20.50 6.18 -30.32
C GLY B 193 19.95 5.90 -28.94
N THR B 194 20.81 6.03 -27.91
CA THR B 194 20.33 5.83 -26.54
C THR B 194 19.28 6.86 -26.17
N GLU B 195 19.51 8.14 -26.51
CA GLU B 195 18.53 9.17 -26.22
C GLU B 195 17.23 8.93 -26.95
N ALA B 196 17.30 8.55 -28.24
CA ALA B 196 16.07 8.27 -28.99
C ALA B 196 15.32 7.10 -28.38
N TRP B 197 16.03 6.03 -28.01
CA TRP B 197 15.38 4.88 -27.41
C TRP B 197 14.73 5.22 -26.08
N LEU B 198 15.42 6.00 -25.25
CA LEU B 198 14.83 6.37 -23.96
C LEU B 198 13.61 7.26 -24.12
N GLU B 199 13.68 8.23 -25.04
CA GLU B 199 12.53 9.09 -25.28
C GLU B 199 11.34 8.28 -25.78
N ALA B 200 11.57 7.36 -26.72
CA ALA B 200 10.47 6.55 -27.23
C ALA B 200 9.95 5.59 -26.17
N TYR B 201 10.83 5.05 -25.32
CA TYR B 201 10.41 4.12 -24.29
C TYR B 201 9.52 4.81 -23.25
N HIS B 202 9.88 6.02 -22.86
CA HIS B 202 9.11 6.73 -21.84
C HIS B 202 8.03 7.63 -22.42
N ASP B 203 7.91 7.70 -23.75
CA ASP B 203 6.92 8.53 -24.43
C ASP B 203 6.99 9.99 -23.97
N VAL B 204 8.20 10.50 -23.88
CA VAL B 204 8.44 11.91 -23.62
C VAL B 204 9.25 12.46 -24.79
N ASN B 205 8.74 13.52 -25.41
CA ASN B 205 9.42 14.17 -26.54
C ASN B 205 10.18 15.37 -25.97
N VAL B 206 11.36 15.10 -25.43
CA VAL B 206 12.09 16.14 -24.71
C VAL B 206 13.08 16.89 -25.61
N THR B 207 13.60 16.24 -26.65
CA THR B 207 14.62 16.87 -27.50
C THR B 207 14.19 16.97 -28.96
N GLY B 208 12.94 16.65 -29.28
CA GLY B 208 12.51 16.74 -30.67
C GLY B 208 13.01 15.63 -31.57
N MET B 209 13.43 14.51 -31.01
CA MET B 209 13.86 13.39 -31.82
C MET B 209 12.67 12.70 -32.48
N GLN B 210 12.86 12.30 -33.74
CA GLN B 210 11.86 11.56 -34.48
C GLN B 210 12.18 10.07 -34.40
N SER B 211 11.16 9.25 -34.17
CA SER B 211 11.39 7.83 -34.04
C SER B 211 10.10 7.08 -34.33
N SER B 212 10.25 5.83 -34.77
CA SER B 212 9.09 4.96 -34.92
C SER B 212 8.59 4.53 -33.54
N PRO B 213 7.28 4.30 -33.41
CA PRO B 213 6.74 3.91 -32.10
C PRO B 213 7.29 2.57 -31.65
N LEU B 214 7.53 2.45 -30.35
CA LEU B 214 8.03 1.20 -29.78
C LEU B 214 6.90 0.17 -29.71
N GLN B 215 7.23 -1.07 -30.05
CA GLN B 215 6.27 -2.16 -30.02
C GLN B 215 6.41 -3.05 -28.79
N GLY B 216 7.57 -3.04 -28.14
CA GLY B 216 7.78 -3.88 -26.98
C GLY B 216 8.49 -3.18 -25.85
N ARG B 217 7.95 -3.30 -24.64
CA ARG B 217 8.54 -2.70 -23.45
C ARG B 217 8.64 -3.77 -22.36
N ALA B 218 9.53 -3.53 -21.41
CA ALA B 218 9.79 -4.47 -20.33
C ALA B 218 9.37 -3.91 -18.98
N GLY B 219 8.43 -2.97 -18.97
CA GLY B 219 7.99 -2.39 -17.73
C GLY B 219 8.87 -1.24 -17.27
N ALA B 220 8.78 -0.94 -15.99
CA ALA B 220 9.49 0.19 -15.40
C ALA B 220 10.97 -0.17 -15.25
N ILE B 221 11.83 0.56 -15.98
CA ILE B 221 13.26 0.33 -15.87
C ILE B 221 13.74 0.73 -14.49
N GLN B 222 14.59 -0.10 -13.90
CA GLN B 222 15.09 0.12 -12.55
C GLN B 222 16.59 0.35 -12.48
N ALA B 223 17.37 -0.30 -13.34
CA ALA B 223 18.82 -0.09 -13.35
C ALA B 223 19.33 -0.42 -14.74
N ALA B 224 20.50 0.11 -15.06
CA ALA B 224 21.10 -0.11 -16.37
C ALA B 224 22.61 -0.15 -16.23
N VAL B 225 23.25 -0.89 -17.13
CA VAL B 225 24.71 -0.95 -17.21
C VAL B 225 25.09 -0.85 -18.69
N ALA B 226 25.92 0.13 -19.01
CA ALA B 226 26.39 0.33 -20.38
C ALA B 226 27.79 -0.26 -20.49
N LEU B 227 27.99 -1.13 -21.48
CA LEU B 227 29.23 -1.86 -21.65
C LEU B 227 29.93 -1.39 -22.91
N GLU B 228 31.17 -0.91 -22.74
CA GLU B 228 32.02 -0.50 -23.85
C GLU B 228 33.31 -1.31 -23.78
N LEU B 229 33.55 -2.12 -24.80
CA LEU B 229 34.69 -3.02 -24.81
C LEU B 229 35.15 -3.24 -26.24
N SER B 230 36.45 -3.06 -26.49
CA SER B 230 36.99 -3.15 -27.85
C SER B 230 38.21 -4.06 -27.93
N SER B 231 38.39 -4.98 -26.98
CA SER B 231 39.55 -5.87 -27.00
C SER B 231 39.12 -7.26 -26.57
N ASP B 232 39.85 -8.27 -27.08
CA ASP B 232 39.56 -9.65 -26.70
C ASP B 232 39.79 -9.88 -25.22
N VAL B 233 40.89 -9.33 -24.68
CA VAL B 233 41.22 -9.43 -23.27
C VAL B 233 41.42 -8.03 -22.73
N VAL B 234 40.97 -7.81 -21.50
CA VAL B 234 41.13 -6.52 -20.86
C VAL B 234 42.26 -6.59 -19.84
N THR B 235 42.76 -5.43 -19.43
CA THR B 235 43.72 -5.35 -18.35
C THR B 235 43.19 -4.56 -17.16
N SER B 236 42.11 -3.81 -17.32
CA SER B 236 41.51 -3.06 -16.23
C SER B 236 40.13 -2.58 -16.66
N LEU B 237 39.16 -2.70 -15.77
CA LEU B 237 37.84 -2.14 -16.00
C LEU B 237 37.79 -0.72 -15.47
N ASP B 238 36.95 0.10 -16.10
CA ASP B 238 36.80 1.50 -15.72
C ASP B 238 35.31 1.78 -15.56
N VAL B 239 34.98 2.57 -14.55
CA VAL B 239 33.59 2.90 -14.23
C VAL B 239 33.41 4.41 -14.31
N ALA B 240 32.35 4.83 -15.00
CA ALA B 240 31.98 6.23 -15.11
C ALA B 240 30.62 6.43 -14.47
N VAL B 241 30.52 7.38 -13.54
CA VAL B 241 29.32 7.60 -12.76
C VAL B 241 28.65 8.92 -13.11
N GLU B 242 29.42 9.97 -13.36
CA GLU B 242 28.84 11.28 -13.63
C GLU B 242 28.00 11.23 -14.89
N GLY B 243 26.79 11.78 -14.80
CA GLY B 243 25.86 11.73 -15.92
C GLY B 243 25.52 13.10 -16.48
N LEU B 244 24.41 13.16 -17.20
CA LEU B 244 23.97 14.43 -17.79
C LEU B 244 23.56 15.40 -16.69
N ASN B 245 23.91 16.67 -16.90
CA ASN B 245 23.56 17.75 -15.97
C ASN B 245 24.08 17.50 -14.56
N GLY B 246 25.26 16.87 -14.46
CA GLY B 246 25.88 16.66 -13.18
C GLY B 246 25.16 15.69 -12.28
N GLN B 247 24.21 14.92 -12.80
CA GLN B 247 23.47 13.95 -12.03
C GLN B 247 24.28 12.67 -11.85
N LEU B 248 24.08 12.01 -10.72
CA LEU B 248 24.81 10.79 -10.40
C LEU B 248 23.86 9.68 -10.02
N PRO B 249 24.26 8.43 -10.22
CA PRO B 249 23.44 7.31 -9.75
C PRO B 249 23.57 7.13 -8.24
N ASN B 250 22.72 6.28 -7.70
CA ASN B 250 22.84 5.91 -6.30
C ASN B 250 24.20 5.27 -6.06
N LEU B 251 24.82 5.61 -4.94
CA LEU B 251 26.15 5.08 -4.63
C LEU B 251 26.13 3.57 -4.49
N ASP B 252 24.96 2.97 -4.30
CA ASP B 252 24.85 1.52 -4.15
C ASP B 252 25.29 0.81 -5.42
N LEU B 253 24.99 1.37 -6.58
CA LEU B 253 25.40 0.75 -7.84
C LEU B 253 26.93 0.73 -7.95
N LEU B 254 27.58 1.85 -7.58
CA LEU B 254 29.03 1.89 -7.59
C LEU B 254 29.63 0.90 -6.59
N ASN B 255 29.04 0.81 -5.40
CA ASN B 255 29.53 -0.15 -4.43
C ASN B 255 29.35 -1.58 -4.94
N LEU B 256 28.24 -1.85 -5.63
CA LEU B 256 28.03 -3.15 -6.23
C LEU B 256 29.11 -3.46 -7.26
N PHE B 257 29.43 -2.51 -8.13
CA PHE B 257 30.48 -2.74 -9.13
C PHE B 257 31.82 -2.98 -8.46
N GLN B 258 32.14 -2.17 -7.46
CA GLN B 258 33.45 -2.24 -6.83
C GLN B 258 33.62 -3.49 -5.97
N THR B 259 32.55 -4.01 -5.39
CA THR B 259 32.66 -5.19 -4.55
C THR B 259 32.91 -6.46 -5.35
N PHE B 260 32.69 -6.43 -6.66
CA PHE B 260 32.98 -7.59 -7.49
C PHE B 260 34.42 -7.59 -8.00
N CYS B 261 35.12 -6.45 -7.90
CA CYS B 261 36.54 -6.44 -8.25
C CYS B 261 37.34 -7.27 -7.26
N GLN B 262 37.06 -7.13 -5.97
CA GLN B 262 37.72 -7.97 -4.98
C GLN B 262 37.31 -9.43 -5.12
N LYS B 263 36.03 -9.67 -5.43
CA LYS B 263 35.54 -11.04 -5.56
C LYS B 263 36.21 -11.76 -6.72
N GLY B 264 36.24 -11.13 -7.89
CA GLY B 264 36.85 -11.72 -9.05
C GLY B 264 38.32 -11.43 -9.24
N GLY B 265 38.94 -10.72 -8.30
CA GLY B 265 40.34 -10.36 -8.47
C GLY B 265 40.60 -9.36 -9.56
N LEU B 266 39.56 -8.64 -10.00
CA LEU B 266 39.70 -7.69 -11.09
C LEU B 266 40.38 -6.41 -10.61
N LEU B 267 40.84 -5.63 -11.58
CA LEU B 267 41.49 -4.34 -11.32
C LEU B 267 40.62 -3.26 -11.95
N CYS B 268 39.79 -2.62 -11.14
CA CYS B 268 38.88 -1.60 -11.63
C CYS B 268 39.31 -0.22 -11.14
N THR B 269 39.21 0.76 -12.02
CA THR B 269 39.70 2.11 -11.76
C THR B 269 38.57 3.12 -11.96
N LEU B 270 38.66 4.23 -11.24
CA LEU B 270 37.74 5.34 -11.38
C LEU B 270 38.49 6.50 -12.03
N GLN B 271 37.90 7.07 -13.08
CA GLN B 271 38.50 8.16 -13.87
C GLN B 271 39.81 7.74 -14.52
N GLY B 272 40.03 6.44 -14.68
CA GLY B 272 41.29 5.95 -15.21
C GLY B 272 42.43 5.89 -14.21
N LYS B 273 42.16 6.18 -12.94
CA LYS B 273 43.17 6.22 -11.90
C LYS B 273 42.93 5.10 -10.91
N LEU B 274 43.97 4.32 -10.62
CA LEU B 274 43.90 3.24 -9.65
C LEU B 274 44.45 3.77 -8.33
N GLN B 275 43.56 3.98 -7.36
CA GLN B 275 43.94 4.53 -6.07
C GLN B 275 43.92 3.44 -5.01
N PRO B 276 45.05 2.97 -4.51
CA PRO B 276 45.06 1.91 -3.51
C PRO B 276 44.52 2.41 -2.17
N GLU B 277 44.30 1.46 -1.27
CA GLU B 277 43.75 1.73 0.05
C GLU B 277 44.82 2.09 1.08
N ASP B 278 46.08 2.22 0.65
CA ASP B 278 47.14 2.55 1.60
C ASP B 278 46.91 3.90 2.25
N TRP B 279 46.53 4.90 1.45
CA TRP B 279 46.23 6.25 1.95
C TRP B 279 47.37 6.83 2.76
N THR B 280 48.60 6.58 2.32
CA THR B 280 49.76 7.17 2.97
C THR B 280 49.71 8.68 2.83
N SER B 281 49.94 9.38 3.96
CA SER B 281 49.74 10.83 3.98
C SER B 281 50.69 11.56 3.04
N LEU B 282 51.77 10.88 2.63
CA LEU B 282 52.73 11.53 1.74
C LEU B 282 52.19 11.61 0.31
N ASP B 283 51.56 10.55 -0.18
CA ASP B 283 51.18 10.45 -1.59
C ASP B 283 49.69 10.19 -1.80
N GLY B 284 49.03 9.47 -0.89
CA GLY B 284 47.64 9.12 -1.04
C GLY B 284 46.68 10.28 -1.20
N PRO B 285 46.77 11.32 -0.36
CA PRO B 285 45.90 12.49 -0.58
C PRO B 285 46.11 13.18 -1.91
N LEU B 286 47.32 13.11 -2.49
CA LEU B 286 47.52 13.72 -3.80
C LEU B 286 46.74 12.99 -4.88
N GLN B 287 46.78 11.66 -4.87
CA GLN B 287 45.95 10.91 -5.82
C GLN B 287 44.47 11.11 -5.54
N GLY B 288 44.09 11.19 -4.27
CA GLY B 288 42.70 11.49 -3.95
C GLY B 288 42.25 12.83 -4.50
N LEU B 289 43.11 13.85 -4.36
CA LEU B 289 42.79 15.16 -4.90
C LEU B 289 42.73 15.15 -6.42
N GLN B 290 43.64 14.40 -7.07
CA GLN B 290 43.58 14.28 -8.52
C GLN B 290 42.26 13.69 -8.97
N THR B 291 41.85 12.58 -8.34
CA THR B 291 40.58 11.96 -8.72
C THR B 291 39.40 12.87 -8.41
N LEU B 292 39.42 13.55 -7.26
CA LEU B 292 38.33 14.45 -6.90
C LEU B 292 38.22 15.61 -7.87
N LEU B 293 39.35 16.18 -8.28
CA LEU B 293 39.33 17.28 -9.24
C LEU B 293 38.85 16.82 -10.61
N LEU B 294 39.29 15.63 -11.04
CA LEU B 294 38.79 15.10 -12.31
C LEU B 294 37.29 14.89 -12.26
N MET B 295 36.79 14.34 -11.15
CA MET B 295 35.34 14.18 -10.99
C MET B 295 34.63 15.52 -10.98
N VAL B 296 35.21 16.51 -10.32
CA VAL B 296 34.59 17.83 -10.24
C VAL B 296 34.47 18.44 -11.63
N LEU B 297 35.55 18.40 -12.40
CA LEU B 297 35.50 18.95 -13.76
C LEU B 297 34.51 18.19 -14.62
N ARG B 298 34.51 16.85 -14.53
CA ARG B 298 33.61 16.06 -15.35
C ARG B 298 32.15 16.33 -15.00
N GLN B 299 31.85 16.48 -13.71
CA GLN B 299 30.49 16.77 -13.29
C GLN B 299 30.09 18.20 -13.65
N ALA B 300 31.05 19.12 -13.66
CA ALA B 300 30.74 20.51 -14.01
C ALA B 300 30.49 20.65 -15.50
N SER B 301 31.13 19.82 -16.33
CA SER B 301 30.88 19.88 -17.77
C SER B 301 29.42 19.59 -18.08
N GLY B 302 28.78 18.72 -17.31
CA GLY B 302 27.36 18.47 -17.46
C GLY B 302 26.97 17.64 -18.66
N ARG B 303 27.92 17.09 -19.37
CA ARG B 303 27.61 16.32 -20.55
C ARG B 303 27.51 14.83 -20.21
N PRO B 304 26.73 14.06 -20.96
CA PRO B 304 26.66 12.61 -20.71
C PRO B 304 27.90 11.93 -21.24
N HIS B 305 28.76 11.50 -20.33
CA HIS B 305 30.06 10.96 -20.73
C HIS B 305 29.93 9.57 -21.33
N GLY B 306 28.95 8.79 -20.89
CA GLY B 306 28.67 7.52 -21.51
C GLY B 306 27.20 7.39 -21.84
N SER B 307 26.77 6.21 -22.30
CA SER B 307 25.35 5.97 -22.52
C SER B 307 24.56 5.98 -21.22
N HIS B 308 25.22 5.77 -20.09
CA HIS B 308 24.54 5.77 -18.81
C HIS B 308 24.06 7.16 -18.42
N GLY B 309 24.69 8.21 -18.94
CA GLY B 309 24.36 9.56 -18.53
C GLY B 309 22.93 9.94 -18.88
N LEU B 310 22.42 9.46 -20.01
CA LEU B 310 21.06 9.76 -20.41
C LEU B 310 20.02 8.97 -19.64
N PHE B 311 20.44 7.89 -18.97
CA PHE B 311 19.50 7.08 -18.20
C PHE B 311 19.08 7.78 -16.92
N LEU B 312 20.00 8.51 -16.28
CA LEU B 312 19.75 9.07 -14.97
C LEU B 312 18.63 10.11 -14.97
N ARG B 313 18.31 10.70 -16.13
CA ARG B 313 17.23 11.67 -16.18
C ARG B 313 15.89 11.03 -15.84
N TYR B 314 15.73 9.74 -16.12
CA TYR B 314 14.49 9.03 -15.91
C TYR B 314 14.48 8.25 -14.59
N ARG B 315 15.31 8.66 -13.64
CA ARG B 315 15.37 8.07 -12.30
C ARG B 315 15.69 6.58 -12.34
N VAL B 316 16.57 6.18 -13.26
CA VAL B 316 17.10 4.82 -13.29
C VAL B 316 18.60 4.93 -13.05
N GLU B 317 19.11 4.11 -12.12
CA GLU B 317 20.52 4.16 -11.79
C GLU B 317 21.33 3.43 -12.85
N ALA B 318 22.31 4.13 -13.42
CA ALA B 318 23.04 3.59 -14.56
C ALA B 318 24.54 3.72 -14.32
N LEU B 319 25.29 2.82 -14.96
CA LEU B 319 26.74 2.78 -14.85
C LEU B 319 27.31 2.45 -16.22
N THR B 320 28.55 2.89 -16.46
CA THR B 320 29.26 2.58 -17.69
C THR B 320 30.56 1.87 -17.33
N LEU B 321 30.75 0.66 -17.86
CA LEU B 321 31.91 -0.16 -17.54
C LEU B 321 32.76 -0.32 -18.78
N ARG B 322 33.73 0.57 -18.94
CA ARG B 322 34.67 0.49 -20.05
C ARG B 322 35.78 -0.51 -19.75
N GLY B 323 36.31 -1.11 -20.81
CA GLY B 323 37.44 -2.02 -20.70
C GLY B 323 38.62 -1.49 -21.48
N ILE B 324 39.81 -1.59 -20.90
CA ILE B 324 41.02 -1.00 -21.46
C ILE B 324 42.10 -2.08 -21.56
N ASN B 325 42.82 -2.08 -22.67
CA ASN B 325 43.98 -2.94 -22.87
C ASN B 325 45.21 -2.04 -22.99
N SER B 326 45.99 -1.92 -21.91
CA SER B 326 46.97 -0.86 -21.79
C SER B 326 48.35 -1.35 -21.32
N PHE B 327 48.88 -2.42 -21.91
CA PHE B 327 50.26 -2.88 -21.82
C PHE B 327 50.51 -3.52 -20.44
N ARG B 328 49.57 -3.47 -19.51
CA ARG B 328 49.80 -4.10 -18.22
C ARG B 328 49.80 -5.62 -18.39
N GLN B 329 50.78 -6.27 -17.77
CA GLN B 329 51.10 -7.66 -18.12
C GLN B 329 49.93 -8.59 -17.83
N TYR B 330 49.30 -8.45 -16.67
CA TYR B 330 48.23 -9.36 -16.26
C TYR B 330 46.96 -8.99 -17.00
N LYS B 331 46.67 -9.70 -18.09
CA LYS B 331 45.51 -9.43 -18.93
C LYS B 331 44.34 -10.28 -18.44
N TYR B 332 43.28 -9.63 -17.99
CA TYR B 332 42.08 -10.34 -17.58
C TYR B 332 41.33 -10.86 -18.79
N ASP B 333 40.40 -11.76 -18.55
CA ASP B 333 39.71 -12.47 -19.62
C ASP B 333 38.29 -11.97 -19.82
N LEU B 334 37.80 -12.20 -21.05
CA LEU B 334 36.41 -11.92 -21.36
C LEU B 334 35.47 -12.73 -20.47
N VAL B 335 35.90 -13.94 -20.07
CA VAL B 335 35.12 -14.73 -19.13
C VAL B 335 35.03 -14.02 -17.78
N ALA B 336 36.14 -13.42 -17.33
CA ALA B 336 36.13 -12.68 -16.07
C ALA B 336 35.22 -11.47 -16.15
N VAL B 337 35.28 -10.73 -17.27
CA VAL B 337 34.39 -9.58 -17.43
C VAL B 337 32.93 -10.02 -17.44
N GLY B 338 32.63 -11.10 -18.15
CA GLY B 338 31.27 -11.60 -18.17
C GLY B 338 30.80 -12.07 -16.82
N LYS B 339 31.70 -12.68 -16.04
CA LYS B 339 31.34 -13.10 -14.68
C LYS B 339 31.02 -11.89 -13.81
N ALA B 340 31.83 -10.82 -13.93
CA ALA B 340 31.54 -9.61 -13.17
C ALA B 340 30.19 -9.03 -13.55
N LEU B 341 29.90 -8.97 -14.85
CA LEU B 341 28.61 -8.44 -15.30
C LEU B 341 27.45 -9.31 -14.83
N GLU B 342 27.61 -10.63 -14.90
CA GLU B 342 26.57 -11.54 -14.44
C GLU B 342 26.32 -11.39 -12.95
N GLY B 343 27.38 -11.27 -12.16
CA GLY B 343 27.19 -11.05 -10.73
C GLY B 343 26.50 -9.73 -10.44
N MET B 344 26.89 -8.68 -11.15
CA MET B 344 26.24 -7.38 -10.96
C MET B 344 24.76 -7.47 -11.27
N PHE B 345 24.41 -8.13 -12.38
CA PHE B 345 23.01 -8.20 -12.77
C PHE B 345 22.21 -9.11 -11.83
N ARG B 346 22.82 -10.19 -11.34
CA ARG B 346 22.12 -11.04 -10.39
C ARG B 346 21.86 -10.31 -9.08
N LYS B 347 22.87 -9.57 -8.58
CA LYS B 347 22.66 -8.80 -7.36
C LYS B 347 21.65 -7.68 -7.55
N LEU B 348 21.63 -7.06 -8.74
CA LEU B 348 20.58 -6.09 -9.04
C LEU B 348 19.21 -6.75 -9.05
N ASN B 349 19.12 -7.96 -9.59
CA ASN B 349 17.88 -8.72 -9.57
C ASN B 349 17.46 -9.07 -8.15
N HIS B 350 18.40 -9.18 -7.22
CA HIS B 350 18.07 -9.42 -5.82
C HIS B 350 17.36 -8.24 -5.16
N LEU B 351 17.34 -7.08 -5.80
CA LEU B 351 16.66 -5.92 -5.24
C LEU B 351 15.16 -6.11 -5.24
N LEU B 352 14.52 -5.81 -4.12
CA LEU B 352 13.07 -5.93 -3.99
C LEU B 352 12.35 -4.61 -4.13
N GLU B 353 13.08 -3.51 -4.37
CA GLU B 353 12.47 -2.21 -4.55
C GLU B 353 13.50 -1.29 -5.20
N ARG B 354 13.04 -0.10 -5.58
CA ARG B 354 13.92 0.87 -6.21
C ARG B 354 15.02 1.28 -5.24
N LEU B 355 16.19 1.59 -5.79
CA LEU B 355 17.33 2.01 -4.97
C LEU B 355 16.99 3.34 -4.31
N HIS B 356 16.85 3.31 -2.98
CA HIS B 356 16.50 4.55 -2.23
C HIS B 356 17.49 4.77 -1.10
N GLN B 357 18.26 3.73 -0.79
CA GLN B 357 19.27 3.77 0.30
C GLN B 357 20.56 4.41 -0.21
N SER B 358 21.63 4.26 0.58
CA SER B 358 22.90 4.88 0.16
C SER B 358 22.67 6.39 -0.05
N PHE B 359 23.26 6.98 -1.11
CA PHE B 359 23.24 8.45 -1.32
C PHE B 359 23.09 8.77 -2.81
N PHE B 360 22.60 9.98 -3.13
CA PHE B 360 22.49 10.39 -4.52
C PHE B 360 23.37 11.59 -4.85
N LEU B 361 23.78 12.36 -3.84
CA LEU B 361 24.63 13.53 -4.01
C LEU B 361 25.92 13.27 -3.25
N TYR B 362 27.03 13.16 -3.98
CA TYR B 362 28.30 12.79 -3.36
C TYR B 362 29.45 13.18 -4.27
N LEU B 363 30.65 13.14 -3.71
CA LEU B 363 31.90 13.33 -4.45
C LEU B 363 32.82 12.16 -4.12
N LEU B 364 33.56 11.72 -5.13
CA LEU B 364 34.36 10.50 -5.00
C LEU B 364 35.85 10.80 -5.13
N PRO B 365 36.58 10.93 -4.02
CA PRO B 365 38.04 11.07 -4.08
C PRO B 365 38.76 9.73 -4.15
N GLY B 366 38.27 8.85 -5.01
CA GLY B 366 38.76 7.49 -5.10
C GLY B 366 37.59 6.55 -5.37
N LEU B 367 37.93 5.31 -5.75
CA LEU B 367 36.91 4.33 -6.09
C LEU B 367 36.12 3.89 -4.86
N SER B 368 36.77 3.80 -3.70
CA SER B 368 36.15 3.29 -2.49
C SER B 368 35.98 4.34 -1.40
N ARG B 369 36.04 5.62 -1.76
CA ARG B 369 35.86 6.71 -0.82
C ARG B 369 34.85 7.69 -1.37
N PHE B 370 34.11 8.35 -0.47
CA PHE B 370 33.07 9.27 -0.89
C PHE B 370 32.89 10.36 0.16
N VAL B 371 32.30 11.47 -0.29
CA VAL B 371 31.96 12.60 0.56
C VAL B 371 30.51 12.97 0.29
N SER B 372 29.69 12.96 1.33
CA SER B 372 28.26 13.22 1.18
C SER B 372 27.99 14.72 1.11
N ILE B 373 26.74 15.07 0.82
CA ILE B 373 26.37 16.46 0.62
C ILE B 373 26.55 17.28 1.88
N GLY B 374 26.31 16.69 3.05
CA GLY B 374 26.49 17.41 4.29
C GLY B 374 27.93 17.68 4.66
N LEU B 375 28.89 17.15 3.88
CA LEU B 375 30.30 17.31 4.19
C LEU B 375 31.06 18.14 3.17
N TYR B 376 30.51 18.36 1.98
CA TYR B 376 31.13 19.25 1.01
C TYR B 376 30.37 20.56 0.82
N MET B 377 29.14 20.65 1.28
CA MET B 377 28.32 21.85 1.17
C MET B 377 29.00 23.07 1.83
N PRO B 378 29.67 22.92 2.98
CA PRO B 378 30.38 24.08 3.53
C PRO B 378 31.35 24.73 2.57
N ALA B 379 31.92 23.98 1.61
CA ALA B 379 32.84 24.59 0.66
C ALA B 379 32.13 25.67 -0.16
N VAL B 380 30.92 25.39 -0.64
CA VAL B 380 30.16 26.41 -1.37
C VAL B 380 29.59 27.45 -0.42
N GLY B 381 29.16 27.03 0.77
CA GLY B 381 28.56 27.97 1.70
C GLY B 381 29.52 29.05 2.18
N PHE B 382 30.78 28.68 2.41
CA PHE B 382 31.78 29.66 2.80
C PHE B 382 32.02 30.67 1.70
N LEU B 383 32.03 30.24 0.44
CA LEU B 383 32.19 31.16 -0.67
C LEU B 383 30.99 32.07 -0.82
N LEU B 384 29.77 31.55 -0.59
CA LEU B 384 28.59 32.38 -0.63
C LEU B 384 28.51 33.35 0.54
N LEU B 385 29.14 33.02 1.66
CA LEU B 385 29.20 33.95 2.78
C LEU B 385 29.92 35.23 2.40
N VAL B 386 30.90 35.15 1.49
CA VAL B 386 31.58 36.35 1.02
C VAL B 386 30.59 37.26 0.31
N LEU B 387 29.77 36.70 -0.58
CA LEU B 387 28.78 37.48 -1.29
C LEU B 387 27.76 38.07 -0.32
N GLY B 388 27.33 37.28 0.67
CA GLY B 388 26.39 37.80 1.65
C GLY B 388 26.95 38.95 2.46
N LEU B 389 28.20 38.81 2.91
CA LEU B 389 28.83 39.88 3.69
C LEU B 389 29.01 41.13 2.85
N LYS B 390 29.43 40.98 1.60
CA LYS B 390 29.60 42.15 0.74
C LYS B 390 28.26 42.82 0.46
N ALA B 391 27.20 42.04 0.26
CA ALA B 391 25.87 42.61 0.06
C ALA B 391 25.41 43.37 1.30
N LEU B 392 25.65 42.81 2.48
CA LEU B 392 25.28 43.50 3.72
C LEU B 392 26.05 44.81 3.86
N GLU B 393 27.35 44.77 3.56
CA GLU B 393 28.16 45.99 3.63
C GLU B 393 27.65 47.05 2.67
N LEU B 394 27.33 46.67 1.44
CA LEU B 394 26.82 47.64 0.48
C LEU B 394 25.46 48.18 0.90
N TRP B 395 24.60 47.34 1.45
CA TRP B 395 23.31 47.79 1.97
C TRP B 395 23.51 48.87 3.04
N MET B 396 24.40 48.61 4.00
CA MET B 396 24.56 49.53 5.11
C MET B 396 25.35 50.77 4.71
N GLN B 397 26.20 50.67 3.68
CA GLN B 397 26.82 51.88 3.13
C GLN B 397 25.81 52.71 2.36
N LEU B 398 24.90 52.07 1.64
CA LEU B 398 23.83 52.80 0.96
C LEU B 398 22.96 53.52 1.97
N HIS B 399 22.66 52.88 3.10
CA HIS B 399 21.87 53.50 4.15
C HIS B 399 22.67 54.50 4.99
N GLU B 400 23.99 54.50 4.87
CA GLU B 400 24.79 55.54 5.50
C GLU B 400 24.50 56.90 4.90
N GLY B 425 18.08 54.74 -7.35
CA GLY B 425 18.19 55.24 -8.70
C GLY B 425 17.68 54.26 -9.74
N LEU B 426 16.37 54.27 -9.95
CA LEU B 426 15.76 53.33 -10.90
C LEU B 426 16.27 53.56 -12.31
N ALA B 427 16.39 54.82 -12.72
CA ALA B 427 16.77 55.13 -14.09
C ALA B 427 18.18 54.64 -14.39
N SER B 428 19.09 54.78 -13.44
CA SER B 428 20.48 54.40 -13.67
C SER B 428 20.66 52.88 -13.67
N LEU B 429 19.66 52.16 -13.15
CA LEU B 429 19.80 50.71 -13.04
C LEU B 429 19.13 49.98 -14.20
N VAL B 430 17.99 50.50 -14.66
CA VAL B 430 17.17 49.76 -15.61
C VAL B 430 17.92 49.58 -16.93
N ALA B 431 18.65 50.60 -17.38
CA ALA B 431 19.38 50.46 -18.64
C ALA B 431 20.45 49.38 -18.58
N PRO B 432 21.35 49.37 -17.59
CA PRO B 432 22.30 48.24 -17.51
C PRO B 432 21.62 46.89 -17.32
N LEU B 433 20.57 46.82 -16.49
CA LEU B 433 19.91 45.53 -16.27
C LEU B 433 19.33 45.00 -17.57
N LEU B 434 18.55 45.82 -18.28
CA LEU B 434 17.92 45.37 -19.51
C LEU B 434 18.95 45.07 -20.59
N ILE B 435 20.00 45.89 -20.69
CA ILE B 435 21.03 45.64 -21.70
C ILE B 435 21.73 44.32 -21.44
N SER B 436 22.11 44.05 -20.19
CA SER B 436 22.78 42.80 -19.87
C SER B 436 21.87 41.59 -20.11
N GLN B 437 20.61 41.68 -19.68
CA GLN B 437 19.71 40.56 -19.90
C GLN B 437 19.44 40.33 -21.38
N ALA B 438 19.30 41.40 -22.15
CA ALA B 438 19.07 41.27 -23.59
C ALA B 438 20.29 40.67 -24.28
N MET B 439 21.50 41.04 -23.85
CA MET B 439 22.69 40.46 -24.46
C MET B 439 22.85 39.00 -24.08
N GLY B 440 22.45 38.62 -22.86
CA GLY B 440 22.43 37.22 -22.51
C GLY B 440 21.44 36.43 -23.35
N LEU B 441 20.25 37.00 -23.56
CA LEU B 441 19.26 36.35 -24.41
C LEU B 441 19.76 36.21 -25.84
N ALA B 442 20.46 37.24 -26.34
CA ALA B 442 21.04 37.16 -27.68
C ALA B 442 22.13 36.09 -27.74
N LEU B 443 22.95 36.00 -26.69
CA LEU B 443 23.96 34.94 -26.64
C LEU B 443 23.33 33.57 -26.66
N TYR B 444 22.15 33.42 -26.06
CA TYR B 444 21.46 32.14 -26.08
C TYR B 444 20.81 31.84 -27.43
N VAL B 445 20.15 32.83 -28.03
CA VAL B 445 19.26 32.57 -29.15
C VAL B 445 19.98 32.74 -30.49
N LEU B 446 20.75 33.81 -30.64
CA LEU B 446 21.34 34.18 -31.92
C LEU B 446 22.29 33.13 -32.51
N PRO B 447 23.23 32.55 -31.74
CA PRO B 447 24.23 31.67 -32.38
C PRO B 447 23.66 30.49 -33.14
N VAL B 448 22.60 29.84 -32.65
CA VAL B 448 22.06 28.68 -33.36
C VAL B 448 21.45 29.12 -34.68
N LEU B 449 20.71 30.22 -34.69
CA LEU B 449 20.27 30.83 -35.92
C LEU B 449 21.42 31.63 -36.53
N GLY B 450 21.13 32.35 -37.61
CA GLY B 450 22.12 33.22 -38.23
C GLY B 450 23.29 32.52 -38.86
N GLN B 451 23.48 31.22 -38.59
CA GLN B 451 24.55 30.48 -39.26
C GLN B 451 24.32 30.43 -40.77
N HIS B 452 23.07 30.23 -41.18
CA HIS B 452 22.73 30.32 -42.60
C HIS B 452 22.98 31.74 -43.11
N VAL B 453 22.63 32.75 -42.32
CA VAL B 453 22.85 34.13 -42.72
C VAL B 453 24.34 34.45 -42.75
N ALA B 454 25.07 34.03 -41.71
CA ALA B 454 26.48 34.39 -41.60
C ALA B 454 27.32 33.68 -42.66
N THR B 455 27.00 32.42 -42.96
CA THR B 455 27.81 31.66 -43.90
C THR B 455 27.73 32.24 -45.31
N GLN B 456 26.58 32.81 -45.67
CA GLN B 456 26.42 33.39 -47.00
C GLN B 456 27.41 34.52 -47.23
N HIS B 457 27.60 35.39 -46.23
CA HIS B 457 28.45 36.55 -46.38
C HIS B 457 29.91 36.30 -46.00
N PHE B 458 30.16 35.33 -45.12
CA PHE B 458 31.51 35.12 -44.63
C PHE B 458 32.05 33.76 -45.09
N PRO B 459 33.35 33.66 -45.36
CA PRO B 459 33.95 32.39 -45.78
C PRO B 459 34.21 31.45 -44.60
N VAL B 460 33.14 31.07 -43.91
CA VAL B 460 33.22 30.16 -42.77
C VAL B 460 32.16 29.08 -42.92
N ALA B 461 32.39 27.97 -42.23
CA ALA B 461 31.47 26.84 -42.28
C ALA B 461 30.26 27.10 -41.38
N GLU B 462 29.22 26.28 -41.56
CA GLU B 462 28.02 26.41 -40.75
C GLU B 462 28.31 26.16 -39.28
N ALA B 463 29.15 25.17 -38.98
CA ALA B 463 29.48 24.87 -37.59
C ALA B 463 30.33 25.97 -36.98
N GLU B 464 31.33 26.46 -37.72
CA GLU B 464 32.22 27.49 -37.20
C GLU B 464 31.51 28.83 -37.03
N ALA B 465 30.49 29.09 -37.85
CA ALA B 465 29.76 30.35 -37.73
C ALA B 465 29.07 30.46 -36.38
N VAL B 466 28.59 29.34 -35.84
CA VAL B 466 27.92 29.35 -34.54
C VAL B 466 28.90 29.78 -33.44
N VAL B 467 30.09 29.18 -33.44
CA VAL B 467 31.07 29.50 -32.41
C VAL B 467 31.57 30.93 -32.57
N LEU B 468 31.79 31.37 -33.81
CA LEU B 468 32.24 32.74 -34.03
C LEU B 468 31.18 33.75 -33.60
N THR B 469 29.91 33.46 -33.86
CA THR B 469 28.84 34.33 -33.38
C THR B 469 28.78 34.35 -31.86
N LEU B 470 28.96 33.19 -31.22
CA LEU B 470 29.04 33.14 -29.76
C LEU B 470 30.12 34.07 -29.24
N LEU B 471 31.33 33.96 -29.80
CA LEU B 471 32.45 34.79 -29.35
C LEU B 471 32.19 36.26 -29.62
N ALA B 472 31.63 36.57 -30.80
CA ALA B 472 31.39 37.98 -31.15
C ALA B 472 30.37 38.60 -30.21
N ILE B 473 29.30 37.89 -29.90
CA ILE B 473 28.32 38.43 -28.96
C ILE B 473 28.91 38.55 -27.57
N TYR B 474 29.77 37.59 -27.18
CA TYR B 474 30.44 37.67 -25.89
C TYR B 474 31.28 38.93 -25.79
N ALA B 475 32.02 39.27 -26.86
CA ALA B 475 32.82 40.49 -26.85
C ALA B 475 31.95 41.75 -26.93
N ALA B 476 30.87 41.71 -27.70
CA ALA B 476 29.98 42.87 -27.79
C ALA B 476 29.36 43.17 -26.44
N GLY B 477 29.14 42.14 -25.62
CA GLY B 477 28.73 42.38 -24.24
C GLY B 477 29.77 43.16 -23.46
N LEU B 478 31.05 42.85 -23.67
CA LEU B 478 32.11 43.61 -23.04
C LEU B 478 32.09 45.06 -23.49
N ALA B 479 31.90 45.28 -24.79
CA ALA B 479 31.83 46.64 -25.34
C ALA B 479 30.46 47.23 -25.00
N LEU B 480 30.35 47.81 -23.81
CA LEU B 480 29.07 48.34 -23.34
C LEU B 480 28.73 49.64 -24.07
N PRO B 481 27.56 49.74 -24.70
CA PRO B 481 27.21 50.97 -25.42
C PRO B 481 26.88 52.16 -24.52
N HIS B 482 26.01 51.93 -23.53
CA HIS B 482 25.44 53.05 -22.78
C HIS B 482 26.51 53.81 -21.99
N ASN B 483 27.41 53.09 -21.34
CA ASN B 483 28.43 53.72 -20.51
C ASN B 483 29.78 53.73 -21.19
N PRO B 493 27.57 59.93 -8.43
CA PRO B 493 26.49 58.95 -8.53
C PRO B 493 26.82 57.64 -7.84
N ASP B 494 27.31 57.73 -6.59
CA ASP B 494 27.75 56.55 -5.87
C ASP B 494 26.58 55.59 -5.61
N ARG B 495 25.43 56.12 -5.21
CA ARG B 495 24.31 55.28 -4.81
C ARG B 495 23.89 54.36 -5.94
N GLY B 496 23.94 54.85 -7.18
CA GLY B 496 23.58 54.01 -8.30
C GLY B 496 24.45 52.77 -8.41
N TRP B 497 25.77 52.95 -8.30
CA TRP B 497 26.65 51.80 -8.46
C TRP B 497 26.60 50.88 -7.25
N MET B 498 26.45 51.42 -6.02
CA MET B 498 26.26 50.49 -4.90
C MET B 498 24.98 49.69 -5.05
N ALA B 499 23.89 50.32 -5.50
CA ALA B 499 22.64 49.59 -5.69
C ALA B 499 22.79 48.52 -6.76
N LEU B 500 23.43 48.85 -7.89
CA LEU B 500 23.60 47.88 -8.95
C LEU B 500 24.47 46.72 -8.50
N LYS B 501 25.57 47.01 -7.78
CA LYS B 501 26.42 45.94 -7.31
C LYS B 501 25.72 45.07 -6.27
N LEU B 502 24.90 45.68 -5.40
CA LEU B 502 24.14 44.89 -4.43
C LEU B 502 23.18 43.94 -5.14
N VAL B 503 22.47 44.44 -6.15
CA VAL B 503 21.57 43.59 -6.91
C VAL B 503 22.35 42.47 -7.58
N ALA B 504 23.50 42.79 -8.15
CA ALA B 504 24.32 41.78 -8.82
C ALA B 504 24.81 40.73 -7.83
N LEU B 505 25.23 41.14 -6.64
CA LEU B 505 25.70 40.18 -5.64
C LEU B 505 24.58 39.26 -5.19
N ILE B 506 23.38 39.81 -4.96
CA ILE B 506 22.26 38.96 -4.56
C ILE B 506 21.92 37.97 -5.68
N TYR B 507 21.89 38.44 -6.91
CA TYR B 507 21.60 37.56 -8.04
C TYR B 507 22.65 36.46 -8.17
N LEU B 508 23.92 36.82 -8.03
CA LEU B 508 25.00 35.85 -8.15
C LEU B 508 24.92 34.81 -7.04
N ALA B 509 24.64 35.25 -5.81
CA ALA B 509 24.49 34.30 -4.71
C ALA B 509 23.34 33.35 -4.96
N LEU B 510 22.21 33.87 -5.44
CA LEU B 510 21.07 33.02 -5.80
C LEU B 510 21.49 31.96 -6.80
N GLN B 511 22.10 32.38 -7.91
CA GLN B 511 22.45 31.43 -8.95
C GLN B 511 23.48 30.41 -8.47
N LEU B 512 24.50 30.86 -7.74
CA LEU B 512 25.52 29.94 -7.26
C LEU B 512 24.95 28.91 -6.30
N GLY B 513 24.09 29.34 -5.37
CA GLY B 513 23.48 28.39 -4.46
C GLY B 513 22.58 27.41 -5.16
N CYS B 514 21.74 27.89 -6.08
CA CYS B 514 20.81 27.02 -6.78
C CYS B 514 21.55 26.01 -7.65
N ILE B 515 22.62 26.45 -8.33
CA ILE B 515 23.42 25.52 -9.13
C ILE B 515 24.13 24.53 -8.22
N ALA B 516 24.64 24.99 -7.08
CA ALA B 516 25.35 24.10 -6.17
C ALA B 516 24.43 23.00 -5.63
N LEU B 517 23.16 23.32 -5.40
CA LEU B 517 22.23 22.29 -4.94
C LEU B 517 22.05 21.20 -5.99
N THR B 518 21.92 21.58 -7.26
CA THR B 518 21.72 20.58 -8.31
C THR B 518 23.04 20.01 -8.81
N ASN B 519 24.05 20.86 -8.96
CA ASN B 519 25.36 20.46 -9.49
C ASN B 519 26.41 21.16 -8.65
N PHE B 520 26.91 20.47 -7.61
CA PHE B 520 27.87 21.10 -6.71
C PHE B 520 29.14 21.50 -7.45
N SER B 521 29.64 20.63 -8.33
CA SER B 521 30.90 20.91 -8.99
C SER B 521 30.82 22.15 -9.87
N LEU B 522 29.72 22.31 -10.61
CA LEU B 522 29.54 23.52 -11.40
C LEU B 522 29.45 24.75 -10.52
N GLY B 523 28.65 24.65 -9.45
CA GLY B 523 28.52 25.78 -8.54
C GLY B 523 29.84 26.14 -7.87
N PHE B 524 30.59 25.14 -7.43
CA PHE B 524 31.87 25.40 -6.79
C PHE B 524 32.85 26.03 -7.78
N LEU B 525 32.91 25.51 -9.01
CA LEU B 525 33.84 26.04 -10.00
C LEU B 525 33.49 27.47 -10.36
N LEU B 526 32.20 27.78 -10.48
CA LEU B 526 31.79 29.14 -10.79
C LEU B 526 32.08 30.08 -9.63
N ALA B 527 31.78 29.64 -8.39
CA ALA B 527 31.99 30.49 -7.23
C ALA B 527 33.47 30.80 -7.04
N THR B 528 34.33 29.77 -7.11
CA THR B 528 35.75 29.96 -6.86
C THR B 528 36.35 31.05 -7.73
N THR B 529 35.85 31.20 -8.95
CA THR B 529 36.38 32.21 -9.87
C THR B 529 35.64 33.53 -9.81
N MET B 530 34.33 33.54 -9.55
CA MET B 530 33.60 34.79 -9.70
C MET B 530 33.44 35.53 -8.37
N VAL B 531 33.36 34.81 -7.25
CA VAL B 531 33.13 35.48 -5.97
C VAL B 531 34.23 36.49 -5.64
N PRO B 532 35.53 36.16 -5.70
CA PRO B 532 36.54 37.18 -5.34
C PRO B 532 36.51 38.40 -6.23
N THR B 533 36.29 38.22 -7.54
CA THR B 533 36.28 39.37 -8.43
C THR B 533 34.99 40.15 -8.34
N ALA B 534 33.87 39.46 -8.14
CA ALA B 534 32.59 40.16 -7.95
C ALA B 534 32.62 41.01 -6.69
N ALA B 535 33.20 40.50 -5.60
CA ALA B 535 33.31 41.28 -4.39
C ALA B 535 34.24 42.47 -4.56
N LEU B 536 35.35 42.28 -5.28
CA LEU B 536 36.38 43.32 -5.36
C LEU B 536 35.98 44.46 -6.28
N ALA B 537 35.18 44.19 -7.30
CA ALA B 537 34.91 45.18 -8.35
C ALA B 537 34.21 46.41 -7.79
N LYS B 538 34.74 47.59 -8.13
CA LYS B 538 34.18 48.88 -7.76
C LYS B 538 34.90 49.99 -8.52
N PRO B 539 34.21 51.07 -8.87
CA PRO B 539 34.85 52.12 -9.69
C PRO B 539 36.06 52.76 -9.04
N HIS B 540 36.07 52.90 -7.72
CA HIS B 540 37.17 53.57 -7.02
C HIS B 540 38.25 52.55 -6.70
N GLY B 541 39.39 52.67 -7.37
CA GLY B 541 40.49 51.75 -7.18
C GLY B 541 41.27 51.54 -8.45
N PRO B 542 42.03 50.45 -8.54
CA PRO B 542 42.73 50.15 -9.79
C PRO B 542 41.80 49.57 -10.83
N ARG B 543 41.41 50.40 -11.81
CA ARG B 543 40.42 49.97 -12.78
C ARG B 543 41.00 48.95 -13.76
N THR B 544 42.26 49.12 -14.16
CA THR B 544 42.89 48.15 -15.05
C THR B 544 43.02 46.79 -14.37
N LEU B 545 43.46 46.78 -13.11
CA LEU B 545 43.58 45.52 -12.38
C LEU B 545 42.22 44.86 -12.19
N TYR B 546 41.20 45.66 -11.85
CA TYR B 546 39.87 45.10 -11.66
C TYR B 546 39.31 44.55 -12.96
N ALA B 547 39.54 45.25 -14.08
CA ALA B 547 39.08 44.77 -15.37
C ALA B 547 39.78 43.47 -15.76
N ALA B 548 41.09 43.38 -15.51
CA ALA B 548 41.80 42.14 -15.78
C ALA B 548 41.25 40.99 -14.94
N LEU B 549 41.01 41.23 -13.66
CA LEU B 549 40.47 40.19 -12.80
C LEU B 549 39.05 39.79 -13.20
N LEU B 550 38.26 40.75 -13.70
CA LEU B 550 36.90 40.44 -14.11
C LEU B 550 36.90 39.63 -15.41
N VAL B 551 37.72 40.03 -16.38
CA VAL B 551 37.76 39.32 -17.66
C VAL B 551 38.32 37.92 -17.47
N LEU B 552 39.40 37.79 -16.68
CA LEU B 552 40.04 36.49 -16.51
C LEU B 552 39.18 35.49 -15.74
N THR B 553 38.09 35.92 -15.12
CA THR B 553 37.20 35.02 -14.40
C THR B 553 35.79 35.01 -15.00
N SER B 554 35.64 35.49 -16.23
CA SER B 554 34.37 35.38 -16.91
C SER B 554 34.09 33.93 -17.26
N PRO B 555 32.82 33.56 -17.50
CA PRO B 555 32.50 32.16 -17.80
C PRO B 555 33.30 31.56 -18.94
N ALA B 556 33.60 32.33 -19.99
CA ALA B 556 34.45 31.82 -21.05
C ALA B 556 35.87 31.56 -20.54
N ALA B 557 36.42 32.48 -19.76
CA ALA B 557 37.74 32.28 -19.19
C ALA B 557 37.74 31.13 -18.20
N THR B 558 36.65 30.98 -17.44
CA THR B 558 36.53 29.85 -16.53
C THR B 558 36.52 28.53 -17.30
N LEU B 559 35.81 28.49 -18.42
CA LEU B 559 35.81 27.29 -19.26
C LEU B 559 37.20 26.99 -19.79
N LEU B 560 37.92 28.02 -20.25
CA LEU B 560 39.28 27.81 -20.76
C LEU B 560 40.19 27.27 -19.65
N GLY B 561 40.12 27.86 -18.46
CA GLY B 561 40.91 27.38 -17.35
C GLY B 561 40.55 25.96 -16.96
N SER B 562 39.27 25.62 -17.02
CA SER B 562 38.83 24.26 -16.73
C SER B 562 39.40 23.28 -17.73
N LEU B 563 39.40 23.65 -19.02
CA LEU B 563 39.98 22.78 -20.03
C LEU B 563 41.47 22.57 -19.79
N PHE B 564 42.19 23.65 -19.49
CA PHE B 564 43.62 23.52 -19.24
C PHE B 564 43.90 22.67 -18.00
N LEU B 565 43.12 22.86 -16.93
CA LEU B 565 43.28 22.05 -15.73
C LEU B 565 42.98 20.59 -16.02
N TRP B 566 41.94 20.32 -16.80
CA TRP B 566 41.59 18.95 -17.15
C TRP B 566 42.74 18.27 -17.89
N ARG B 567 43.28 18.95 -18.91
CA ARG B 567 44.36 18.35 -19.68
C ARG B 567 45.61 18.17 -18.83
N GLU B 568 45.90 19.13 -17.94
CA GLU B 568 47.04 18.97 -17.05
C GLU B 568 46.86 17.80 -16.09
N LEU B 569 45.63 17.59 -15.60
CA LEU B 569 45.36 16.47 -14.71
C LEU B 569 45.42 15.13 -15.43
N GLN B 570 45.12 15.08 -16.72
CA GLN B 570 45.27 13.86 -17.50
C GLN B 570 46.71 13.61 -17.93
N GLU B 571 47.67 14.34 -17.37
CA GLU B 571 49.09 14.17 -17.68
C GLU B 571 49.37 14.37 -19.17
N ALA B 572 48.71 15.35 -19.77
CA ALA B 572 48.86 15.67 -21.19
C ALA B 572 48.77 17.17 -21.37
N PRO B 573 49.93 17.86 -21.52
CA PRO B 573 49.94 19.31 -21.60
C PRO B 573 49.25 19.91 -22.83
N LEU B 574 49.10 21.23 -22.84
CA LEU B 574 48.47 21.95 -23.93
C LEU B 574 49.22 23.25 -24.23
N SER B 575 49.52 23.45 -25.51
CA SER B 575 50.05 24.74 -25.96
C SER B 575 48.87 25.69 -26.14
N LEU B 576 49.16 26.98 -26.37
CA LEU B 576 48.08 27.95 -26.48
C LEU B 576 47.21 27.69 -27.70
N ALA B 577 47.82 27.32 -28.83
CA ALA B 577 47.04 27.10 -30.05
C ALA B 577 46.09 25.92 -29.90
N GLU B 578 46.61 24.77 -29.45
CA GLU B 578 45.74 23.60 -29.30
C GLU B 578 44.75 23.80 -28.16
N GLY B 579 45.11 24.59 -27.14
CA GLY B 579 44.15 24.93 -26.11
C GLY B 579 43.00 25.76 -26.66
N TRP B 580 43.31 26.71 -27.53
CA TRP B 580 42.25 27.49 -28.18
C TRP B 580 41.38 26.62 -29.06
N GLN B 581 42.00 25.68 -29.79
CA GLN B 581 41.23 24.76 -30.63
C GLN B 581 40.29 23.91 -29.77
N LEU B 582 40.80 23.38 -28.66
CA LEU B 582 39.97 22.60 -27.75
C LEU B 582 38.86 23.45 -27.13
N PHE B 583 39.15 24.71 -26.84
CA PHE B 583 38.12 25.60 -26.30
C PHE B 583 37.00 25.82 -27.32
N LEU B 584 37.36 26.03 -28.58
CA LEU B 584 36.35 26.19 -29.62
C LEU B 584 35.53 24.92 -29.78
N ALA B 585 36.19 23.75 -29.75
CA ALA B 585 35.47 22.49 -29.84
C ALA B 585 34.53 22.32 -28.65
N ALA B 586 34.97 22.72 -27.45
CA ALA B 586 34.13 22.63 -26.27
C ALA B 586 32.92 23.54 -26.40
N LEU B 587 33.10 24.75 -26.93
CA LEU B 587 31.97 25.64 -27.15
C LEU B 587 30.97 25.03 -28.10
N ALA B 588 31.46 24.47 -29.22
CA ALA B 588 30.57 23.86 -30.19
C ALA B 588 29.82 22.67 -29.59
N GLN B 589 30.53 21.82 -28.85
CA GLN B 589 29.89 20.65 -28.23
C GLN B 589 28.86 21.07 -27.19
N GLY B 590 29.17 22.11 -26.40
CA GLY B 590 28.21 22.55 -25.40
C GLY B 590 26.96 23.15 -26.01
N VAL B 591 27.11 23.87 -27.12
CA VAL B 591 25.93 24.39 -27.81
C VAL B 591 25.13 23.24 -28.42
N LEU B 592 25.83 22.26 -29.01
CA LEU B 592 25.15 21.15 -29.66
C LEU B 592 24.38 20.28 -28.65
N GLU B 593 24.99 20.00 -27.51
CA GLU B 593 24.39 19.09 -26.54
C GLU B 593 23.12 19.66 -25.94
N HIS B 594 23.01 20.99 -25.84
CA HIS B 594 21.79 21.58 -25.29
C HIS B 594 20.58 21.21 -26.13
N HIS B 595 20.75 21.09 -27.45
CA HIS B 595 19.67 20.67 -28.33
C HIS B 595 19.57 19.15 -28.41
N THR B 596 20.72 18.48 -28.49
CA THR B 596 20.71 17.04 -28.74
C THR B 596 20.20 16.26 -27.53
N TYR B 597 20.74 16.55 -26.34
CA TYR B 597 20.39 15.81 -25.14
C TYR B 597 19.68 16.64 -24.09
N GLY B 598 19.64 17.96 -24.24
CA GLY B 598 19.03 18.79 -23.23
C GLY B 598 19.94 19.18 -22.09
N ALA B 599 21.24 19.30 -22.36
CA ALA B 599 22.17 19.74 -21.32
C ALA B 599 21.88 21.19 -20.94
N LEU B 600 21.94 21.45 -19.63
CA LEU B 600 21.58 22.76 -19.10
C LEU B 600 22.75 23.73 -19.02
N LEU B 601 23.97 23.29 -19.32
CA LEU B 601 25.13 24.16 -19.15
C LEU B 601 25.04 25.39 -20.05
N PHE B 602 24.82 25.18 -21.36
CA PHE B 602 24.75 26.31 -22.26
C PHE B 602 23.62 27.29 -21.93
N PRO B 603 22.36 26.85 -21.79
CA PRO B 603 21.31 27.85 -21.49
C PRO B 603 21.49 28.48 -20.12
N LEU B 604 21.77 27.68 -19.10
CA LEU B 604 21.98 28.23 -17.76
C LEU B 604 23.08 29.28 -17.76
N LEU B 605 24.24 28.93 -18.31
CA LEU B 605 25.35 29.88 -18.36
C LEU B 605 24.97 31.12 -19.14
N SER B 606 24.69 30.98 -20.44
CA SER B 606 24.47 32.11 -21.33
C SER B 606 23.24 32.94 -20.98
N LEU B 607 22.35 32.45 -20.12
CA LEU B 607 21.18 33.22 -19.74
C LEU B 607 21.24 33.79 -18.34
N GLY B 608 21.97 33.18 -17.41
CA GLY B 608 21.99 33.69 -16.07
C GLY B 608 23.34 34.14 -15.56
N LEU B 609 24.42 33.50 -15.99
CA LEU B 609 25.73 33.79 -15.44
C LEU B 609 26.45 34.87 -16.23
N TYR B 610 26.09 35.05 -17.49
CA TYR B 610 26.69 36.08 -18.34
C TYR B 610 26.07 37.45 -18.05
N PRO B 611 24.74 37.61 -17.99
CA PRO B 611 24.19 38.90 -17.58
C PRO B 611 24.60 39.32 -16.18
N CYS B 612 24.71 38.37 -15.26
CA CYS B 612 25.13 38.70 -13.90
C CYS B 612 26.56 39.23 -13.88
N TRP B 613 27.44 38.65 -14.70
CA TRP B 613 28.80 39.15 -14.79
C TRP B 613 28.87 40.49 -15.52
N LEU B 614 28.01 40.69 -16.51
CA LEU B 614 27.90 42.00 -17.15
C LEU B 614 27.44 43.08 -16.18
N LEU B 615 26.61 42.73 -15.20
CA LEU B 615 26.25 43.69 -14.17
C LEU B 615 27.49 44.16 -13.42
N PHE B 616 28.40 43.25 -13.06
CA PHE B 616 29.63 43.64 -12.40
C PHE B 616 30.54 44.43 -13.32
N TRP B 617 30.53 44.10 -14.62
CA TRP B 617 31.27 44.91 -15.58
C TRP B 617 30.77 46.35 -15.60
N ASN B 618 29.45 46.53 -15.62
CA ASN B 618 28.88 47.88 -15.60
C ASN B 618 29.14 48.57 -14.27
N VAL B 619 29.18 47.81 -13.18
CA VAL B 619 29.55 48.40 -11.89
C VAL B 619 30.97 48.93 -11.94
N LEU B 620 31.89 48.15 -12.53
CA LEU B 620 33.26 48.61 -12.66
C LEU B 620 33.37 49.85 -13.55
N PHE B 621 32.60 49.89 -14.63
CA PHE B 621 32.57 51.05 -15.52
C PHE B 621 31.22 51.74 -15.37
N TRP B 622 31.11 52.61 -14.37
CA TRP B 622 29.83 53.22 -14.05
C TRP B 622 29.68 54.58 -14.72
N LYS B 623 28.82 54.63 -15.74
CA LYS B 623 28.47 55.86 -16.45
C LYS B 623 29.70 56.65 -16.89
N GLY C 43 -1.70 -30.77 33.52
CA GLY C 43 -3.09 -31.09 33.24
C GLY C 43 -3.69 -30.29 32.11
N HIS C 44 -3.30 -30.64 30.87
CA HIS C 44 -3.81 -29.97 29.68
C HIS C 44 -4.31 -31.02 28.70
N THR C 45 -5.33 -30.65 27.92
CA THR C 45 -5.93 -31.54 26.94
C THR C 45 -5.95 -30.96 25.54
N ASN C 46 -5.36 -29.78 25.33
CA ASN C 46 -5.49 -29.05 24.08
C ASN C 46 -4.21 -28.28 23.82
N ASN C 47 -3.76 -28.25 22.57
CA ASN C 47 -2.52 -27.60 22.19
C ASN C 47 -2.72 -26.75 20.95
N TRP C 48 -2.22 -25.51 20.98
CA TRP C 48 -2.28 -24.60 19.85
C TRP C 48 -0.88 -24.03 19.61
N ALA C 49 -0.61 -23.67 18.35
CA ALA C 49 0.67 -23.12 17.97
C ALA C 49 0.47 -21.96 17.00
N VAL C 50 1.10 -20.83 17.30
CA VAL C 50 1.11 -19.67 16.41
C VAL C 50 2.56 -19.45 16.00
N LEU C 51 2.84 -19.60 14.72
CA LEU C 51 4.20 -19.47 14.19
C LEU C 51 4.23 -18.26 13.27
N VAL C 52 5.01 -17.24 13.65
CA VAL C 52 4.99 -15.95 13.00
C VAL C 52 6.38 -15.66 12.44
N CYS C 53 6.44 -15.33 11.15
CA CYS C 53 7.62 -14.75 10.52
C CYS C 53 7.29 -13.30 10.20
N THR C 54 8.16 -12.39 10.65
CA THR C 54 7.88 -10.96 10.58
C THR C 54 8.78 -10.24 9.59
N SER C 55 9.40 -10.95 8.66
CA SER C 55 10.37 -10.39 7.72
C SER C 55 9.81 -10.48 6.31
N ARG C 56 9.91 -9.38 5.57
CA ARG C 56 9.16 -9.21 4.33
C ARG C 56 10.06 -8.97 3.12
N PHE C 57 11.24 -9.58 3.05
CA PHE C 57 12.12 -9.40 1.91
C PHE C 57 12.91 -10.67 1.63
N TRP C 58 13.40 -10.76 0.39
CA TRP C 58 14.00 -12.01 -0.08
C TRP C 58 15.22 -12.39 0.75
N PHE C 59 16.07 -11.43 1.09
CA PHE C 59 17.30 -11.75 1.81
C PHE C 59 16.99 -12.28 3.22
N ASN C 60 15.79 -12.02 3.72
CA ASN C 60 15.36 -12.57 5.01
C ASN C 60 14.78 -13.97 4.84
N TYR C 61 15.53 -14.80 4.13
CA TYR C 61 15.15 -16.19 3.90
C TYR C 61 15.25 -17.00 5.19
N ARG C 62 16.13 -16.57 6.11
CA ARG C 62 16.35 -17.30 7.34
C ARG C 62 15.08 -17.42 8.16
N HIS C 63 14.31 -16.33 8.25
CA HIS C 63 13.16 -16.32 9.14
C HIS C 63 12.02 -17.19 8.59
N VAL C 64 11.81 -17.13 7.27
CA VAL C 64 10.80 -18.00 6.66
C VAL C 64 11.20 -19.45 6.80
N ALA C 65 12.48 -19.77 6.59
CA ALA C 65 12.93 -21.15 6.77
C ALA C 65 12.78 -21.60 8.22
N ASN C 66 13.09 -20.71 9.17
CA ASN C 66 12.92 -21.04 10.58
C ASN C 66 11.47 -21.36 10.90
N THR C 67 10.55 -20.49 10.47
CA THR C 67 9.15 -20.70 10.76
C THR C 67 8.63 -21.98 10.11
N LEU C 68 9.04 -22.26 8.88
CA LEU C 68 8.59 -23.48 8.21
C LEU C 68 9.17 -24.72 8.88
N SER C 69 10.41 -24.63 9.35
CA SER C 69 11.01 -25.77 10.04
C SER C 69 10.29 -26.05 11.35
N VAL C 70 9.98 -25.01 12.12
CA VAL C 70 9.23 -25.21 13.35
C VAL C 70 7.83 -25.74 13.05
N TYR C 71 7.24 -25.27 11.96
CA TYR C 71 5.92 -25.77 11.55
C TYR C 71 5.98 -27.26 11.24
N ARG C 72 7.00 -27.70 10.50
CA ARG C 72 7.15 -29.12 10.21
C ARG C 72 7.41 -29.93 11.48
N SER C 73 8.20 -29.39 12.42
CA SER C 73 8.44 -30.10 13.67
C SER C 73 7.16 -30.29 14.47
N VAL C 74 6.37 -29.22 14.62
CA VAL C 74 5.16 -29.34 15.42
C VAL C 74 4.08 -30.13 14.69
N LYS C 75 4.14 -30.20 13.36
CA LYS C 75 3.22 -31.08 12.65
C LYS C 75 3.63 -32.54 12.78
N ARG C 76 4.92 -32.82 12.82
CA ARG C 76 5.32 -34.22 13.06
C ARG C 76 4.93 -34.63 14.47
N LEU C 77 5.13 -33.73 15.42
CA LEU C 77 4.86 -34.08 16.81
C LEU C 77 3.37 -34.16 17.12
N GLY C 78 2.50 -34.06 16.13
CA GLY C 78 1.10 -34.37 16.31
C GLY C 78 0.14 -33.21 16.43
N ILE C 79 0.61 -31.98 16.24
CA ILE C 79 -0.32 -30.84 16.29
C ILE C 79 -1.00 -30.70 14.93
N PRO C 80 -2.32 -30.67 14.87
CA PRO C 80 -2.99 -30.54 13.57
C PRO C 80 -2.76 -29.18 12.95
N ASP C 81 -2.81 -29.15 11.61
CA ASP C 81 -2.66 -27.89 10.90
C ASP C 81 -3.82 -26.93 11.15
N SER C 82 -4.99 -27.43 11.49
CA SER C 82 -6.11 -26.59 11.87
C SER C 82 -5.91 -25.94 13.23
N HIS C 83 -4.98 -26.45 14.04
CA HIS C 83 -4.62 -25.85 15.32
C HIS C 83 -3.32 -25.05 15.22
N ILE C 84 -2.85 -24.80 14.00
CA ILE C 84 -1.66 -24.02 13.75
C ILE C 84 -2.06 -22.78 12.99
N VAL C 85 -1.71 -21.61 13.52
CA VAL C 85 -1.91 -20.34 12.82
C VAL C 85 -0.54 -19.92 12.31
N LEU C 86 -0.23 -20.31 11.09
CA LEU C 86 1.07 -20.04 10.48
C LEU C 86 1.00 -18.73 9.72
N MET C 87 1.77 -17.74 10.14
CA MET C 87 1.80 -16.42 9.54
C MET C 87 3.19 -16.15 8.99
N LEU C 88 3.28 -16.00 7.67
CA LEU C 88 4.53 -15.72 6.98
C LEU C 88 4.45 -14.34 6.35
N ALA C 89 5.42 -13.48 6.66
CA ALA C 89 5.37 -12.11 6.18
C ALA C 89 5.67 -12.02 4.69
N ASP C 90 6.45 -12.96 4.15
CA ASP C 90 6.78 -12.93 2.74
C ASP C 90 6.86 -14.36 2.22
N ASP C 91 6.77 -14.48 0.89
CA ASP C 91 6.85 -15.76 0.22
C ASP C 91 8.24 -15.92 -0.38
N MET C 92 8.93 -17.01 -0.01
CA MET C 92 10.24 -17.33 -0.57
C MET C 92 10.23 -18.57 -1.44
N ALA C 93 9.29 -19.48 -1.24
CA ALA C 93 9.22 -20.67 -2.06
C ALA C 93 8.92 -20.31 -3.52
N CYS C 94 7.97 -19.42 -3.73
CA CYS C 94 7.56 -19.01 -5.07
C CYS C 94 7.93 -17.57 -5.35
N ASN C 95 8.94 -17.08 -4.65
CA ASN C 95 9.54 -15.80 -5.00
C ASN C 95 10.19 -15.93 -6.38
N PRO C 96 10.04 -14.93 -7.24
CA PRO C 96 10.64 -15.03 -8.59
C PRO C 96 12.15 -15.14 -8.57
N ARG C 97 12.81 -14.74 -7.50
CA ARG C 97 14.26 -14.82 -7.38
C ARG C 97 14.74 -16.17 -6.85
N ASN C 98 13.83 -17.09 -6.58
CA ASN C 98 14.22 -18.39 -6.03
C ASN C 98 14.85 -19.24 -7.12
N PRO C 99 16.10 -19.69 -6.97
CA PRO C 99 16.67 -20.58 -7.97
C PRO C 99 15.92 -21.90 -8.12
N LYS C 100 15.35 -22.40 -7.03
CA LYS C 100 14.55 -23.62 -7.05
C LYS C 100 13.12 -23.28 -6.66
N PRO C 101 12.21 -23.13 -7.61
CA PRO C 101 10.86 -22.65 -7.27
C PRO C 101 10.09 -23.63 -6.40
N ALA C 102 9.19 -23.08 -5.59
CA ALA C 102 8.28 -23.87 -4.74
C ALA C 102 9.03 -24.72 -3.74
N THR C 103 10.23 -24.31 -3.35
CA THR C 103 11.02 -25.02 -2.35
C THR C 103 11.65 -24.03 -1.40
N VAL C 104 11.59 -24.32 -0.11
CA VAL C 104 12.33 -23.60 0.92
C VAL C 104 13.25 -24.60 1.60
N PHE C 105 14.54 -24.34 1.58
CA PHE C 105 15.53 -25.33 2.00
C PHE C 105 16.12 -24.96 3.36
N SER C 106 16.40 -25.99 4.16
CA SER C 106 16.93 -25.82 5.50
C SER C 106 18.42 -26.10 5.61
N HIS C 107 19.01 -26.79 4.64
CA HIS C 107 20.40 -27.19 4.70
C HIS C 107 21.13 -26.75 3.44
N LYS C 108 22.45 -26.59 3.57
CA LYS C 108 23.26 -25.98 2.53
C LYS C 108 23.30 -26.75 1.23
N ASN C 109 23.15 -28.08 1.26
CA ASN C 109 23.23 -28.90 0.07
C ASN C 109 21.85 -29.43 -0.35
N MET C 110 20.80 -28.63 -0.14
CA MET C 110 19.45 -28.93 -0.61
C MET C 110 18.94 -30.25 -0.04
N GLU C 111 19.34 -30.56 1.20
CA GLU C 111 19.02 -31.85 1.77
C GLU C 111 17.55 -31.95 2.18
N LEU C 112 17.01 -30.92 2.84
CA LEU C 112 15.68 -30.98 3.42
C LEU C 112 14.87 -29.79 2.92
N ASN C 113 13.67 -30.07 2.43
CA ASN C 113 12.76 -29.04 1.94
C ASN C 113 11.62 -28.88 2.94
N VAL C 114 11.71 -27.84 3.77
CA VAL C 114 10.68 -27.61 4.76
C VAL C 114 9.35 -27.25 4.11
N TYR C 115 9.40 -26.51 3.00
CA TYR C 115 8.21 -26.18 2.23
C TYR C 115 7.85 -27.38 1.38
N GLY C 116 7.03 -28.28 1.92
CA GLY C 116 6.69 -29.50 1.22
C GLY C 116 5.49 -29.34 0.32
N ASP C 117 4.43 -30.10 0.58
CA ASP C 117 3.20 -30.02 -0.21
C ASP C 117 1.95 -29.97 0.65
N ASP C 118 2.10 -29.84 1.97
CA ASP C 118 0.95 -29.80 2.88
C ASP C 118 1.13 -28.66 3.87
N VAL C 119 1.50 -27.49 3.37
CA VAL C 119 1.71 -26.30 4.20
C VAL C 119 0.46 -25.45 4.14
N GLU C 120 -0.02 -25.03 5.30
CA GLU C 120 -1.21 -24.18 5.43
C GLU C 120 -0.75 -22.82 5.94
N VAL C 121 -0.69 -21.84 5.05
CA VAL C 121 -0.28 -20.48 5.41
C VAL C 121 -1.55 -19.67 5.60
N ASP C 122 -1.88 -19.37 6.85
CA ASP C 122 -3.11 -18.65 7.15
C ASP C 122 -2.98 -17.17 6.82
N TYR C 123 -1.96 -16.51 7.36
CA TYR C 123 -1.70 -15.11 7.09
C TYR C 123 -0.43 -15.00 6.26
N ARG C 124 -0.49 -14.26 5.16
CA ARG C 124 0.65 -14.13 4.26
C ARG C 124 0.74 -12.71 3.73
N SER C 125 1.96 -12.29 3.42
CA SER C 125 2.26 -11.02 2.76
C SER C 125 1.80 -9.87 3.66
N TYR C 126 0.96 -8.96 3.19
CA TYR C 126 0.70 -7.70 3.89
C TYR C 126 -0.24 -7.85 5.07
N GLU C 127 -0.87 -9.00 5.26
CA GLU C 127 -1.77 -9.17 6.39
C GLU C 127 -1.05 -9.69 7.63
N VAL C 128 0.26 -9.86 7.58
CA VAL C 128 1.05 -10.22 8.76
C VAL C 128 1.58 -8.91 9.34
N THR C 129 0.81 -8.32 10.24
CA THR C 129 1.15 -7.06 10.87
C THR C 129 1.01 -7.19 12.37
N VAL C 130 1.48 -6.15 13.09
CA VAL C 130 1.39 -6.15 14.54
C VAL C 130 -0.06 -6.18 14.98
N GLU C 131 -0.90 -5.38 14.34
CA GLU C 131 -2.31 -5.34 14.70
C GLU C 131 -2.98 -6.68 14.44
N ASN C 132 -2.69 -7.31 13.30
CA ASN C 132 -3.30 -8.59 12.99
C ASN C 132 -2.85 -9.67 13.97
N PHE C 133 -1.56 -9.67 14.33
CA PHE C 133 -1.07 -10.64 15.29
C PHE C 133 -1.70 -10.45 16.66
N LEU C 134 -1.85 -9.19 17.10
CA LEU C 134 -2.47 -8.92 18.38
C LEU C 134 -3.95 -9.33 18.37
N ARG C 135 -4.64 -9.08 17.25
CA ARG C 135 -6.03 -9.52 17.14
C ARG C 135 -6.13 -11.04 17.19
N VAL C 136 -5.23 -11.74 16.51
CA VAL C 136 -5.25 -13.20 16.54
C VAL C 136 -5.01 -13.70 17.96
N LEU C 137 -4.06 -13.10 18.67
CA LEU C 137 -3.78 -13.53 20.04
C LEU C 137 -4.95 -13.27 20.97
N THR C 138 -5.47 -12.04 20.97
CA THR C 138 -6.45 -11.62 21.96
C THR C 138 -7.88 -11.97 21.57
N GLY C 139 -8.11 -12.48 20.36
CA GLY C 139 -9.44 -12.88 19.94
C GLY C 139 -10.29 -11.78 19.35
N ARG C 140 -9.82 -10.53 19.39
CA ARG C 140 -10.59 -9.40 18.86
C ARG C 140 -10.34 -9.30 17.35
N ILE C 141 -10.89 -10.27 16.63
CA ILE C 141 -10.66 -10.45 15.21
C ILE C 141 -11.93 -10.02 14.49
N PRO C 142 -11.85 -9.56 13.24
CA PRO C 142 -13.07 -9.15 12.52
C PRO C 142 -14.06 -10.29 12.43
N PRO C 143 -15.36 -9.99 12.51
CA PRO C 143 -16.36 -11.06 12.60
C PRO C 143 -16.41 -11.98 11.39
N SER C 144 -15.94 -11.52 10.24
CA SER C 144 -15.99 -12.32 9.02
C SER C 144 -14.74 -13.17 8.82
N THR C 145 -13.80 -13.13 9.75
CA THR C 145 -12.59 -13.92 9.63
C THR C 145 -12.93 -15.41 9.71
N PRO C 146 -12.49 -16.21 8.75
CA PRO C 146 -12.84 -17.65 8.76
C PRO C 146 -12.17 -18.37 9.92
N ARG C 147 -12.70 -19.57 10.20
CA ARG C 147 -12.18 -20.38 11.31
C ARG C 147 -10.72 -20.73 11.13
N SER C 148 -10.24 -20.75 9.88
CA SER C 148 -8.85 -21.13 9.64
C SER C 148 -7.89 -20.11 10.24
N LYS C 149 -8.27 -18.84 10.25
CA LYS C 149 -7.39 -17.76 10.68
C LYS C 149 -7.70 -17.28 12.10
N ARG C 150 -8.13 -18.17 12.98
CA ARG C 150 -8.44 -17.84 14.36
C ARG C 150 -7.70 -18.77 15.30
N LEU C 151 -7.48 -18.30 16.52
CA LEU C 151 -6.87 -19.11 17.59
C LEU C 151 -7.96 -19.39 18.62
N LEU C 152 -8.72 -20.46 18.39
CA LEU C 152 -9.81 -20.85 19.27
C LEU C 152 -9.27 -21.77 20.38
N SER C 153 -8.53 -21.16 21.30
CA SER C 153 -7.86 -21.88 22.38
C SER C 153 -8.67 -21.75 23.66
N ASP C 154 -8.85 -22.86 24.36
CA ASP C 154 -9.66 -22.90 25.56
C ASP C 154 -8.80 -22.67 26.80
N ASP C 155 -9.41 -22.84 27.98
CA ASP C 155 -8.69 -22.68 29.24
C ASP C 155 -7.60 -23.74 29.39
N ARG C 156 -7.90 -24.99 29.04
CA ARG C 156 -6.98 -26.11 29.22
C ARG C 156 -5.91 -26.19 28.15
N SER C 157 -5.72 -25.14 27.37
CA SER C 157 -4.86 -25.20 26.19
C SER C 157 -3.47 -24.69 26.50
N ASN C 158 -2.45 -25.49 26.16
CA ASN C 158 -1.07 -25.03 26.16
C ASN C 158 -0.73 -24.48 24.78
N ILE C 159 -0.17 -23.28 24.75
CA ILE C 159 0.01 -22.54 23.52
C ILE C 159 1.49 -22.26 23.30
N LEU C 160 1.97 -22.53 22.10
CA LEU C 160 3.36 -22.27 21.72
C LEU C 160 3.37 -21.12 20.73
N ILE C 161 4.14 -20.08 21.05
CA ILE C 161 4.31 -18.91 20.19
C ILE C 161 5.76 -18.89 19.72
N TYR C 162 5.96 -19.07 18.42
CA TYR C 162 7.28 -18.94 17.83
C TYR C 162 7.30 -17.70 16.95
N MET C 163 8.21 -16.77 17.25
CA MET C 163 8.31 -15.51 16.54
C MET C 163 9.76 -15.27 16.16
N THR C 164 10.03 -15.18 14.87
CA THR C 164 11.38 -14.92 14.37
C THR C 164 11.33 -13.70 13.46
N GLY C 165 12.35 -12.86 13.54
CA GLY C 165 12.38 -11.66 12.74
C GLY C 165 13.49 -10.74 13.21
N HIS C 166 13.40 -9.49 12.76
CA HIS C 166 14.40 -8.50 13.13
C HIS C 166 13.93 -7.73 14.36
N GLY C 167 14.73 -7.81 15.43
CA GLY C 167 14.35 -7.22 16.70
C GLY C 167 15.41 -6.23 17.19
N GLY C 168 15.12 -5.64 18.34
CA GLY C 168 16.01 -4.70 18.97
C GLY C 168 15.90 -4.73 20.48
N ASN C 169 16.12 -3.58 21.12
CA ASN C 169 16.04 -3.49 22.58
C ASN C 169 14.60 -3.24 22.97
N GLY C 170 13.85 -4.33 23.17
CA GLY C 170 12.47 -4.22 23.61
C GLY C 170 11.44 -4.15 22.50
N PHE C 171 11.80 -4.49 21.27
CA PHE C 171 10.84 -4.47 20.17
C PHE C 171 11.27 -5.49 19.12
N LEU C 172 10.28 -6.05 18.44
CA LEU C 172 10.49 -6.93 17.29
C LEU C 172 9.81 -6.29 16.09
N LYS C 173 10.61 -5.95 15.07
CA LYS C 173 10.08 -5.25 13.91
C LYS C 173 9.26 -6.17 13.04
N PHE C 174 8.11 -5.68 12.59
CA PHE C 174 7.21 -6.42 11.71
C PHE C 174 7.30 -5.82 10.31
N GLN C 175 7.89 -6.56 9.39
CA GLN C 175 8.00 -6.18 7.98
C GLN C 175 8.75 -4.87 7.78
N ASP C 176 9.65 -4.52 8.71
CA ASP C 176 10.48 -3.32 8.66
C ASP C 176 9.67 -2.03 8.60
N SER C 177 8.44 -2.04 9.11
CA SER C 177 7.62 -0.83 9.15
C SER C 177 6.90 -0.61 10.46
N GLU C 178 6.81 -1.61 11.32
CA GLU C 178 6.11 -1.47 12.59
C GLU C 178 6.76 -2.41 13.60
N GLU C 179 6.49 -2.14 14.87
CA GLU C 179 7.16 -2.83 15.97
C GLU C 179 6.15 -3.23 17.02
N ILE C 180 6.40 -4.37 17.65
CA ILE C 180 5.60 -4.83 18.79
C ILE C 180 6.51 -4.74 20.02
N THR C 181 6.20 -3.78 20.90
CA THR C 181 7.02 -3.57 22.08
C THR C 181 6.80 -4.68 23.09
N ASN C 182 7.71 -4.76 24.07
CA ASN C 182 7.55 -5.73 25.14
C ASN C 182 6.30 -5.44 25.96
N ILE C 183 5.98 -4.16 26.14
CA ILE C 183 4.79 -3.77 26.90
C ILE C 183 3.53 -4.24 26.18
N GLU C 184 3.48 -4.06 24.85
CA GLU C 184 2.31 -4.46 24.10
C GLU C 184 2.10 -5.97 24.14
N LEU C 185 3.18 -6.74 23.97
CA LEU C 185 3.06 -8.20 24.03
C LEU C 185 2.67 -8.66 25.42
N ALA C 186 3.24 -8.01 26.46
CA ALA C 186 2.87 -8.35 27.83
C ALA C 186 1.40 -8.08 28.08
N ASP C 187 0.89 -6.95 27.61
CA ASP C 187 -0.53 -6.64 27.77
C ASP C 187 -1.40 -7.63 27.03
N ALA C 188 -1.01 -8.02 25.80
CA ALA C 188 -1.79 -8.99 25.05
C ALA C 188 -1.85 -10.33 25.78
N PHE C 189 -0.70 -10.77 26.31
CA PHE C 189 -0.68 -12.03 27.06
C PHE C 189 -1.48 -11.92 28.35
N GLU C 190 -1.48 -10.74 28.97
CA GLU C 190 -2.30 -10.54 30.17
C GLU C 190 -3.79 -10.63 29.85
N GLN C 191 -4.22 -10.04 28.72
CA GLN C 191 -5.61 -10.19 28.32
C GLN C 191 -5.95 -11.65 28.04
N MET C 192 -5.03 -12.37 27.39
CA MET C 192 -5.24 -13.80 27.15
C MET C 192 -5.38 -14.56 28.46
N TRP C 193 -4.61 -14.18 29.48
CA TRP C 193 -4.71 -14.85 30.77
C TRP C 193 -6.02 -14.52 31.48
N GLN C 194 -6.40 -13.25 31.49
CA GLN C 194 -7.63 -12.85 32.18
C GLN C 194 -8.86 -13.50 31.55
N LYS C 195 -8.90 -13.58 30.22
CA LYS C 195 -9.97 -14.32 29.58
C LYS C 195 -9.83 -15.83 29.78
N ARG C 196 -8.69 -16.28 30.30
CA ARG C 196 -8.43 -17.70 30.54
C ARG C 196 -8.49 -18.49 29.23
N ARG C 197 -7.60 -18.15 28.31
CA ARG C 197 -7.54 -18.78 27.01
C ARG C 197 -6.26 -19.58 26.79
N TYR C 198 -5.36 -19.64 27.76
CA TYR C 198 -4.19 -20.50 27.69
C TYR C 198 -3.94 -21.11 29.06
N ASN C 199 -3.58 -22.39 29.07
CA ASN C 199 -3.16 -23.02 30.33
C ASN C 199 -1.71 -22.67 30.64
N GLU C 200 -0.82 -22.77 29.65
CA GLU C 200 0.57 -22.37 29.78
C GLU C 200 1.06 -21.93 28.41
N LEU C 201 1.93 -20.92 28.41
CA LEU C 201 2.39 -20.31 27.16
C LEU C 201 3.90 -20.45 27.05
N LEU C 202 4.37 -20.85 25.87
CA LEU C 202 5.79 -20.98 25.56
C LEU C 202 6.12 -20.00 24.45
N PHE C 203 6.72 -18.87 24.81
CA PHE C 203 7.05 -17.81 23.85
C PHE C 203 8.50 -17.99 23.42
N ILE C 204 8.69 -18.56 22.25
CA ILE C 204 10.03 -18.73 21.67
C ILE C 204 10.25 -17.59 20.67
N ILE C 205 11.34 -16.86 20.85
CA ILE C 205 11.69 -15.75 19.98
C ILE C 205 13.13 -15.94 19.51
N ASP C 206 13.34 -15.77 18.21
CA ASP C 206 14.66 -15.91 17.58
C ASP C 206 14.99 -14.59 16.90
N THR C 207 15.70 -13.71 17.61
CA THR C 207 16.00 -12.39 17.09
C THR C 207 17.17 -11.80 17.87
N CYS C 208 17.70 -10.70 17.34
CA CYS C 208 18.73 -9.95 18.05
C CYS C 208 18.15 -9.31 19.29
N GLN C 209 18.88 -9.42 20.41
CA GLN C 209 18.42 -8.94 21.71
C GLN C 209 17.04 -9.51 22.04
N GLY C 210 16.95 -10.85 21.91
CA GLY C 210 15.68 -11.52 22.10
C GLY C 210 15.21 -11.58 23.53
N ALA C 211 16.12 -11.44 24.50
CA ALA C 211 15.72 -11.47 25.90
C ALA C 211 14.94 -10.24 26.32
N SER C 212 15.00 -9.16 25.54
CA SER C 212 14.34 -7.92 25.92
C SER C 212 12.82 -7.99 25.75
N MET C 213 12.32 -8.97 25.02
CA MET C 213 10.88 -9.04 24.76
C MET C 213 10.11 -9.51 25.99
N TYR C 214 10.68 -10.44 26.75
CA TYR C 214 10.01 -10.99 27.91
C TYR C 214 10.47 -10.37 29.23
N GLU C 215 11.10 -9.19 29.17
CA GLU C 215 11.47 -8.50 30.39
C GLU C 215 10.27 -7.88 31.09
N ARG C 216 9.17 -7.68 30.38
CA ARG C 216 7.98 -7.03 30.94
C ARG C 216 6.81 -7.98 31.11
N PHE C 217 7.01 -9.28 30.94
CA PHE C 217 5.94 -10.23 31.15
C PHE C 217 5.58 -10.30 32.63
N TYR C 218 4.28 -10.23 32.93
CA TYR C 218 3.81 -10.34 34.29
C TYR C 218 2.67 -11.32 34.47
N SER C 219 2.04 -11.79 33.40
CA SER C 219 1.02 -12.81 33.53
C SER C 219 1.65 -14.14 33.94
N PRO C 220 0.93 -14.96 34.70
CA PRO C 220 1.49 -16.23 35.15
C PRO C 220 1.41 -17.30 34.07
N ASN C 221 2.08 -18.42 34.36
CA ASN C 221 2.11 -19.59 33.48
C ASN C 221 2.69 -19.27 32.10
N ILE C 222 3.69 -18.39 32.06
CA ILE C 222 4.38 -18.05 30.82
C ILE C 222 5.88 -18.31 31.03
N MET C 223 6.47 -19.09 30.12
CA MET C 223 7.91 -19.30 30.10
C MET C 223 8.42 -18.95 28.71
N ALA C 224 9.49 -18.16 28.66
CA ALA C 224 9.96 -17.57 27.42
C ALA C 224 11.39 -17.97 27.13
N LEU C 225 11.70 -18.19 25.86
CA LEU C 225 13.02 -18.56 25.40
C LEU C 225 13.53 -17.51 24.42
N ALA C 226 14.81 -17.16 24.54
CA ALA C 226 15.43 -16.17 23.69
C ALA C 226 16.68 -16.73 23.06
N SER C 227 16.99 -16.25 21.86
CA SER C 227 18.23 -16.63 21.18
C SER C 227 19.43 -15.81 21.63
N SER C 228 19.20 -14.72 22.36
CA SER C 228 20.28 -13.85 22.77
C SER C 228 19.84 -13.04 23.98
N GLN C 229 20.81 -12.50 24.70
CA GLN C 229 20.53 -11.62 25.83
C GLN C 229 20.21 -10.22 25.35
N VAL C 230 20.06 -9.29 26.28
CA VAL C 230 19.63 -7.94 25.93
C VAL C 230 20.69 -7.21 25.11
N GLY C 231 21.97 -7.51 25.34
CA GLY C 231 23.04 -6.86 24.64
C GLY C 231 23.66 -7.61 23.48
N GLU C 232 23.25 -8.86 23.26
CA GLU C 232 23.82 -9.67 22.20
C GLU C 232 23.02 -9.51 20.91
N ASP C 233 23.50 -10.12 19.83
CA ASP C 233 22.82 -10.14 18.55
C ASP C 233 22.75 -11.57 18.03
N SER C 234 21.61 -11.93 17.45
CA SER C 234 21.46 -13.25 16.85
C SER C 234 22.23 -13.31 15.54
N LEU C 235 22.90 -14.44 15.30
CA LEU C 235 23.75 -14.60 14.14
C LEU C 235 23.25 -15.76 13.29
N SER C 236 23.55 -15.68 12.00
CA SER C 236 23.00 -16.60 11.02
C SER C 236 23.80 -17.91 10.97
N HIS C 237 23.38 -18.79 10.07
CA HIS C 237 24.00 -20.10 9.89
C HIS C 237 23.80 -20.54 8.45
N GLN C 238 24.74 -21.36 7.97
CA GLN C 238 24.66 -22.01 6.67
C GLN C 238 24.52 -21.02 5.52
N PRO C 239 25.57 -20.27 5.18
CA PRO C 239 25.52 -19.45 3.96
C PRO C 239 25.57 -20.33 2.73
N ASP C 240 24.59 -20.16 1.85
CA ASP C 240 24.45 -21.01 0.67
C ASP C 240 24.65 -20.20 -0.61
N PRO C 241 25.76 -20.37 -1.32
CA PRO C 241 25.94 -19.63 -2.57
C PRO C 241 24.98 -20.05 -3.67
N ALA C 242 24.64 -21.33 -3.74
CA ALA C 242 23.77 -21.81 -4.81
C ALA C 242 22.39 -21.18 -4.72
N ILE C 243 21.77 -21.22 -3.54
CA ILE C 243 20.50 -20.55 -3.35
C ILE C 243 20.69 -19.03 -3.36
N GLY C 244 21.75 -18.55 -2.72
CA GLY C 244 22.09 -17.15 -2.76
C GLY C 244 21.79 -16.35 -1.51
N VAL C 245 21.33 -16.99 -0.44
CA VAL C 245 20.96 -16.32 0.80
C VAL C 245 21.43 -17.17 1.98
N HIS C 246 21.15 -16.68 3.19
CA HIS C 246 21.42 -17.42 4.41
C HIS C 246 20.20 -18.25 4.75
N LEU C 247 20.37 -19.56 4.87
CA LEU C 247 19.22 -20.45 4.94
C LEU C 247 18.53 -20.39 6.30
N MET C 248 19.29 -20.42 7.39
CA MET C 248 18.67 -20.52 8.71
C MET C 248 19.58 -19.89 9.76
N ASP C 249 18.99 -19.64 10.93
CA ASP C 249 19.71 -19.15 12.09
C ASP C 249 20.20 -20.31 12.94
N ARG C 250 21.25 -20.03 13.73
CA ARG C 250 21.85 -21.08 14.56
C ARG C 250 20.87 -21.58 15.62
N TYR C 251 20.17 -20.67 16.28
CA TYR C 251 19.28 -21.05 17.36
C TYR C 251 18.17 -21.98 16.87
N THR C 252 17.48 -21.57 15.79
CA THR C 252 16.40 -22.40 15.28
C THR C 252 16.93 -23.67 14.62
N PHE C 253 18.09 -23.61 13.98
CA PHE C 253 18.67 -24.82 13.40
C PHE C 253 18.95 -25.86 14.47
N TYR C 254 19.52 -25.44 15.60
CA TYR C 254 19.82 -26.39 16.66
C TYR C 254 18.57 -26.77 17.45
N VAL C 255 17.56 -25.91 17.47
CA VAL C 255 16.27 -26.31 18.04
C VAL C 255 15.65 -27.43 17.20
N LEU C 256 15.72 -27.31 15.87
CA LEU C 256 15.27 -28.39 15.01
C LEU C 256 16.09 -29.65 15.24
N GLU C 257 17.41 -29.50 15.32
CA GLU C 257 18.28 -30.65 15.53
C GLU C 257 17.97 -31.36 16.84
N PHE C 258 17.67 -30.60 17.90
CA PHE C 258 17.27 -31.18 19.16
C PHE C 258 15.88 -31.81 19.07
N LEU C 259 15.00 -31.25 18.25
CA LEU C 259 13.65 -31.76 18.05
C LEU C 259 13.58 -32.90 17.04
N GLU C 260 14.65 -33.15 16.29
CA GLU C 260 14.68 -34.31 15.43
C GLU C 260 14.87 -35.60 16.20
N GLU C 261 15.36 -35.51 17.44
CA GLU C 261 15.50 -36.66 18.31
C GLU C 261 14.29 -36.86 19.21
N ILE C 262 13.26 -36.02 19.07
CA ILE C 262 12.09 -36.04 19.93
C ILE C 262 10.99 -36.85 19.25
N ASN C 263 10.44 -37.81 19.97
CA ASN C 263 9.33 -38.64 19.53
C ASN C 263 8.19 -38.46 20.52
N PRO C 264 6.98 -38.93 20.18
CA PRO C 264 5.90 -38.87 21.17
C PRO C 264 6.22 -39.60 22.46
N ALA C 265 7.05 -40.64 22.41
CA ALA C 265 7.41 -41.36 23.63
C ALA C 265 8.52 -40.64 24.39
N SER C 266 9.16 -39.64 23.78
CA SER C 266 10.27 -38.95 24.42
C SER C 266 9.80 -38.20 25.65
N GLN C 267 10.57 -38.33 26.74
CA GLN C 267 10.28 -37.67 28.00
C GLN C 267 11.29 -36.56 28.31
N THR C 268 11.70 -35.82 27.29
CA THR C 268 12.71 -34.79 27.49
C THR C 268 12.09 -33.56 28.16
N ASN C 269 12.71 -33.12 29.25
CA ASN C 269 12.22 -31.97 29.99
C ASN C 269 12.64 -30.67 29.31
N MET C 270 12.10 -29.56 29.80
CA MET C 270 12.42 -28.26 29.22
C MET C 270 13.84 -27.81 29.56
N ASN C 271 14.49 -28.44 30.54
CA ASN C 271 15.86 -28.08 30.86
C ASN C 271 16.79 -28.35 29.69
N ASP C 272 16.61 -29.50 29.02
CA ASP C 272 17.43 -29.82 27.87
C ASP C 272 17.20 -28.85 26.73
N LEU C 273 15.97 -28.35 26.58
CA LEU C 273 15.73 -27.27 25.64
C LEU C 273 16.43 -25.99 26.06
N PHE C 274 16.48 -25.71 27.36
CA PHE C 274 17.20 -24.54 27.85
C PHE C 274 18.69 -24.64 27.56
N GLN C 275 19.24 -25.85 27.53
CA GLN C 275 20.66 -26.06 27.31
C GLN C 275 21.05 -26.19 25.84
N VAL C 276 20.09 -26.04 24.92
CA VAL C 276 20.43 -26.19 23.50
C VAL C 276 21.16 -24.95 23.01
N CYS C 277 22.10 -25.16 22.09
CA CYS C 277 22.99 -24.12 21.57
C CYS C 277 23.66 -23.35 22.69
N PRO C 278 24.65 -23.92 23.36
CA PRO C 278 25.42 -23.14 24.34
C PRO C 278 26.23 -22.06 23.65
N LYS C 279 26.96 -21.30 24.48
CA LYS C 279 27.77 -20.22 23.93
C LYS C 279 28.84 -20.73 22.98
N SER C 280 29.20 -22.01 23.07
CA SER C 280 30.19 -22.57 22.16
C SER C 280 29.72 -22.49 20.71
N LEU C 281 28.46 -22.84 20.45
CA LEU C 281 27.91 -22.81 19.09
C LEU C 281 27.24 -21.48 18.76
N CYS C 282 26.22 -21.10 19.53
CA CYS C 282 25.65 -19.76 19.40
C CYS C 282 26.61 -18.75 20.02
N VAL C 283 27.08 -17.81 19.21
CA VAL C 283 27.95 -16.76 19.75
C VAL C 283 27.20 -15.96 20.80
N SER C 284 25.96 -15.60 20.52
CA SER C 284 25.10 -15.02 21.54
C SER C 284 24.60 -16.10 22.49
N THR C 285 24.52 -15.75 23.77
CA THR C 285 24.10 -16.70 24.79
C THR C 285 22.60 -16.66 24.96
N PRO C 286 21.89 -17.77 24.75
CA PRO C 286 20.44 -17.77 24.92
C PRO C 286 20.04 -17.60 26.38
N GLY C 287 18.85 -17.04 26.60
CA GLY C 287 18.34 -16.82 27.92
C GLY C 287 16.89 -17.28 28.05
N HIS C 288 16.41 -17.29 29.29
CA HIS C 288 15.05 -17.74 29.58
C HIS C 288 14.61 -17.18 30.92
N ARG C 289 13.31 -17.22 31.15
CA ARG C 289 12.73 -16.90 32.45
C ARG C 289 11.69 -17.95 32.79
N THR C 290 11.66 -18.37 34.06
CA THR C 290 10.75 -19.41 34.51
C THR C 290 10.07 -19.05 35.83
N ASP C 291 10.25 -17.83 36.33
CA ASP C 291 9.58 -17.44 37.57
C ASP C 291 8.07 -17.38 37.40
N LEU C 292 7.61 -16.92 36.23
CA LEU C 292 6.17 -16.84 35.99
C LEU C 292 5.54 -18.22 35.89
N PHE C 293 6.29 -19.21 35.41
CA PHE C 293 5.77 -20.57 35.32
C PHE C 293 5.59 -21.15 36.72
N GLN C 294 4.44 -21.76 36.98
CA GLN C 294 4.11 -22.29 38.29
C GLN C 294 4.60 -23.71 38.51
N ARG C 295 5.21 -24.34 37.51
CA ARG C 295 5.66 -25.71 37.60
C ARG C 295 7.15 -25.78 37.29
N ASP C 296 7.85 -26.68 37.99
CA ASP C 296 9.30 -26.79 37.82
C ASP C 296 9.62 -27.26 36.40
N PRO C 297 10.53 -26.57 35.70
CA PRO C 297 10.84 -26.99 34.31
C PRO C 297 11.40 -28.39 34.20
N LYS C 298 11.99 -28.93 35.27
CA LYS C 298 12.48 -30.31 35.23
C LYS C 298 11.33 -31.30 35.09
N ASN C 299 10.13 -30.93 35.52
CA ASN C 299 8.96 -31.80 35.46
C ASN C 299 8.05 -31.49 34.27
N VAL C 300 8.43 -30.54 33.42
CA VAL C 300 7.61 -30.15 32.28
C VAL C 300 8.21 -30.80 31.04
N LEU C 301 7.42 -31.60 30.34
CA LEU C 301 7.89 -32.25 29.13
C LEU C 301 7.81 -31.29 27.95
N ILE C 302 8.77 -31.41 27.03
CA ILE C 302 8.75 -30.59 25.83
C ILE C 302 7.54 -30.93 24.95
N THR C 303 7.15 -32.21 24.93
CA THR C 303 5.97 -32.61 24.17
C THR C 303 4.71 -31.88 24.60
N ASP C 304 4.63 -31.45 25.87
CA ASP C 304 3.44 -30.75 26.34
C ASP C 304 3.20 -29.46 25.56
N PHE C 305 4.26 -28.83 25.06
CA PHE C 305 4.11 -27.63 24.24
C PHE C 305 4.28 -27.89 22.75
N PHE C 306 5.15 -28.83 22.36
CA PHE C 306 5.45 -29.04 20.95
C PHE C 306 4.63 -30.14 20.30
N GLY C 307 3.70 -30.75 21.03
CA GLY C 307 2.94 -31.82 20.44
C GLY C 307 1.64 -32.13 21.16
N SER C 308 0.71 -32.77 20.47
CA SER C 308 -0.57 -33.14 21.04
C SER C 308 -0.95 -34.53 20.55
N VAL C 309 -1.25 -35.42 21.50
CA VAL C 309 -1.79 -36.74 21.20
C VAL C 309 -3.27 -36.71 21.54
N ARG C 310 -4.07 -37.38 20.72
CA ARG C 310 -5.52 -37.34 20.89
C ARG C 310 -5.99 -38.42 21.84
N LYS C 311 -6.93 -38.06 22.71
CA LYS C 311 -7.54 -39.03 23.60
C LYS C 311 -8.57 -39.83 22.82
N VAL C 312 -8.50 -41.16 22.94
CA VAL C 312 -9.35 -42.06 22.19
C VAL C 312 -10.03 -43.01 23.18
N GLU C 313 -11.36 -43.11 23.08
CA GLU C 313 -12.14 -43.99 23.93
C GLU C 313 -12.90 -44.98 23.06
N ILE C 314 -12.76 -46.26 23.37
CA ILE C 314 -13.45 -47.29 22.61
C ILE C 314 -14.94 -47.26 22.96
N THR C 315 -15.78 -47.12 21.96
CA THR C 315 -17.22 -47.04 22.16
C THR C 315 -17.81 -48.44 22.31
N THR C 316 -18.55 -48.65 23.40
CA THR C 316 -19.18 -49.94 23.68
C THR C 316 -20.68 -49.82 23.86
N GLU C 317 -21.27 -48.73 23.38
CA GLU C 317 -22.68 -48.47 23.55
C GLU C 317 -23.37 -48.38 22.18
N THR C 318 -24.64 -48.79 22.15
CA THR C 318 -25.46 -48.70 20.96
C THR C 318 -26.81 -48.12 21.34
N ILE C 319 -27.46 -47.50 20.36
CA ILE C 319 -28.69 -46.76 20.62
C ILE C 319 -29.95 -47.47 20.12
N LYS C 320 -29.79 -48.56 19.38
CA LYS C 320 -30.90 -49.46 19.03
C LYS C 320 -32.02 -48.74 18.28
N LEU C 321 -31.70 -48.28 17.07
CA LEU C 321 -32.73 -47.78 16.17
C LEU C 321 -33.62 -48.91 15.67
N GLN C 322 -34.81 -48.55 15.22
CA GLN C 322 -35.75 -49.53 14.68
C GLN C 322 -35.54 -49.68 13.17
N LYS C 340 -41.79 -30.98 -17.76
CA LYS C 340 -41.35 -30.61 -19.11
C LYS C 340 -41.67 -29.14 -19.39
N LEU C 341 -40.80 -28.26 -18.92
CA LEU C 341 -40.96 -26.82 -19.17
C LEU C 341 -40.77 -26.55 -20.65
N MET C 342 -41.76 -25.92 -21.29
CA MET C 342 -41.71 -25.70 -22.72
C MET C 342 -40.60 -24.73 -23.09
N GLU C 343 -40.44 -23.65 -22.33
CA GLU C 343 -39.47 -22.62 -22.67
C GLU C 343 -38.07 -23.07 -22.30
N PRO C 344 -37.14 -23.15 -23.24
CA PRO C 344 -35.76 -23.53 -22.91
C PRO C 344 -35.00 -22.38 -22.26
N LEU C 345 -33.85 -22.72 -21.70
CA LEU C 345 -32.94 -21.76 -21.10
C LEU C 345 -31.82 -21.42 -22.08
N LYS C 346 -31.28 -20.21 -21.94
CA LYS C 346 -30.31 -19.69 -22.90
C LYS C 346 -29.10 -19.14 -22.16
N TYR C 347 -27.93 -19.31 -22.78
CA TYR C 347 -26.70 -18.69 -22.30
C TYR C 347 -26.68 -17.23 -22.67
N ALA C 348 -26.00 -16.44 -21.85
CA ALA C 348 -25.91 -15.00 -22.08
C ALA C 348 -24.91 -14.70 -23.19
N GLU C 349 -25.22 -13.67 -23.98
CA GLU C 349 -24.31 -13.22 -25.02
C GLU C 349 -23.12 -12.53 -24.39
N GLN C 350 -21.91 -12.90 -24.83
CA GLN C 350 -20.71 -12.42 -24.16
C GLN C 350 -20.42 -10.96 -24.50
N LEU C 351 -20.59 -10.57 -25.77
CA LEU C 351 -20.39 -9.19 -26.19
C LEU C 351 -21.59 -8.72 -27.00
N PRO C 352 -22.68 -8.35 -26.34
CA PRO C 352 -23.83 -7.81 -27.06
C PRO C 352 -23.64 -6.33 -27.37
N VAL C 353 -22.98 -6.03 -28.50
CA VAL C 353 -22.60 -4.66 -28.80
C VAL C 353 -23.83 -3.77 -28.94
N ALA C 354 -24.88 -4.26 -29.62
CA ALA C 354 -26.07 -3.46 -29.84
C ALA C 354 -26.75 -3.10 -28.53
N GLN C 355 -26.83 -4.06 -27.59
CA GLN C 355 -27.42 -3.77 -26.30
C GLN C 355 -26.52 -2.87 -25.47
N ILE C 356 -25.20 -3.05 -25.56
CA ILE C 356 -24.26 -2.24 -24.80
C ILE C 356 -24.38 -0.78 -25.20
N ILE C 357 -24.48 -0.51 -26.50
CA ILE C 357 -24.55 0.87 -26.97
C ILE C 357 -25.81 1.55 -26.45
N HIS C 358 -26.95 0.87 -26.48
CA HIS C 358 -28.23 1.48 -26.18
C HIS C 358 -28.67 1.32 -24.74
N GLN C 359 -27.89 0.64 -23.89
CA GLN C 359 -28.28 0.53 -22.49
C GLN C 359 -28.14 1.87 -21.76
N LYS C 360 -27.13 2.65 -22.13
CA LYS C 360 -26.87 3.98 -21.59
C LYS C 360 -27.59 5.02 -22.43
N PRO C 361 -28.34 5.94 -21.83
CA PRO C 361 -29.10 6.91 -22.63
C PRO C 361 -28.18 7.93 -23.29
N LYS C 362 -28.74 8.60 -24.29
CA LYS C 362 -27.96 9.49 -25.13
C LYS C 362 -27.32 10.60 -24.30
N LEU C 363 -26.08 10.94 -24.65
CA LEU C 363 -25.30 11.93 -23.91
C LEU C 363 -25.61 13.33 -24.43
N LYS C 364 -26.18 14.16 -23.57
CA LYS C 364 -26.48 15.54 -23.89
C LYS C 364 -25.54 16.46 -23.13
N ASP C 365 -25.06 17.50 -23.81
CA ASP C 365 -24.15 18.45 -23.17
C ASP C 365 -24.85 19.16 -22.01
N TRP C 366 -24.15 19.26 -20.89
CA TRP C 366 -24.72 19.81 -19.67
C TRP C 366 -24.83 21.33 -19.79
N HIS C 367 -25.98 21.87 -19.40
CA HIS C 367 -26.21 23.29 -19.35
C HIS C 367 -26.87 23.66 -18.03
N PRO C 368 -26.58 24.85 -17.49
CA PRO C 368 -27.13 25.21 -16.19
C PRO C 368 -28.65 25.33 -16.26
N PRO C 369 -29.35 25.02 -15.17
CA PRO C 369 -30.81 25.10 -15.20
C PRO C 369 -31.32 26.51 -15.49
N GLY C 370 -32.41 26.57 -16.25
CA GLY C 370 -33.04 27.85 -16.53
C GLY C 370 -33.51 28.55 -15.27
N GLY C 371 -34.05 27.79 -14.32
CA GLY C 371 -34.42 28.38 -13.05
C GLY C 371 -33.23 28.96 -12.31
N PHE C 372 -32.09 28.26 -12.34
CA PHE C 372 -30.90 28.75 -11.67
C PHE C 372 -30.41 30.05 -12.29
N ILE C 373 -30.32 30.09 -13.62
CA ILE C 373 -29.81 31.30 -14.26
C ILE C 373 -30.78 32.46 -14.05
N LEU C 374 -32.09 32.17 -14.10
CA LEU C 374 -33.08 33.21 -13.83
C LEU C 374 -32.95 33.75 -12.41
N GLY C 375 -32.77 32.87 -11.43
CA GLY C 375 -32.61 33.32 -10.06
C GLY C 375 -31.35 34.13 -9.84
N LEU C 376 -30.25 33.69 -10.45
CA LEU C 376 -28.99 34.44 -10.34
C LEU C 376 -29.14 35.84 -10.93
N TRP C 377 -29.74 35.93 -12.12
CA TRP C 377 -29.91 37.24 -12.75
C TRP C 377 -30.88 38.11 -11.96
N ALA C 378 -31.93 37.51 -11.39
CA ALA C 378 -32.86 38.27 -10.57
C ALA C 378 -32.16 38.84 -9.34
N LEU C 379 -31.33 38.04 -8.68
CA LEU C 379 -30.57 38.55 -7.54
C LEU C 379 -29.63 39.67 -7.96
N ILE C 380 -28.95 39.51 -9.09
CA ILE C 380 -28.00 40.52 -9.54
C ILE C 380 -28.72 41.84 -9.83
N ILE C 381 -29.86 41.78 -10.52
CA ILE C 381 -30.57 43.02 -10.85
C ILE C 381 -31.21 43.61 -9.60
N MET C 382 -31.62 42.78 -8.65
CA MET C 382 -32.15 43.30 -7.39
C MET C 382 -31.09 44.08 -6.63
N VAL C 383 -29.87 43.53 -6.55
CA VAL C 383 -28.77 44.25 -5.91
C VAL C 383 -28.43 45.52 -6.69
N PHE C 384 -28.47 45.43 -8.02
CA PHE C 384 -28.17 46.59 -8.86
C PHE C 384 -29.15 47.73 -8.60
N PHE C 385 -30.44 47.41 -8.47
CA PHE C 385 -31.42 48.46 -8.21
C PHE C 385 -31.35 48.95 -6.77
N LYS C 386 -31.06 48.07 -5.82
CA LYS C 386 -30.88 48.51 -4.44
C LYS C 386 -29.67 49.41 -4.27
N THR C 387 -28.66 49.27 -5.14
CA THR C 387 -27.50 50.16 -5.13
C THR C 387 -27.73 51.44 -5.90
N TYR C 388 -28.30 51.37 -7.10
CA TYR C 388 -28.52 52.52 -7.96
C TYR C 388 -29.84 53.22 -7.68
N GLY C 389 -30.64 52.72 -6.73
CA GLY C 389 -31.90 53.34 -6.39
C GLY C 389 -33.09 52.75 -7.12
N ALA D 4 0.21 67.36 26.20
CA ALA D 4 0.31 67.28 27.66
C ALA D 4 -0.40 66.03 28.18
N ALA D 5 -1.72 66.13 28.34
CA ALA D 5 -2.51 65.02 28.82
C ALA D 5 -2.80 63.99 27.73
N ALA D 6 -2.47 64.29 26.47
CA ALA D 6 -2.70 63.34 25.39
C ALA D 6 -1.88 62.08 25.58
N GLY D 7 -0.60 62.22 25.93
CA GLY D 7 0.24 61.06 26.16
C GLY D 7 -0.22 60.23 27.34
N ALA D 8 -0.62 60.88 28.43
CA ALA D 8 -1.13 60.17 29.59
C ALA D 8 -2.46 59.49 29.31
N ALA D 9 -3.30 60.09 28.46
CA ALA D 9 -4.56 59.45 28.09
C ALA D 9 -4.34 58.28 27.14
N ALA D 10 -3.30 58.33 26.31
CA ALA D 10 -3.06 57.28 25.34
C ALA D 10 -2.28 56.10 25.91
N THR D 11 -1.33 56.35 26.81
CA THR D 11 -0.53 55.24 27.34
C THR D 11 -1.36 54.33 28.23
N HIS D 12 -2.28 54.89 29.02
CA HIS D 12 -3.17 54.06 29.82
C HIS D 12 -4.06 53.20 28.94
N LEU D 13 -4.56 53.77 27.84
CA LEU D 13 -5.38 53.02 26.91
C LEU D 13 -4.60 51.89 26.26
N GLU D 14 -3.34 52.16 25.88
CA GLU D 14 -2.51 51.12 25.30
C GLU D 14 -2.21 50.01 26.30
N VAL D 15 -1.93 50.36 27.55
CA VAL D 15 -1.70 49.34 28.58
C VAL D 15 -2.96 48.51 28.80
N ALA D 16 -4.13 49.15 28.84
CA ALA D 16 -5.37 48.41 29.01
C ALA D 16 -5.63 47.49 27.83
N ARG D 17 -5.34 47.94 26.61
CA ARG D 17 -5.52 47.10 25.44
C ARG D 17 -4.58 45.90 25.46
N GLY D 18 -3.33 46.11 25.88
CA GLY D 18 -2.43 44.99 26.06
C GLY D 18 -2.90 44.01 27.11
N LYS D 19 -3.45 44.53 28.22
CA LYS D 19 -4.01 43.66 29.25
C LYS D 19 -5.16 42.84 28.68
N ARG D 20 -6.04 43.47 27.89
CA ARG D 20 -7.16 42.74 27.31
C ARG D 20 -6.67 41.68 26.32
N ALA D 21 -5.64 41.99 25.54
CA ALA D 21 -5.10 41.01 24.61
C ALA D 21 -4.50 39.82 25.35
N ALA D 22 -3.74 40.07 26.43
CA ALA D 22 -3.20 38.97 27.22
C ALA D 22 -4.30 38.15 27.86
N LEU D 23 -5.34 38.81 28.37
CA LEU D 23 -6.45 38.09 28.95
C LEU D 23 -7.14 37.22 27.91
N PHE D 24 -7.34 37.74 26.71
CA PHE D 24 -7.95 36.94 25.65
C PHE D 24 -7.10 35.72 25.33
N PHE D 25 -5.78 35.92 25.18
CA PHE D 25 -4.91 34.80 24.85
C PHE D 25 -4.99 33.72 25.91
N ALA D 26 -4.80 34.09 27.18
CA ALA D 26 -4.82 33.09 28.25
C ALA D 26 -6.20 32.43 28.37
N ALA D 27 -7.26 33.24 28.35
CA ALA D 27 -8.60 32.71 28.54
C ALA D 27 -9.00 31.76 27.42
N VAL D 28 -8.68 32.11 26.17
CA VAL D 28 -8.98 31.19 25.09
C VAL D 28 -8.12 29.94 25.20
N ALA D 29 -6.81 30.09 25.37
CA ALA D 29 -5.92 28.94 25.43
C ALA D 29 -6.23 28.00 26.59
N ILE D 30 -6.97 28.46 27.60
CA ILE D 30 -7.47 27.58 28.65
C ILE D 30 -8.86 27.04 28.29
N VAL D 31 -9.84 27.93 28.13
CA VAL D 31 -11.25 27.53 28.05
C VAL D 31 -11.51 26.70 26.80
N LEU D 32 -10.97 27.11 25.65
CA LEU D 32 -11.08 26.30 24.45
C LEU D 32 -9.90 25.37 24.27
N GLY D 33 -8.76 25.70 24.87
CA GLY D 33 -7.56 24.90 24.67
C GLY D 33 -7.62 23.54 25.34
N LEU D 34 -7.98 23.51 26.62
CA LEU D 34 -7.88 22.27 27.38
C LEU D 34 -9.06 21.33 27.11
N PRO D 35 -10.31 21.82 27.12
CA PRO D 35 -11.42 20.93 26.74
C PRO D 35 -11.28 20.34 25.35
N LEU D 36 -10.81 21.12 24.38
CA LEU D 36 -10.64 20.59 23.03
C LEU D 36 -9.58 19.49 23.01
N TRP D 37 -8.46 19.71 23.70
CA TRP D 37 -7.42 18.69 23.77
C TRP D 37 -7.95 17.41 24.40
N TRP D 38 -8.66 17.54 25.53
CA TRP D 38 -9.17 16.36 26.21
C TRP D 38 -10.19 15.63 25.35
N LYS D 39 -11.07 16.37 24.66
CA LYS D 39 -12.09 15.74 23.85
C LYS D 39 -11.52 15.08 22.61
N THR D 40 -10.46 15.65 22.02
CA THR D 40 -9.92 15.14 20.77
C THR D 40 -8.77 14.17 20.94
N THR D 41 -8.24 14.01 22.15
CA THR D 41 -7.19 13.03 22.38
C THR D 41 -7.58 11.93 23.35
N GLU D 42 -8.81 11.95 23.87
CA GLU D 42 -9.25 10.91 24.78
C GLU D 42 -9.56 9.63 24.02
N THR D 43 -9.68 8.54 24.77
CA THR D 43 -10.19 7.27 24.27
C THR D 43 -11.63 7.15 24.76
N TYR D 44 -12.58 7.14 23.82
CA TYR D 44 -13.98 7.16 24.17
C TYR D 44 -14.35 5.94 24.99
N ARG D 45 -15.11 6.16 26.06
CA ARG D 45 -15.51 5.10 26.98
C ARG D 45 -16.93 5.36 27.44
N ALA D 46 -17.89 4.62 26.88
CA ALA D 46 -19.26 4.72 27.34
C ALA D 46 -19.41 4.10 28.72
N SER D 47 -20.46 4.49 29.42
CA SER D 47 -20.67 4.02 30.77
C SER D 47 -21.02 2.53 30.79
N LEU D 48 -20.49 1.82 31.77
CA LEU D 48 -20.77 0.40 31.97
C LEU D 48 -21.18 0.15 33.41
N PRO D 49 -22.01 -0.86 33.66
CA PRO D 49 -22.44 -1.16 35.04
C PRO D 49 -21.36 -1.88 35.86
N TYR D 50 -20.36 -1.11 36.29
CA TYR D 50 -19.26 -1.69 37.05
C TYR D 50 -19.75 -2.24 38.40
N SER D 51 -20.66 -1.53 39.06
CA SER D 51 -21.19 -2.01 40.33
C SER D 51 -21.95 -3.32 40.15
N GLN D 52 -22.77 -3.40 39.10
CA GLN D 52 -23.50 -4.64 38.83
C GLN D 52 -22.55 -5.78 38.47
N ILE D 53 -21.48 -5.49 37.72
CA ILE D 53 -20.49 -6.52 37.41
C ILE D 53 -19.83 -7.03 38.68
N SER D 54 -19.43 -6.11 39.56
CA SER D 54 -18.83 -6.51 40.83
C SER D 54 -19.78 -7.31 41.68
N GLY D 55 -21.08 -7.01 41.60
CA GLY D 55 -22.06 -7.86 42.26
C GLY D 55 -22.14 -9.23 41.63
N LEU D 56 -22.01 -9.30 40.31
CA LEU D 56 -22.00 -10.58 39.60
C LEU D 56 -20.75 -11.39 39.90
N ASN D 57 -19.70 -10.75 40.40
CA ASN D 57 -18.49 -11.48 40.76
C ASN D 57 -18.77 -12.59 41.77
N ALA D 58 -19.76 -12.37 42.64
CA ALA D 58 -20.20 -13.37 43.63
C ALA D 58 -21.71 -13.56 43.44
N LEU D 59 -22.07 -14.52 42.59
CA LEU D 59 -23.46 -14.79 42.25
C LEU D 59 -23.90 -16.05 42.99
N GLN D 60 -24.91 -15.91 43.85
CA GLN D 60 -25.40 -17.02 44.66
C GLN D 60 -26.48 -17.77 43.87
N LEU D 61 -26.03 -18.55 42.90
CA LEU D 61 -26.96 -19.33 42.10
C LEU D 61 -27.60 -20.44 42.92
N ARG D 62 -28.92 -20.57 42.79
CA ARG D 62 -29.66 -21.68 43.36
C ARG D 62 -30.54 -22.26 42.28
N LEU D 63 -30.67 -23.59 42.26
CA LEU D 63 -31.40 -24.29 41.22
C LEU D 63 -32.59 -25.01 41.84
N MET D 64 -33.77 -24.78 41.29
CA MET D 64 -35.03 -25.33 41.80
C MET D 64 -35.59 -26.34 40.82
N VAL D 65 -35.87 -27.55 41.32
CA VAL D 65 -36.45 -28.62 40.51
C VAL D 65 -37.85 -28.90 41.06
N PRO D 66 -38.90 -28.47 40.37
CA PRO D 66 -40.26 -28.78 40.84
C PRO D 66 -40.63 -30.24 40.63
N VAL D 67 -40.71 -30.99 41.72
CA VAL D 67 -41.12 -32.39 41.68
C VAL D 67 -42.40 -32.54 42.49
N THR D 68 -43.40 -33.20 41.91
CA THR D 68 -44.71 -33.38 42.54
C THR D 68 -44.87 -34.85 42.90
N VAL D 69 -44.74 -35.17 44.18
CA VAL D 69 -44.92 -36.53 44.67
C VAL D 69 -46.42 -36.78 44.88
N VAL D 70 -46.91 -37.90 44.36
CA VAL D 70 -48.32 -38.26 44.46
C VAL D 70 -48.42 -39.58 45.20
N PHE D 71 -49.13 -39.58 46.33
CA PHE D 71 -49.31 -40.77 47.15
C PHE D 71 -50.63 -41.45 46.84
N THR D 72 -50.67 -42.75 47.06
CA THR D 72 -51.88 -43.54 46.84
C THR D 72 -52.15 -44.47 48.03
N LYS D 83 -52.64 -37.62 54.21
CA LYS D 83 -52.59 -37.27 55.62
C LYS D 83 -52.15 -35.82 55.82
N LEU D 84 -51.02 -35.46 55.20
CA LEU D 84 -50.49 -34.10 55.33
C LEU D 84 -49.57 -33.80 54.15
N PRO D 85 -49.85 -32.75 53.37
CA PRO D 85 -48.90 -32.30 52.32
C PRO D 85 -47.68 -31.62 52.93
N PHE D 86 -46.70 -32.46 53.30
CA PHE D 86 -45.54 -31.99 54.04
C PHE D 86 -44.74 -30.94 53.27
N THR D 87 -44.58 -31.16 51.95
CA THR D 87 -43.79 -30.27 51.10
C THR D 87 -42.37 -30.10 51.63
N VAL D 88 -41.72 -31.22 51.93
CA VAL D 88 -40.34 -31.18 52.42
C VAL D 88 -39.41 -30.77 51.28
N VAL D 89 -38.38 -30.00 51.63
CA VAL D 89 -37.42 -29.48 50.65
C VAL D 89 -36.04 -29.97 51.04
N HIS D 90 -35.35 -30.63 50.11
CA HIS D 90 -34.00 -31.12 50.32
C HIS D 90 -33.05 -30.39 49.39
N GLU D 91 -31.99 -29.80 49.95
CA GLU D 91 -31.04 -29.03 49.17
C GLU D 91 -29.63 -29.28 49.66
N ARG D 92 -28.66 -29.09 48.76
CA ARG D 92 -27.25 -29.24 49.10
C ARG D 92 -26.44 -28.34 48.18
N GLU D 93 -25.21 -28.05 48.60
CA GLU D 93 -24.33 -27.16 47.85
C GLU D 93 -22.96 -27.80 47.72
N ILE D 94 -22.58 -28.13 46.50
CA ILE D 94 -21.22 -28.64 46.25
C ILE D 94 -20.22 -27.50 46.38
N PRO D 95 -19.11 -27.71 47.13
CA PRO D 95 -18.10 -26.67 47.34
C PRO D 95 -17.42 -26.22 46.04
N LEU D 96 -17.22 -24.91 45.89
CA LEU D 96 -16.56 -24.34 44.72
C LEU D 96 -15.29 -23.64 45.18
N LYS D 97 -14.25 -23.70 44.36
CA LYS D 97 -12.96 -23.15 44.80
C LYS D 97 -13.00 -21.62 44.85
N TYR D 98 -13.95 -20.99 44.15
CA TYR D 98 -14.01 -19.54 44.08
C TYR D 98 -15.29 -19.02 44.76
N LYS D 99 -15.50 -17.71 44.63
CA LYS D 99 -16.59 -17.06 45.35
C LYS D 99 -17.96 -17.55 44.87
N MET D 100 -18.11 -17.75 43.57
CA MET D 100 -19.40 -18.20 43.03
C MET D 100 -19.74 -19.58 43.56
N LYS D 101 -20.94 -19.71 44.10
CA LYS D 101 -21.41 -20.97 44.68
C LYS D 101 -22.77 -21.33 44.09
N ILE D 102 -23.08 -22.62 44.10
CA ILE D 102 -24.36 -23.13 43.63
C ILE D 102 -24.98 -23.99 44.73
N LYS D 103 -26.30 -24.20 44.64
CA LYS D 103 -27.04 -25.00 45.60
C LYS D 103 -28.28 -25.56 44.92
N CYS D 104 -28.26 -26.85 44.64
CA CYS D 104 -29.42 -27.52 44.05
C CYS D 104 -30.51 -27.70 45.09
N ARG D 105 -31.74 -27.35 44.72
CA ARG D 105 -32.88 -27.38 45.63
C ARG D 105 -33.98 -28.26 45.03
N PHE D 106 -34.57 -29.11 45.87
CA PHE D 106 -35.65 -30.00 45.46
C PHE D 106 -36.91 -29.59 46.22
N GLN D 107 -37.94 -29.19 45.48
CA GLN D 107 -39.22 -28.82 46.07
C GLN D 107 -40.24 -29.92 45.73
N LYS D 108 -40.59 -30.73 46.72
CA LYS D 108 -41.49 -31.86 46.55
C LYS D 108 -42.87 -31.46 47.06
N ALA D 109 -43.88 -31.60 46.20
CA ALA D 109 -45.22 -31.10 46.54
C ALA D 109 -45.93 -32.03 47.53
N TYR D 110 -45.71 -33.34 47.42
CA TYR D 110 -46.40 -34.34 48.24
C TYR D 110 -47.91 -34.25 48.10
N ARG D 111 -48.39 -34.02 46.88
CA ARG D 111 -49.82 -33.94 46.64
C ARG D 111 -50.48 -35.31 46.77
N ARG D 112 -51.73 -35.32 47.24
CA ARG D 112 -52.49 -36.56 47.30
C ARG D 112 -53.09 -36.88 45.93
N ALA D 113 -53.38 -38.16 45.72
CA ALA D 113 -53.85 -38.63 44.42
C ALA D 113 -55.20 -38.02 44.09
N LEU D 114 -55.39 -37.71 42.80
CA LEU D 114 -56.63 -37.15 42.28
C LEU D 114 -57.43 -38.17 41.48
N ASP D 115 -56.88 -39.36 41.25
CA ASP D 115 -57.53 -40.41 40.48
C ASP D 115 -57.91 -39.94 39.07
N VAL D 126 -46.24 -51.33 33.72
CA VAL D 126 -46.02 -49.99 34.23
C VAL D 126 -46.02 -48.98 33.09
N GLN D 127 -45.43 -49.39 31.95
CA GLN D 127 -45.42 -48.52 30.78
C GLN D 127 -46.83 -48.21 30.31
N GLU D 128 -47.77 -49.11 30.54
CA GLU D 128 -49.17 -48.84 30.20
C GLU D 128 -49.71 -47.69 31.02
N ALA D 129 -49.41 -47.65 32.32
CA ALA D 129 -49.97 -46.64 33.19
C ALA D 129 -49.47 -45.25 32.83
N GLU D 130 -48.15 -45.09 32.71
CA GLU D 130 -47.57 -43.77 32.49
C GLU D 130 -48.02 -43.17 31.17
N ALA D 131 -48.35 -44.03 30.20
CA ALA D 131 -48.80 -43.52 28.89
C ALA D 131 -50.13 -42.77 29.02
N MET D 132 -51.04 -43.29 29.84
CA MET D 132 -52.39 -42.72 29.92
C MET D 132 -52.56 -41.70 31.05
N LEU D 133 -51.77 -41.78 32.11
CA LEU D 133 -51.95 -40.88 33.24
C LEU D 133 -51.21 -39.56 33.02
N ASP D 134 -50.11 -39.58 32.27
CA ASP D 134 -49.33 -38.37 32.06
C ASP D 134 -50.08 -37.39 31.17
N GLU D 135 -50.12 -36.13 31.59
CA GLU D 135 -50.78 -35.09 30.83
C GLU D 135 -49.74 -34.38 29.98
N PRO D 136 -49.79 -34.49 28.65
CA PRO D 136 -48.79 -33.79 27.82
C PRO D 136 -48.82 -32.29 27.97
N GLN D 137 -49.99 -31.70 28.22
CA GLN D 137 -50.08 -30.25 28.39
C GLN D 137 -49.29 -29.78 29.60
N GLU D 138 -49.39 -30.52 30.72
CA GLU D 138 -48.69 -30.16 31.95
C GLU D 138 -47.26 -30.72 31.89
N GLN D 139 -46.48 -30.15 30.97
CA GLN D 139 -45.07 -30.51 30.81
C GLN D 139 -44.24 -29.24 31.00
N ALA D 140 -43.37 -29.26 32.00
CA ALA D 140 -42.49 -28.14 32.29
C ALA D 140 -41.05 -28.62 32.32
N GLU D 141 -40.17 -27.83 31.71
CA GLU D 141 -38.78 -28.23 31.58
C GLU D 141 -38.12 -28.31 32.95
N GLY D 142 -37.35 -29.39 33.16
CA GLY D 142 -36.68 -29.58 34.43
C GLY D 142 -37.60 -29.83 35.59
N SER D 143 -38.78 -30.39 35.36
CA SER D 143 -39.76 -30.65 36.41
C SER D 143 -40.08 -32.14 36.41
N LEU D 144 -39.74 -32.82 37.51
CA LEU D 144 -40.04 -34.23 37.64
C LEU D 144 -41.44 -34.43 38.21
N THR D 145 -41.94 -35.66 38.08
CA THR D 145 -43.25 -36.03 38.61
C THR D 145 -43.21 -37.50 38.96
N VAL D 146 -43.10 -37.81 40.25
CA VAL D 146 -43.03 -39.19 40.72
C VAL D 146 -44.38 -39.58 41.30
N TYR D 147 -44.63 -40.89 41.31
CA TYR D 147 -45.90 -41.45 41.78
C TYR D 147 -45.60 -42.52 42.82
N VAL D 148 -46.15 -42.35 44.02
CA VAL D 148 -46.01 -43.38 45.04
C VAL D 148 -46.92 -44.54 44.72
N ILE D 149 -46.36 -45.75 44.74
CA ILE D 149 -47.11 -46.98 44.49
C ILE D 149 -47.01 -47.85 45.74
N SER D 150 -48.00 -48.71 45.90
CA SER D 150 -48.07 -49.55 47.09
C SER D 150 -46.89 -50.52 47.14
N GLU D 151 -46.52 -50.91 48.36
CA GLU D 151 -45.43 -51.86 48.53
C GLU D 151 -45.75 -53.22 47.93
N HIS D 152 -47.03 -53.48 47.62
CA HIS D 152 -47.46 -54.72 46.98
C HIS D 152 -48.38 -54.43 45.81
N SER D 153 -48.22 -53.27 45.17
CA SER D 153 -49.13 -52.90 44.08
C SER D 153 -48.92 -53.78 42.85
N SER D 154 -47.72 -54.35 42.70
CA SER D 154 -47.32 -55.22 41.61
C SER D 154 -47.33 -54.52 40.26
N LEU D 155 -47.41 -53.19 40.23
CA LEU D 155 -47.27 -52.47 38.97
C LEU D 155 -45.87 -52.68 38.40
N LEU D 156 -44.87 -52.65 39.25
CA LEU D 156 -43.50 -53.03 38.93
C LEU D 156 -43.16 -54.35 39.63
N PRO D 157 -42.21 -55.12 39.10
CA PRO D 157 -41.84 -56.37 39.76
C PRO D 157 -41.39 -56.13 41.20
N GLN D 158 -41.74 -57.09 42.07
CA GLN D 158 -41.46 -56.94 43.49
C GLN D 158 -39.96 -56.79 43.78
N ASP D 159 -39.10 -57.26 42.88
CA ASP D 159 -37.67 -57.06 43.04
C ASP D 159 -37.26 -55.63 42.68
N MET D 160 -38.10 -54.91 41.96
CA MET D 160 -37.82 -53.53 41.56
C MET D 160 -38.63 -52.60 42.46
N MET D 161 -37.93 -51.71 43.17
CA MET D 161 -38.58 -50.84 44.13
C MET D 161 -38.77 -49.42 43.59
N SER D 162 -37.94 -49.00 42.63
CA SER D 162 -38.06 -47.69 42.00
C SER D 162 -38.10 -47.88 40.49
N TYR D 163 -38.96 -47.12 39.82
CA TYR D 163 -39.07 -47.15 38.37
C TYR D 163 -38.74 -45.78 37.81
N ILE D 164 -37.79 -45.73 36.87
CA ILE D 164 -37.39 -44.48 36.24
C ILE D 164 -37.73 -44.54 34.76
N GLY D 165 -38.90 -44.02 34.41
CA GLY D 165 -39.33 -44.02 33.03
C GLY D 165 -38.91 -42.77 32.30
N PRO D 166 -39.37 -42.65 31.06
CA PRO D 166 -39.09 -41.44 30.28
C PRO D 166 -40.12 -40.36 30.55
N LYS D 167 -39.87 -39.19 29.97
CA LYS D 167 -40.77 -38.04 30.02
C LYS D 167 -41.04 -37.57 31.45
N ARG D 168 -39.97 -37.49 32.25
CA ARG D 168 -40.01 -36.88 33.57
C ARG D 168 -41.05 -37.52 34.48
N THR D 169 -41.16 -38.85 34.43
CA THR D 169 -42.13 -39.58 35.22
C THR D 169 -41.45 -40.77 35.88
N ALA D 170 -41.64 -40.91 37.19
CA ALA D 170 -41.04 -41.99 37.96
C ALA D 170 -42.08 -42.59 38.89
N VAL D 171 -41.78 -43.78 39.41
CA VAL D 171 -42.65 -44.48 40.33
C VAL D 171 -41.79 -45.06 41.45
N VAL D 172 -42.22 -44.86 42.70
CA VAL D 172 -41.49 -45.33 43.87
C VAL D 172 -42.45 -46.06 44.79
N ARG D 173 -42.03 -47.24 45.23
CA ARG D 173 -42.85 -48.04 46.14
C ARG D 173 -42.91 -47.40 47.53
N GLY D 174 -44.03 -47.64 48.21
CA GLY D 174 -44.24 -47.10 49.53
C GLY D 174 -45.64 -47.34 50.06
N ALA D 180 -46.76 -39.37 54.56
CA ALA D 180 -45.35 -39.16 54.27
C ALA D 180 -44.47 -39.79 55.34
N PHE D 181 -43.25 -40.20 54.95
CA PHE D 181 -42.31 -40.80 55.88
C PHE D 181 -40.89 -40.55 55.38
N ASN D 182 -39.93 -40.60 56.32
CA ASN D 182 -38.54 -40.36 55.97
C ASN D 182 -37.97 -41.48 55.10
N ILE D 183 -38.37 -42.73 55.35
CA ILE D 183 -37.85 -43.85 54.58
C ILE D 183 -38.23 -43.72 53.11
N ILE D 184 -39.49 -43.40 52.83
CA ILE D 184 -39.92 -43.23 51.44
C ILE D 184 -39.35 -41.93 50.87
N GLY D 185 -39.29 -40.88 51.68
CA GLY D 185 -38.73 -39.62 51.21
C GLY D 185 -37.28 -39.75 50.76
N ARG D 186 -36.50 -40.58 51.45
CA ARG D 186 -35.15 -40.87 50.99
C ARG D 186 -35.15 -41.52 49.61
N ARG D 187 -36.14 -42.39 49.35
CA ARG D 187 -36.26 -43.00 48.04
C ARG D 187 -36.57 -41.96 46.96
N ILE D 188 -37.49 -41.02 47.27
CA ILE D 188 -37.76 -39.96 46.30
C ILE D 188 -36.51 -39.12 46.05
N VAL D 189 -35.76 -38.82 47.11
CA VAL D 189 -34.54 -38.02 46.96
C VAL D 189 -33.54 -38.75 46.07
N GLN D 190 -33.36 -40.05 46.31
CA GLN D 190 -32.42 -40.84 45.51
C GLN D 190 -32.85 -40.89 44.05
N VAL D 191 -34.15 -41.11 43.80
CA VAL D 191 -34.64 -41.17 42.42
C VAL D 191 -34.46 -39.82 41.73
N ALA D 192 -34.79 -38.74 42.42
CA ALA D 192 -34.65 -37.41 41.83
C ALA D 192 -33.18 -37.09 41.54
N GLN D 193 -32.29 -37.48 42.44
CA GLN D 193 -30.86 -37.31 42.19
C GLN D 193 -30.43 -38.10 40.97
N ALA D 194 -30.97 -39.32 40.81
CA ALA D 194 -30.67 -40.11 39.63
C ALA D 194 -31.16 -39.45 38.36
N MET D 195 -32.33 -38.81 38.41
CA MET D 195 -32.96 -38.25 37.21
C MET D 195 -32.66 -36.79 36.98
N SER D 196 -32.14 -36.06 37.98
CA SER D 196 -31.95 -34.63 37.78
C SER D 196 -30.99 -34.07 38.83
N LEU D 197 -30.09 -33.20 38.37
CA LEU D 197 -29.26 -32.36 39.24
C LEU D 197 -28.50 -33.16 40.29
N THR D 198 -27.71 -34.13 39.83
CA THR D 198 -26.71 -34.73 40.69
C THR D 198 -25.44 -33.87 40.65
N GLU D 199 -24.57 -34.08 41.62
CA GLU D 199 -23.35 -33.28 41.70
C GLU D 199 -22.44 -33.51 40.50
N ASP D 200 -22.46 -34.73 39.94
CA ASP D 200 -21.58 -35.05 38.83
C ASP D 200 -21.97 -34.32 37.55
N VAL D 201 -23.27 -34.07 37.35
CA VAL D 201 -23.72 -33.39 36.13
C VAL D 201 -23.16 -31.98 36.07
N LEU D 202 -23.23 -31.26 37.18
CA LEU D 202 -22.73 -29.88 37.19
C LEU D 202 -21.21 -29.83 37.19
N ALA D 203 -20.55 -30.83 37.78
CA ALA D 203 -19.10 -30.85 37.81
C ALA D 203 -18.52 -30.81 36.40
N ALA D 204 -19.22 -31.40 35.44
CA ALA D 204 -18.80 -31.30 34.05
C ALA D 204 -19.07 -29.91 33.49
N ALA D 205 -20.20 -29.30 33.87
CA ALA D 205 -20.57 -28.00 33.32
C ALA D 205 -19.58 -26.93 33.75
N LEU D 206 -19.32 -26.82 35.06
CA LEU D 206 -18.36 -25.86 35.59
C LEU D 206 -17.18 -26.64 36.16
N ALA D 207 -16.00 -26.47 35.55
CA ALA D 207 -14.78 -27.10 36.03
C ALA D 207 -13.74 -26.11 36.51
N ASP D 208 -13.81 -24.84 36.08
CA ASP D 208 -12.92 -23.81 36.59
C ASP D 208 -13.21 -23.48 38.04
N HIS D 209 -14.46 -23.58 38.48
CA HIS D 209 -14.83 -23.36 39.87
C HIS D 209 -14.73 -24.62 40.71
N LEU D 210 -14.48 -25.78 40.09
CA LEU D 210 -14.40 -27.02 40.83
C LEU D 210 -13.15 -27.04 41.70
N PRO D 211 -13.22 -27.62 42.89
CA PRO D 211 -12.05 -27.67 43.78
C PRO D 211 -11.10 -28.83 43.56
N GLU D 212 -11.30 -29.62 42.51
CA GLU D 212 -10.43 -30.76 42.23
C GLU D 212 -9.15 -30.31 41.54
N GLU D 218 -10.00 -36.71 32.94
CA GLU D 218 -11.29 -36.75 32.22
C GLU D 218 -12.12 -35.54 32.63
N LYS D 219 -13.35 -35.76 33.11
CA LYS D 219 -14.20 -34.66 33.63
C LYS D 219 -14.58 -33.69 32.50
N ARG D 220 -13.59 -33.07 31.87
CA ARG D 220 -13.87 -32.03 30.84
C ARG D 220 -14.13 -32.68 29.47
N ARG D 221 -14.51 -33.96 29.45
CA ARG D 221 -14.85 -34.64 28.18
C ARG D 221 -16.06 -33.97 27.52
N PRO D 222 -17.17 -33.67 28.24
CA PRO D 222 -18.34 -33.10 27.59
C PRO D 222 -17.95 -32.03 26.57
N LEU D 223 -18.67 -31.99 25.44
CA LEU D 223 -18.56 -30.86 24.49
C LEU D 223 -18.88 -29.58 25.24
N LYS D 224 -18.42 -28.45 24.72
CA LYS D 224 -18.66 -27.14 25.39
C LYS D 224 -19.97 -26.55 24.89
N SER D 225 -20.49 -25.54 25.57
CA SER D 225 -21.75 -24.92 25.18
C SER D 225 -21.57 -24.04 23.97
N SER D 226 -22.59 -24.01 23.12
CA SER D 226 -22.56 -23.19 21.92
C SER D 226 -23.99 -22.97 21.44
N LEU D 227 -24.18 -21.93 20.64
CA LEU D 227 -25.49 -21.64 20.07
C LEU D 227 -25.84 -22.59 18.95
N GLY D 228 -24.87 -23.31 18.40
CA GLY D 228 -25.12 -24.23 17.31
C GLY D 228 -24.00 -25.23 17.18
N TYR D 229 -24.33 -26.37 16.57
CA TYR D 229 -23.36 -27.41 16.28
C TYR D 229 -23.59 -27.93 14.88
N GLU D 230 -22.55 -28.46 14.26
CA GLU D 230 -22.64 -29.05 12.94
C GLU D 230 -22.17 -30.49 12.99
N ILE D 231 -22.95 -31.40 12.41
CA ILE D 231 -22.62 -32.81 12.34
C ILE D 231 -22.29 -33.15 10.89
N THR D 232 -21.10 -33.69 10.67
CA THR D 232 -20.67 -34.08 9.34
C THR D 232 -20.44 -35.59 9.32
N PHE D 233 -21.08 -36.27 8.38
CA PHE D 233 -20.96 -37.71 8.21
C PHE D 233 -20.13 -37.95 6.95
N SER D 234 -18.84 -38.18 7.12
CA SER D 234 -17.94 -38.39 6.00
C SER D 234 -17.68 -39.88 5.80
N LEU D 235 -17.81 -40.34 4.57
CA LEU D 235 -17.51 -41.71 4.21
C LEU D 235 -16.15 -41.75 3.53
N LEU D 236 -15.18 -42.39 4.18
CA LEU D 236 -13.83 -42.50 3.66
C LEU D 236 -13.74 -43.74 2.77
N ASN D 237 -13.38 -43.54 1.51
CA ASN D 237 -13.20 -44.65 0.59
C ASN D 237 -11.78 -44.61 0.03
N PRO D 238 -10.83 -45.22 0.73
CA PRO D 238 -9.43 -45.16 0.28
C PRO D 238 -9.21 -45.77 -1.10
N ASP D 239 -9.98 -46.78 -1.46
CA ASP D 239 -9.71 -47.56 -2.66
C ASP D 239 -10.97 -47.58 -3.52
N PRO D 240 -11.22 -46.55 -4.33
CA PRO D 240 -12.36 -46.61 -5.26
C PRO D 240 -12.24 -47.71 -6.29
N LYS D 241 -11.01 -48.18 -6.58
CA LYS D 241 -10.81 -49.17 -7.62
C LYS D 241 -11.47 -50.50 -7.29
N SER D 242 -11.42 -50.91 -6.03
CA SER D 242 -12.01 -52.18 -5.62
C SER D 242 -13.30 -52.02 -4.80
N HIS D 243 -13.67 -50.80 -4.45
CA HIS D 243 -14.89 -50.58 -3.67
C HIS D 243 -15.72 -49.50 -4.33
N ASP D 244 -17.01 -49.78 -4.54
CA ASP D 244 -17.98 -48.81 -5.01
C ASP D 244 -19.02 -48.64 -3.92
N VAL D 245 -18.78 -47.68 -3.03
CA VAL D 245 -19.56 -47.52 -1.80
C VAL D 245 -20.75 -46.61 -2.07
N TYR D 246 -21.95 -47.10 -1.81
CA TYR D 246 -23.17 -46.31 -1.87
C TYR D 246 -23.86 -46.40 -0.52
N TRP D 247 -24.18 -45.25 0.05
CA TRP D 247 -24.90 -45.22 1.32
C TRP D 247 -26.10 -44.28 1.22
N ASP D 248 -27.21 -44.72 1.80
CA ASP D 248 -28.45 -43.94 1.82
C ASP D 248 -28.40 -42.97 3.00
N ILE D 249 -27.50 -42.00 2.88
CA ILE D 249 -27.32 -41.04 3.97
C ILE D 249 -28.52 -40.13 4.10
N GLU D 250 -29.21 -39.85 3.00
CA GLU D 250 -30.41 -39.01 3.08
C GLU D 250 -31.49 -39.69 3.91
N GLY D 251 -31.79 -40.96 3.61
CA GLY D 251 -32.80 -41.67 4.38
C GLY D 251 -32.39 -41.89 5.82
N ALA D 252 -31.10 -42.19 6.05
CA ALA D 252 -30.62 -42.38 7.41
C ALA D 252 -30.75 -41.10 8.22
N VAL D 253 -30.43 -39.96 7.61
CA VAL D 253 -30.57 -38.68 8.31
C VAL D 253 -32.03 -38.38 8.59
N ARG D 254 -32.91 -38.60 7.60
CA ARG D 254 -34.32 -38.31 7.79
C ARG D 254 -34.94 -39.19 8.88
N ARG D 255 -34.57 -40.47 8.91
CA ARG D 255 -35.29 -41.41 9.77
C ARG D 255 -34.70 -41.45 11.17
N TYR D 256 -33.39 -41.30 11.32
CA TYR D 256 -32.75 -41.45 12.62
C TYR D 256 -32.08 -40.17 13.10
N VAL D 257 -31.17 -39.60 12.31
CA VAL D 257 -30.38 -38.47 12.77
C VAL D 257 -31.27 -37.26 13.04
N GLN D 258 -32.22 -36.99 12.16
CA GLN D 258 -33.04 -35.81 12.34
C GLN D 258 -34.02 -35.94 13.49
N PRO D 259 -34.71 -37.09 13.68
CA PRO D 259 -35.48 -37.24 14.93
C PRO D 259 -34.63 -37.16 16.19
N PHE D 260 -33.43 -37.74 16.16
CA PHE D 260 -32.54 -37.65 17.31
C PHE D 260 -32.18 -36.20 17.61
N LEU D 261 -31.88 -35.42 16.58
CA LEU D 261 -31.45 -34.04 16.80
C LEU D 261 -32.66 -33.14 17.06
N ASN D 262 -33.86 -33.57 16.67
CA ASN D 262 -35.06 -32.85 17.08
C ASN D 262 -35.33 -33.04 18.56
N ALA D 263 -35.09 -34.25 19.05
CA ALA D 263 -35.15 -34.49 20.49
C ALA D 263 -34.07 -33.68 21.21
N LEU D 264 -32.85 -33.68 20.67
CA LEU D 264 -31.72 -33.01 21.29
C LEU D 264 -31.68 -31.51 21.01
N GLY D 265 -32.63 -30.98 20.25
CA GLY D 265 -32.60 -29.58 19.85
C GLY D 265 -32.86 -28.58 20.94
N ALA D 266 -33.16 -29.04 22.16
CA ALA D 266 -33.34 -28.12 23.28
C ALA D 266 -32.05 -27.40 23.62
N ALA D 267 -30.90 -27.97 23.26
CA ALA D 267 -29.60 -27.41 23.60
C ALA D 267 -29.06 -26.46 22.53
N GLY D 268 -29.73 -26.35 21.39
CA GLY D 268 -29.28 -25.44 20.36
C GLY D 268 -29.72 -25.91 18.99
N ASN D 269 -29.15 -25.26 17.97
CA ASN D 269 -29.45 -25.56 16.58
C ASN D 269 -28.41 -26.52 16.03
N PHE D 270 -28.85 -27.48 15.24
CA PHE D 270 -27.99 -28.53 14.71
C PHE D 270 -28.02 -28.50 13.19
N SER D 271 -26.84 -28.62 12.59
CA SER D 271 -26.70 -28.72 11.14
C SER D 271 -26.12 -30.08 10.79
N VAL D 272 -26.74 -30.76 9.84
CA VAL D 272 -26.32 -32.09 9.41
C VAL D 272 -26.02 -32.06 7.92
N ASP D 273 -24.86 -32.55 7.55
CA ASP D 273 -24.47 -32.68 6.15
C ASP D 273 -23.48 -33.84 6.05
N SER D 274 -23.32 -34.36 4.84
CA SER D 274 -22.47 -35.51 4.62
C SER D 274 -21.58 -35.28 3.40
N GLN D 275 -20.55 -36.11 3.29
CA GLN D 275 -19.64 -36.06 2.15
C GLN D 275 -18.99 -37.42 1.99
N ILE D 276 -18.57 -37.72 0.77
CA ILE D 276 -17.81 -38.92 0.46
C ILE D 276 -16.40 -38.49 0.10
N LEU D 277 -15.41 -38.94 0.87
CA LEU D 277 -14.02 -38.57 0.68
C LEU D 277 -13.29 -39.77 0.07
N TYR D 278 -12.92 -39.64 -1.20
CA TYR D 278 -12.21 -40.69 -1.91
C TYR D 278 -10.71 -40.57 -1.67
N TYR D 279 -10.05 -41.72 -1.61
CA TYR D 279 -8.60 -41.79 -1.41
C TYR D 279 -8.18 -41.12 -0.11
N ALA D 280 -9.01 -41.26 0.93
CA ALA D 280 -8.69 -40.76 2.25
C ALA D 280 -8.11 -41.90 3.07
N MET D 281 -6.85 -41.77 3.49
CA MET D 281 -6.09 -42.86 4.05
C MET D 281 -5.82 -42.63 5.53
N LEU D 282 -5.95 -43.68 6.33
CA LEU D 282 -5.54 -43.62 7.73
C LEU D 282 -4.01 -43.52 7.81
N GLY D 283 -3.54 -42.76 8.79
CA GLY D 283 -2.10 -42.54 8.92
C GLY D 283 -1.34 -43.82 9.24
N VAL D 284 -1.83 -44.59 10.21
CA VAL D 284 -1.08 -45.76 10.67
C VAL D 284 -1.47 -46.98 9.85
N ASN D 285 -0.46 -47.74 9.43
CA ASN D 285 -0.64 -48.97 8.67
C ASN D 285 -1.04 -50.09 9.60
N PRO D 286 -2.15 -50.79 9.33
CA PRO D 286 -2.60 -51.86 10.23
C PRO D 286 -1.60 -53.00 10.30
N ARG D 287 -1.57 -53.66 11.45
CA ARG D 287 -0.72 -54.82 11.65
C ARG D 287 -1.45 -56.10 11.30
N PHE D 288 -0.72 -57.03 10.67
CA PHE D 288 -1.28 -58.27 10.17
C PHE D 288 -0.96 -59.43 11.10
N ASP D 289 -1.89 -60.40 11.13
CA ASP D 289 -1.69 -61.66 11.85
C ASP D 289 -1.90 -62.79 10.87
N SER D 290 -0.95 -63.74 10.82
CA SER D 290 -1.06 -64.86 9.90
C SER D 290 -2.14 -65.84 10.32
N ALA D 291 -2.48 -65.86 11.61
CA ALA D 291 -3.46 -66.83 12.11
C ALA D 291 -4.87 -66.48 11.68
N SER D 292 -5.37 -65.31 12.10
CA SER D 292 -6.74 -64.93 11.81
C SER D 292 -6.91 -64.37 10.40
N SER D 293 -5.81 -64.12 9.69
CA SER D 293 -5.85 -63.55 8.34
C SER D 293 -6.61 -62.23 8.31
N SER D 294 -6.46 -61.43 9.37
CA SER D 294 -7.13 -60.15 9.48
C SER D 294 -6.14 -59.11 9.98
N TYR D 295 -6.41 -57.85 9.68
CA TYR D 295 -5.55 -56.74 10.08
C TYR D 295 -6.17 -56.01 11.25
N TYR D 296 -5.31 -55.44 12.10
CA TYR D 296 -5.75 -54.80 13.33
C TYR D 296 -5.18 -53.41 13.46
N LEU D 297 -5.89 -52.58 14.22
CA LEU D 297 -5.44 -51.26 14.64
C LEU D 297 -5.30 -51.30 16.16
N ASP D 298 -4.07 -51.30 16.65
CA ASP D 298 -3.83 -51.40 18.07
C ASP D 298 -4.35 -50.16 18.79
N MET D 299 -4.62 -50.32 20.08
CA MET D 299 -5.14 -49.20 20.88
C MET D 299 -4.16 -48.04 20.92
N HIS D 300 -2.86 -48.33 21.06
CA HIS D 300 -1.85 -47.28 21.05
C HIS D 300 -1.75 -46.58 19.70
N SER D 301 -2.16 -47.25 18.62
CA SER D 301 -2.13 -46.65 17.29
C SER D 301 -3.41 -45.89 16.95
N LEU D 302 -4.44 -45.99 17.80
CA LEU D 302 -5.68 -45.27 17.54
C LEU D 302 -5.53 -43.75 17.56
N PRO D 303 -4.82 -43.14 18.51
CA PRO D 303 -4.76 -41.66 18.53
C PRO D 303 -4.20 -41.05 17.27
N HIS D 304 -3.32 -41.75 16.55
CA HIS D 304 -2.71 -41.22 15.34
C HIS D 304 -3.56 -41.41 14.09
N VAL D 305 -4.73 -42.06 14.22
CA VAL D 305 -5.58 -42.30 13.06
C VAL D 305 -6.22 -41.00 12.58
N ILE D 306 -6.76 -40.20 13.50
CA ILE D 306 -7.64 -39.10 13.12
C ILE D 306 -6.92 -37.84 12.69
N ASN D 307 -5.60 -37.80 12.79
CA ASN D 307 -4.89 -36.58 12.41
C ASN D 307 -4.73 -36.46 10.89
N PRO D 308 -4.29 -37.48 10.17
CA PRO D 308 -4.18 -37.35 8.71
C PRO D 308 -5.50 -37.09 8.01
N VAL D 309 -6.61 -37.66 8.50
CA VAL D 309 -7.88 -37.49 7.81
C VAL D 309 -8.46 -36.10 8.01
N GLU D 310 -8.03 -35.38 9.04
CA GLU D 310 -8.57 -34.05 9.30
C GLU D 310 -8.20 -33.07 8.19
N SER D 311 -7.04 -33.25 7.58
CA SER D 311 -6.64 -32.40 6.47
C SER D 311 -7.60 -32.52 5.30
N ARG D 312 -8.00 -33.76 4.97
CA ARG D 312 -9.00 -33.95 3.92
C ARG D 312 -10.38 -33.49 4.40
N LEU D 313 -10.65 -33.59 5.69
CA LEU D 313 -11.93 -33.11 6.22
C LEU D 313 -12.08 -31.62 6.00
N GLY D 314 -11.03 -30.85 6.25
CA GLY D 314 -11.03 -29.43 5.99
C GLY D 314 -11.17 -28.61 7.26
N SER D 315 -11.69 -27.40 7.08
CA SER D 315 -11.82 -26.44 8.18
C SER D 315 -13.24 -25.93 8.38
N SER D 316 -14.12 -26.09 7.39
CA SER D 316 -15.49 -25.59 7.45
C SER D 316 -15.51 -24.10 7.74
N ALA D 317 -14.94 -23.34 6.79
CA ALA D 317 -14.77 -21.90 6.99
C ALA D 317 -16.10 -21.16 6.92
N ALA D 318 -17.17 -21.82 6.50
CA ALA D 318 -18.46 -21.14 6.35
C ALA D 318 -18.98 -20.64 7.70
N SER D 319 -18.87 -21.46 8.75
CA SER D 319 -19.40 -21.13 10.05
C SER D 319 -18.38 -21.44 11.15
N LEU D 320 -18.56 -20.79 12.29
CA LEU D 320 -17.64 -20.91 13.42
C LEU D 320 -18.18 -21.78 14.55
N TYR D 321 -19.32 -22.43 14.36
CA TYR D 321 -19.85 -23.31 15.38
C TYR D 321 -18.99 -24.57 15.48
N PRO D 322 -18.99 -25.24 16.64
CA PRO D 322 -18.22 -26.47 16.79
C PRO D 322 -18.67 -27.53 15.79
N VAL D 323 -17.70 -28.30 15.30
CA VAL D 323 -17.95 -29.30 14.27
C VAL D 323 -17.69 -30.68 14.87
N LEU D 324 -18.63 -31.60 14.66
CA LEU D 324 -18.52 -32.98 15.10
C LEU D 324 -18.43 -33.86 13.86
N ASN D 325 -17.27 -34.49 13.66
CA ASN D 325 -17.02 -35.29 12.47
C ASN D 325 -17.19 -36.76 12.82
N PHE D 326 -18.05 -37.46 12.07
CA PHE D 326 -18.34 -38.86 12.28
C PHE D 326 -17.98 -39.61 10.99
N LEU D 327 -16.76 -40.15 10.95
CA LEU D 327 -16.25 -40.79 9.75
C LEU D 327 -16.64 -42.26 9.73
N LEU D 328 -17.00 -42.74 8.54
CA LEU D 328 -17.25 -44.16 8.30
C LEU D 328 -16.16 -44.64 7.35
N TYR D 329 -15.26 -45.49 7.86
CA TYR D 329 -14.07 -45.91 7.13
C TYR D 329 -14.30 -47.30 6.54
N VAL D 330 -14.14 -47.41 5.23
CA VAL D 330 -14.21 -48.69 4.52
C VAL D 330 -12.79 -49.10 4.20
N PRO D 331 -12.24 -50.13 4.85
CA PRO D 331 -10.83 -50.48 4.62
C PRO D 331 -10.57 -50.92 3.19
N GLU D 332 -9.35 -50.64 2.73
CA GLU D 332 -8.94 -51.02 1.38
C GLU D 332 -8.90 -52.54 1.24
N LEU D 333 -8.71 -53.00 0.01
CA LEU D 333 -8.54 -54.43 -0.21
C LEU D 333 -7.24 -54.95 0.38
N ALA D 334 -6.27 -54.06 0.60
CA ALA D 334 -5.00 -54.47 1.19
C ALA D 334 -5.20 -54.97 2.62
N HIS D 335 -6.04 -54.29 3.41
CA HIS D 335 -6.31 -54.68 4.80
C HIS D 335 -7.83 -54.75 4.98
N SER D 336 -8.51 -55.43 4.06
CA SER D 336 -9.97 -55.51 4.10
C SER D 336 -10.53 -55.98 5.43
N PRO D 337 -10.01 -57.05 6.06
CA PRO D 337 -10.53 -57.39 7.40
C PRO D 337 -9.85 -56.57 8.49
N LEU D 338 -10.24 -55.31 8.61
CA LEU D 338 -9.65 -54.40 9.60
C LEU D 338 -10.50 -54.41 10.87
N TYR D 339 -9.86 -54.65 12.00
CA TYR D 339 -10.54 -54.73 13.28
C TYR D 339 -9.82 -53.85 14.30
N ILE D 340 -10.57 -53.17 15.14
CA ILE D 340 -10.01 -52.37 16.21
C ILE D 340 -10.00 -53.18 17.50
N GLN D 341 -8.89 -53.12 18.22
CA GLN D 341 -8.72 -53.88 19.45
C GLN D 341 -8.68 -52.93 20.64
N ASP D 342 -9.23 -53.41 21.76
CA ASP D 342 -9.26 -52.64 23.00
C ASP D 342 -7.98 -52.87 23.80
N LYS D 343 -7.99 -52.42 25.05
CA LYS D 343 -6.81 -52.55 25.91
C LYS D 343 -6.45 -54.01 26.14
N ASP D 344 -7.45 -54.86 26.37
CA ASP D 344 -7.20 -56.27 26.62
C ASP D 344 -6.74 -57.02 25.37
N GLY D 345 -6.81 -56.37 24.21
CA GLY D 345 -6.41 -57.00 22.97
C GLY D 345 -7.52 -57.70 22.21
N ALA D 346 -8.72 -57.78 22.77
CA ALA D 346 -9.84 -58.39 22.09
C ALA D 346 -10.45 -57.41 21.08
N PRO D 347 -11.03 -57.92 20.00
CA PRO D 347 -11.66 -57.03 19.02
C PRO D 347 -12.85 -56.29 19.62
N VAL D 348 -13.07 -55.06 19.15
CA VAL D 348 -14.21 -54.28 19.59
C VAL D 348 -15.47 -54.75 18.85
N ALA D 349 -16.56 -54.92 19.60
CA ALA D 349 -17.80 -55.40 19.01
C ALA D 349 -18.32 -54.41 17.98
N THR D 350 -18.30 -53.12 18.30
CA THR D 350 -18.78 -52.10 17.37
C THR D 350 -17.73 -51.73 16.32
N ASN D 351 -16.47 -52.11 16.52
CA ASN D 351 -15.38 -51.77 15.61
C ASN D 351 -15.30 -50.26 15.38
N ALA D 352 -15.40 -49.50 16.46
CA ALA D 352 -15.40 -48.04 16.37
C ALA D 352 -14.83 -47.45 17.63
N PHE D 353 -14.43 -46.18 17.54
CA PHE D 353 -13.92 -45.44 18.69
C PHE D 353 -14.28 -43.97 18.49
N HIS D 354 -14.38 -43.25 19.61
CA HIS D 354 -14.72 -41.84 19.58
C HIS D 354 -13.69 -41.04 20.38
N SER D 355 -13.43 -39.83 19.92
CA SER D 355 -12.50 -38.92 20.58
C SER D 355 -13.26 -37.76 21.18
N PRO D 356 -12.99 -37.38 22.43
CA PRO D 356 -13.73 -36.29 23.06
C PRO D 356 -13.62 -35.00 22.27
N ARG D 357 -14.75 -34.30 22.15
CA ARG D 357 -14.87 -32.98 21.53
C ARG D 357 -14.54 -32.97 20.05
N TRP D 358 -14.28 -34.14 19.44
CA TRP D 358 -13.98 -34.20 18.02
C TRP D 358 -15.02 -34.98 17.23
N GLY D 359 -15.32 -36.20 17.64
CA GLY D 359 -16.25 -37.04 16.89
C GLY D 359 -15.92 -38.49 17.12
N GLY D 360 -16.17 -39.29 16.08
CA GLY D 360 -15.91 -40.72 16.15
C GLY D 360 -15.59 -41.28 14.78
N ILE D 361 -14.92 -42.42 14.79
CA ILE D 361 -14.54 -43.13 13.57
C ILE D 361 -15.01 -44.58 13.71
N MET D 362 -15.71 -45.08 12.70
CA MET D 362 -16.17 -46.45 12.66
C MET D 362 -15.60 -47.13 11.43
N VAL D 363 -14.97 -48.29 11.64
CA VAL D 363 -14.40 -49.06 10.54
C VAL D 363 -15.47 -50.02 10.03
N TYR D 364 -15.80 -49.90 8.75
CA TYR D 364 -16.90 -50.66 8.15
C TYR D 364 -16.31 -51.74 7.25
N ASN D 365 -16.16 -52.94 7.80
CA ASN D 365 -15.70 -54.08 7.02
C ASN D 365 -16.82 -54.56 6.10
N VAL D 366 -16.45 -55.00 4.91
CA VAL D 366 -17.40 -55.47 3.91
C VAL D 366 -17.41 -56.99 3.90
N ASP D 367 -18.61 -57.57 3.81
CA ASP D 367 -18.76 -59.02 3.84
C ASP D 367 -18.10 -59.66 2.63
N SER D 368 -17.58 -60.87 2.84
CA SER D 368 -16.94 -61.61 1.76
C SER D 368 -17.95 -62.15 0.75
N LYS D 369 -19.24 -62.12 1.06
CA LYS D 369 -20.24 -62.50 0.06
C LYS D 369 -20.22 -61.56 -1.13
N THR D 370 -20.00 -60.26 -0.90
CA THR D 370 -19.79 -59.34 -2.00
C THR D 370 -18.51 -59.66 -2.76
N TYR D 371 -17.45 -60.05 -2.04
CA TYR D 371 -16.20 -60.42 -2.67
C TYR D 371 -16.25 -61.75 -3.41
N ASN D 372 -17.34 -62.51 -3.24
CA ASN D 372 -17.45 -63.81 -3.93
C ASN D 372 -17.28 -63.65 -5.43
N ALA D 373 -17.80 -62.57 -6.00
CA ALA D 373 -17.58 -62.27 -7.41
C ALA D 373 -16.16 -61.74 -7.62
N SER D 374 -15.53 -62.18 -8.70
CA SER D 374 -14.18 -61.75 -9.02
C SER D 374 -14.12 -60.42 -9.74
N VAL D 375 -15.27 -59.87 -10.16
CA VAL D 375 -15.28 -58.60 -10.87
C VAL D 375 -15.12 -57.45 -9.87
N LEU D 376 -14.38 -56.43 -10.29
CA LEU D 376 -14.15 -55.24 -9.48
C LEU D 376 -14.39 -54.00 -10.32
N PRO D 377 -14.83 -52.88 -9.71
CA PRO D 377 -15.11 -52.69 -8.28
C PRO D 377 -16.40 -53.35 -7.83
N VAL D 378 -16.44 -53.85 -6.60
CA VAL D 378 -17.64 -54.49 -6.07
C VAL D 378 -18.53 -53.43 -5.44
N ARG D 379 -19.84 -53.57 -5.65
CA ARG D 379 -20.79 -52.60 -5.12
C ARG D 379 -20.96 -52.83 -3.61
N VAL D 380 -20.75 -51.76 -2.84
CA VAL D 380 -20.86 -51.81 -1.38
C VAL D 380 -22.03 -50.91 -0.99
N GLU D 381 -23.13 -51.53 -0.57
CA GLU D 381 -24.29 -50.80 -0.06
C GLU D 381 -24.29 -50.98 1.45
N VAL D 382 -23.79 -49.96 2.17
CA VAL D 382 -23.60 -50.11 3.60
C VAL D 382 -24.96 -50.12 4.31
N ASP D 383 -24.96 -50.71 5.50
CA ASP D 383 -26.16 -50.79 6.32
C ASP D 383 -26.24 -49.55 7.20
N MET D 384 -27.26 -48.73 7.00
CA MET D 384 -27.34 -47.46 7.69
C MET D 384 -27.74 -47.59 9.15
N VAL D 385 -28.55 -48.59 9.49
CA VAL D 385 -28.97 -48.74 10.89
C VAL D 385 -27.80 -49.08 11.79
N ARG D 386 -26.96 -50.03 11.37
CA ARG D 386 -25.82 -50.43 12.19
C ARG D 386 -24.81 -49.30 12.36
N VAL D 387 -24.55 -48.54 11.30
CA VAL D 387 -23.65 -47.40 11.39
C VAL D 387 -24.25 -46.32 12.28
N MET D 388 -25.53 -46.03 12.08
CA MET D 388 -26.16 -44.90 12.77
C MET D 388 -26.33 -45.18 14.26
N GLU D 389 -26.52 -46.45 14.64
CA GLU D 389 -26.57 -46.79 16.06
C GLU D 389 -25.28 -46.35 16.76
N VAL D 390 -24.14 -46.75 16.20
CA VAL D 390 -22.85 -46.39 16.77
C VAL D 390 -22.66 -44.87 16.75
N PHE D 391 -23.01 -44.23 15.63
CA PHE D 391 -22.79 -42.79 15.53
C PHE D 391 -23.65 -42.02 16.53
N LEU D 392 -24.90 -42.44 16.74
CA LEU D 392 -25.74 -41.75 17.70
C LEU D 392 -25.33 -42.03 19.14
N ALA D 393 -24.85 -43.24 19.43
CA ALA D 393 -24.29 -43.50 20.75
C ALA D 393 -23.07 -42.62 21.00
N GLN D 394 -22.21 -42.46 19.98
CA GLN D 394 -21.06 -41.58 20.12
C GLN D 394 -21.50 -40.13 20.30
N LEU D 395 -22.55 -39.70 19.61
CA LEU D 395 -23.07 -38.35 19.79
C LEU D 395 -23.55 -38.13 21.21
N ARG D 396 -24.29 -39.11 21.76
CA ARG D 396 -24.76 -39.00 23.14
C ARG D 396 -23.58 -38.92 24.11
N LEU D 397 -22.57 -39.77 23.91
CA LEU D 397 -21.40 -39.75 24.80
C LEU D 397 -20.64 -38.44 24.69
N LEU D 398 -20.53 -37.90 23.47
CA LEU D 398 -19.81 -36.65 23.29
C LEU D 398 -20.54 -35.49 23.95
N PHE D 399 -21.86 -35.44 23.84
CA PHE D 399 -22.60 -34.32 24.40
C PHE D 399 -22.73 -34.39 25.91
N GLY D 400 -22.07 -35.34 26.57
CA GLY D 400 -22.10 -35.46 28.00
C GLY D 400 -23.14 -36.41 28.55
N ILE D 401 -24.13 -36.78 27.74
CA ILE D 401 -25.14 -37.73 28.21
C ILE D 401 -24.51 -39.11 28.31
N ALA D 402 -24.59 -39.71 29.50
CA ALA D 402 -23.98 -41.00 29.75
C ALA D 402 -25.06 -42.01 30.09
N GLN D 403 -24.63 -43.24 30.36
CA GLN D 403 -25.55 -44.29 30.76
C GLN D 403 -26.19 -43.94 32.10
N PRO D 404 -27.51 -43.98 32.21
CA PRO D 404 -28.17 -43.61 33.47
C PRO D 404 -27.73 -44.54 34.61
N GLN D 405 -27.33 -43.92 35.71
CA GLN D 405 -26.84 -44.66 36.88
C GLN D 405 -28.03 -45.00 37.77
N LEU D 406 -28.50 -46.24 37.66
CA LEU D 406 -29.68 -46.66 38.40
C LEU D 406 -29.38 -46.69 39.90
N PRO D 407 -30.31 -46.21 40.74
CA PRO D 407 -30.20 -46.43 42.17
C PRO D 407 -30.42 -47.90 42.49
N PRO D 408 -29.91 -48.38 43.62
CA PRO D 408 -30.12 -49.78 43.99
C PRO D 408 -31.59 -50.18 43.93
N LYS D 409 -31.81 -51.41 43.44
CA LYS D 409 -33.15 -51.99 43.36
C LYS D 409 -34.10 -51.13 42.53
N CYS D 410 -33.64 -50.69 41.37
CA CYS D 410 -34.45 -49.87 40.47
C CYS D 410 -34.37 -50.44 39.06
N LEU D 411 -35.50 -50.31 38.34
CA LEU D 411 -35.60 -50.78 36.97
C LEU D 411 -35.88 -49.59 36.06
N LEU D 412 -35.04 -49.40 35.05
CA LEU D 412 -35.20 -48.28 34.13
C LEU D 412 -35.93 -48.72 32.87
N SER D 413 -36.72 -47.81 32.32
CA SER D 413 -37.55 -48.12 31.17
C SER D 413 -36.70 -48.35 29.92
N GLY D 414 -37.33 -48.95 28.91
CA GLY D 414 -36.67 -49.23 27.65
C GLY D 414 -36.38 -47.95 26.88
N PRO D 415 -35.48 -48.04 25.91
CA PRO D 415 -35.14 -46.85 25.12
C PRO D 415 -36.32 -46.36 24.29
N THR D 416 -36.36 -45.05 24.08
CA THR D 416 -37.41 -44.46 23.26
C THR D 416 -36.98 -44.46 21.79
N SER D 417 -37.91 -44.04 20.92
CA SER D 417 -37.63 -44.02 19.49
C SER D 417 -36.50 -43.05 19.17
N GLU D 418 -36.51 -41.87 19.78
CA GLU D 418 -35.45 -40.90 19.53
C GLU D 418 -34.11 -41.38 20.08
N GLY D 419 -34.13 -42.11 21.18
CA GLY D 419 -32.93 -42.57 21.85
C GLY D 419 -32.56 -41.77 23.08
N LEU D 420 -33.19 -40.63 23.31
CA LEU D 420 -32.94 -39.79 24.48
C LEU D 420 -34.18 -39.77 25.35
N MET D 421 -33.99 -39.98 26.65
CA MET D 421 -35.07 -39.81 27.60
C MET D 421 -35.13 -38.36 28.07
N THR D 422 -36.36 -37.86 28.27
CA THR D 422 -36.55 -36.42 28.41
C THR D 422 -35.86 -35.86 29.64
N TRP D 423 -35.80 -36.63 30.73
CA TRP D 423 -35.15 -36.12 31.93
C TRP D 423 -33.66 -35.92 31.72
N GLU D 424 -33.04 -36.71 30.85
CA GLU D 424 -31.64 -36.48 30.51
C GLU D 424 -31.46 -35.14 29.81
N LEU D 425 -32.41 -34.77 28.95
CA LEU D 425 -32.40 -33.46 28.33
C LEU D 425 -32.47 -32.36 29.39
N ASP D 426 -33.26 -32.58 30.45
CA ASP D 426 -33.35 -31.58 31.51
C ASP D 426 -32.01 -31.42 32.22
N ARG D 427 -31.32 -32.52 32.50
CA ARG D 427 -30.00 -32.42 33.12
C ARG D 427 -29.03 -31.68 32.21
N LEU D 428 -29.07 -31.98 30.91
CA LEU D 428 -28.19 -31.29 29.97
C LEU D 428 -28.49 -29.79 29.94
N LEU D 429 -29.78 -29.43 29.99
CA LEU D 429 -30.15 -28.02 29.97
C LEU D 429 -29.74 -27.31 31.26
N TRP D 430 -29.87 -27.98 32.40
CA TRP D 430 -29.37 -27.43 33.65
C TRP D 430 -27.88 -27.14 33.54
N ALA D 431 -27.12 -28.12 33.06
CA ALA D 431 -25.68 -27.93 32.93
C ALA D 431 -25.35 -26.81 31.97
N ARG D 432 -26.06 -26.75 30.84
CA ARG D 432 -25.79 -25.70 29.85
C ARG D 432 -26.09 -24.32 30.42
N SER D 433 -27.20 -24.17 31.14
CA SER D 433 -27.55 -22.89 31.73
C SER D 433 -26.50 -22.46 32.76
N VAL D 434 -26.09 -23.38 33.62
CA VAL D 434 -25.09 -23.05 34.64
C VAL D 434 -23.77 -22.65 33.98
N GLU D 435 -23.33 -23.43 32.99
CA GLU D 435 -22.08 -23.12 32.31
C GLU D 435 -22.14 -21.79 31.58
N ASN D 436 -23.28 -21.51 30.92
CA ASN D 436 -23.42 -20.25 30.21
C ASN D 436 -23.38 -19.06 31.17
N LEU D 437 -24.06 -19.18 32.31
CA LEU D 437 -24.03 -18.07 33.28
C LEU D 437 -22.63 -17.88 33.84
N ALA D 438 -21.92 -18.97 34.14
CA ALA D 438 -20.56 -18.84 34.63
C ALA D 438 -19.65 -18.20 33.59
N THR D 439 -19.78 -18.60 32.32
CA THR D 439 -18.98 -18.02 31.26
C THR D 439 -19.27 -16.54 31.10
N ALA D 440 -20.55 -16.15 31.14
CA ALA D 440 -20.89 -14.74 31.01
C ALA D 440 -20.36 -13.93 32.18
N THR D 441 -20.44 -14.46 33.40
CA THR D 441 -19.90 -13.78 34.56
C THR D 441 -18.39 -13.58 34.43
N THR D 442 -17.68 -14.64 34.02
CA THR D 442 -16.23 -14.53 33.85
C THR D 442 -15.88 -13.52 32.76
N THR D 443 -16.63 -13.53 31.65
CA THR D 443 -16.36 -12.59 30.57
C THR D 443 -16.57 -11.15 31.02
N LEU D 444 -17.65 -10.89 31.75
CA LEU D 444 -17.90 -9.53 32.22
C LEU D 444 -16.85 -9.07 33.21
N THR D 445 -16.46 -9.96 34.14
CA THR D 445 -15.43 -9.60 35.10
C THR D 445 -14.10 -9.33 34.40
N SER D 446 -13.74 -10.15 33.41
CA SER D 446 -12.51 -9.93 32.67
C SER D 446 -12.57 -8.63 31.88
N LEU D 447 -13.73 -8.30 31.32
CA LEU D 447 -13.86 -7.03 30.61
C LEU D 447 -13.66 -5.85 31.55
N ALA D 448 -14.26 -5.91 32.73
CA ALA D 448 -14.08 -4.82 33.70
C ALA D 448 -12.62 -4.70 34.13
N GLN D 449 -11.96 -5.83 34.39
CA GLN D 449 -10.57 -5.78 34.80
C GLN D 449 -9.66 -5.28 33.69
N LEU D 450 -9.95 -5.67 32.45
CA LEU D 450 -9.19 -5.16 31.31
C LEU D 450 -9.35 -3.67 31.16
N LEU D 451 -10.58 -3.17 31.32
CA LEU D 451 -10.79 -1.72 31.26
C LEU D 451 -10.04 -1.00 32.37
N GLY D 452 -10.03 -1.58 33.57
CA GLY D 452 -9.29 -0.97 34.66
C GLY D 452 -7.79 -0.93 34.41
N LYS D 453 -7.24 -2.04 33.90
CA LYS D 453 -5.79 -2.14 33.76
C LYS D 453 -5.27 -1.36 32.56
N ILE D 454 -6.00 -1.36 31.45
CA ILE D 454 -5.54 -0.76 30.20
C ILE D 454 -6.46 0.40 29.86
N SER D 455 -5.87 1.56 29.58
CA SER D 455 -6.63 2.80 29.40
C SER D 455 -6.72 3.25 27.95
N ASN D 456 -6.25 2.45 27.00
CA ASN D 456 -6.42 2.75 25.59
C ASN D 456 -7.39 1.79 24.91
N ILE D 457 -8.35 1.26 25.65
CA ILE D 457 -9.40 0.42 25.10
C ILE D 457 -10.63 1.29 24.87
N VAL D 458 -11.18 1.24 23.66
CA VAL D 458 -12.32 2.06 23.27
C VAL D 458 -13.59 1.28 23.53
N ILE D 459 -14.52 1.87 24.28
CA ILE D 459 -15.80 1.25 24.57
C ILE D 459 -16.85 2.03 23.80
N LYS D 460 -17.41 1.42 22.76
CA LYS D 460 -18.40 2.07 21.94
C LYS D 460 -19.79 1.94 22.57
N ASP D 461 -20.75 2.68 22.02
CA ASP D 461 -22.12 2.58 22.50
C ASP D 461 -22.68 1.19 22.27
N ASP D 462 -22.32 0.55 21.15
CA ASP D 462 -22.75 -0.83 20.91
C ASP D 462 -22.20 -1.77 21.97
N VAL D 463 -20.91 -1.60 22.33
CA VAL D 463 -20.33 -2.43 23.37
C VAL D 463 -21.04 -2.21 24.70
N ALA D 464 -21.34 -0.95 25.02
CA ALA D 464 -22.05 -0.67 26.27
C ALA D 464 -23.43 -1.31 26.28
N SER D 465 -24.15 -1.22 25.15
CA SER D 465 -25.47 -1.83 25.07
C SER D 465 -25.39 -3.34 25.23
N GLU D 466 -24.39 -3.98 24.60
CA GLU D 466 -24.24 -5.43 24.75
C GLU D 466 -23.90 -5.80 26.18
N VAL D 467 -23.07 -5.00 26.86
CA VAL D 467 -22.76 -5.29 28.26
C VAL D 467 -24.01 -5.17 29.12
N TYR D 468 -24.83 -4.15 28.87
CA TYR D 468 -26.07 -4.00 29.64
C TYR D 468 -27.01 -5.16 29.39
N LYS D 469 -27.15 -5.59 28.13
CA LYS D 469 -27.96 -6.75 27.83
C LYS D 469 -27.44 -7.99 28.53
N ALA D 470 -26.12 -8.17 28.55
CA ALA D 470 -25.54 -9.34 29.19
C ALA D 470 -25.81 -9.34 30.69
N VAL D 471 -25.66 -8.19 31.34
CA VAL D 471 -25.89 -8.13 32.79
C VAL D 471 -27.35 -8.40 33.10
N ALA D 472 -28.26 -7.78 32.35
CA ALA D 472 -29.69 -8.01 32.56
C ALA D 472 -30.03 -9.48 32.35
N ALA D 473 -29.48 -10.09 31.30
CA ALA D 473 -29.77 -11.49 31.02
C ALA D 473 -29.22 -12.41 32.10
N VAL D 474 -28.03 -12.10 32.63
CA VAL D 474 -27.49 -12.92 33.72
C VAL D 474 -28.38 -12.85 34.94
N GLN D 475 -28.82 -11.63 35.30
CA GLN D 475 -29.70 -11.50 36.47
C GLN D 475 -31.02 -12.23 36.25
N LYS D 476 -31.61 -12.08 35.06
CA LYS D 476 -32.87 -12.76 34.78
C LYS D 476 -32.70 -14.27 34.79
N SER D 477 -31.61 -14.78 34.22
CA SER D 477 -31.38 -16.22 34.20
C SER D 477 -31.20 -16.77 35.60
N ALA D 478 -30.46 -16.05 36.44
CA ALA D 478 -30.32 -16.50 37.83
C ALA D 478 -31.65 -16.50 38.55
N GLU D 479 -32.49 -15.49 38.31
CA GLU D 479 -33.80 -15.44 38.93
C GLU D 479 -34.67 -16.62 38.48
N GLU D 480 -34.66 -16.92 37.18
CA GLU D 480 -35.50 -18.01 36.68
C GLU D 480 -34.99 -19.36 37.14
N LEU D 481 -33.67 -19.55 37.20
CA LEU D 481 -33.13 -20.79 37.75
C LEU D 481 -33.53 -20.94 39.22
N ALA D 482 -33.54 -19.84 39.97
CA ALA D 482 -34.06 -19.88 41.32
C ALA D 482 -35.55 -20.19 41.33
N SER D 483 -36.30 -19.62 40.39
CA SER D 483 -37.74 -19.85 40.34
C SER D 483 -38.06 -21.29 39.93
N GLY D 484 -37.43 -21.78 38.88
CA GLY D 484 -37.64 -23.15 38.44
C GLY D 484 -37.94 -23.31 36.97
N HIS D 485 -38.01 -22.21 36.23
CA HIS D 485 -38.29 -22.25 34.80
C HIS D 485 -36.97 -22.47 34.06
N LEU D 486 -36.76 -23.70 33.58
CA LEU D 486 -35.51 -24.06 32.93
C LEU D 486 -35.41 -23.53 31.50
N ALA D 487 -36.53 -23.47 30.77
CA ALA D 487 -36.47 -22.99 29.38
C ALA D 487 -36.15 -21.51 29.32
N SER D 488 -36.86 -20.70 30.11
CA SER D 488 -36.58 -19.27 30.15
C SER D 488 -35.18 -18.99 30.68
N ALA D 489 -34.76 -19.75 31.69
CA ALA D 489 -33.40 -19.61 32.20
C ALA D 489 -32.37 -19.93 31.12
N PHE D 490 -32.60 -20.99 30.36
CA PHE D 490 -31.68 -21.36 29.29
C PHE D 490 -31.60 -20.27 28.22
N VAL D 491 -32.76 -19.72 27.83
CA VAL D 491 -32.77 -18.69 26.80
C VAL D 491 -32.04 -17.44 27.31
N ALA D 492 -32.29 -17.06 28.56
CA ALA D 492 -31.63 -15.90 29.14
C ALA D 492 -30.12 -16.11 29.21
N SER D 493 -29.68 -17.31 29.61
CA SER D 493 -28.26 -17.59 29.69
C SER D 493 -27.61 -17.57 28.32
N GLN D 494 -28.30 -18.09 27.30
CA GLN D 494 -27.78 -18.04 25.94
C GLN D 494 -27.61 -16.60 25.47
N GLU D 495 -28.62 -15.76 25.74
CA GLU D 495 -28.53 -14.36 25.37
C GLU D 495 -27.40 -13.67 26.12
N ALA D 496 -27.23 -13.99 27.41
CA ALA D 496 -26.14 -13.42 28.19
C ALA D 496 -24.78 -13.78 27.61
N VAL D 497 -24.60 -15.05 27.26
CA VAL D 497 -23.33 -15.49 26.69
C VAL D 497 -23.07 -14.77 25.37
N THR D 498 -24.09 -14.71 24.51
CA THR D 498 -23.91 -14.05 23.22
C THR D 498 -23.52 -12.58 23.39
N SER D 499 -24.24 -11.88 24.26
CA SER D 499 -23.97 -10.46 24.47
C SER D 499 -22.59 -10.24 25.08
N SER D 500 -22.22 -11.04 26.08
CA SER D 500 -20.92 -10.87 26.71
C SER D 500 -19.78 -11.15 25.75
N GLU D 501 -19.91 -12.21 24.93
CA GLU D 501 -18.87 -12.49 23.94
C GLU D 501 -18.78 -11.39 22.90
N LEU D 502 -19.92 -10.88 22.43
CA LEU D 502 -19.88 -9.79 21.47
C LEU D 502 -19.24 -8.55 22.05
N ALA D 503 -19.52 -8.24 23.32
CA ALA D 503 -18.92 -7.07 23.95
C ALA D 503 -17.42 -7.25 24.14
N PHE D 504 -17.00 -8.42 24.61
CA PHE D 504 -15.59 -8.61 24.94
C PHE D 504 -14.73 -8.74 23.69
N PHE D 505 -15.21 -9.44 22.66
CA PHE D 505 -14.41 -9.74 21.49
C PHE D 505 -14.69 -8.79 20.33
N ASP D 506 -15.23 -7.61 20.60
CA ASP D 506 -15.47 -6.64 19.56
C ASP D 506 -14.14 -6.17 18.97
N PRO D 507 -13.97 -6.18 17.65
CA PRO D 507 -12.74 -5.63 17.06
C PRO D 507 -12.52 -4.17 17.40
N SER D 508 -13.58 -3.42 17.70
CA SER D 508 -13.45 -2.00 18.00
C SER D 508 -12.68 -1.74 19.30
N LEU D 509 -12.57 -2.74 20.17
CA LEU D 509 -11.80 -2.55 21.40
C LEU D 509 -10.34 -2.25 21.09
N LEU D 510 -9.77 -2.98 20.15
CA LEU D 510 -8.40 -2.72 19.69
C LEU D 510 -8.46 -1.76 18.52
N HIS D 511 -8.24 -0.47 18.79
CA HIS D 511 -8.37 0.58 17.79
C HIS D 511 -7.03 1.05 17.27
N LEU D 512 -6.12 1.42 18.16
CA LEU D 512 -4.80 1.91 17.76
C LEU D 512 -3.73 1.20 18.58
N LEU D 513 -2.54 1.07 18.00
CA LEU D 513 -1.42 0.50 18.72
C LEU D 513 -0.94 1.47 19.79
N TYR D 514 -0.17 0.94 20.74
CA TYR D 514 0.31 1.75 21.84
C TYR D 514 1.20 2.88 21.35
N PHE D 515 0.95 4.09 21.86
CA PHE D 515 1.87 5.18 21.66
C PHE D 515 2.73 5.33 22.90
N PRO D 516 4.06 5.30 22.78
CA PRO D 516 4.91 5.31 23.97
C PRO D 516 4.67 6.55 24.82
N ASP D 517 4.62 6.34 26.14
CA ASP D 517 4.43 7.46 27.05
C ASP D 517 5.70 8.27 27.25
N ASP D 518 6.87 7.71 26.92
CA ASP D 518 8.12 8.43 27.00
C ASP D 518 8.45 9.17 25.72
N GLN D 519 7.47 9.36 24.83
CA GLN D 519 7.67 10.12 23.60
C GLN D 519 6.59 11.16 23.37
N LYS D 520 5.68 11.35 24.33
CA LYS D 520 4.65 12.37 24.21
C LYS D 520 5.19 13.78 24.41
N PHE D 521 6.32 13.93 25.09
CA PHE D 521 6.93 15.25 25.22
C PHE D 521 7.35 15.79 23.86
N ALA D 522 7.82 14.92 22.97
CA ALA D 522 8.10 15.32 21.60
C ALA D 522 6.86 15.72 20.82
N ILE D 523 5.67 15.41 21.35
CA ILE D 523 4.43 15.78 20.68
C ILE D 523 3.87 17.07 21.24
N TYR D 524 3.99 17.30 22.56
CA TYR D 524 3.36 18.44 23.19
C TYR D 524 4.29 19.61 23.50
N ILE D 525 5.58 19.35 23.71
CA ILE D 525 6.52 20.45 24.00
C ILE D 525 6.67 21.43 22.85
N PRO D 526 6.92 21.00 21.60
CA PRO D 526 7.38 21.98 20.59
C PRO D 526 6.42 23.12 20.30
N LEU D 527 5.12 22.94 20.50
CA LEU D 527 4.16 23.99 20.23
C LEU D 527 3.55 24.60 21.48
N PHE D 528 3.22 23.79 22.48
CA PHE D 528 2.42 24.27 23.59
C PHE D 528 3.25 24.80 24.75
N LEU D 529 4.50 24.37 24.89
CA LEU D 529 5.39 25.05 25.84
C LEU D 529 5.66 26.49 25.43
N PRO D 530 6.03 26.80 24.18
CA PRO D 530 6.15 28.22 23.79
C PRO D 530 4.84 28.97 23.94
N MET D 531 3.70 28.29 23.84
CA MET D 531 2.42 28.95 24.08
C MET D 531 2.22 29.25 25.56
N ALA D 532 2.66 28.35 26.43
CA ALA D 532 2.36 28.44 27.85
C ALA D 532 3.36 29.26 28.64
N VAL D 533 4.59 29.42 28.16
CA VAL D 533 5.58 30.22 28.89
C VAL D 533 5.11 31.66 29.11
N PRO D 534 4.63 32.39 28.09
CA PRO D 534 4.19 33.77 28.34
C PRO D 534 2.86 33.85 29.06
N ILE D 535 1.99 32.85 28.86
CA ILE D 535 0.69 32.84 29.53
C ILE D 535 0.88 32.70 31.04
N LEU D 536 1.76 31.80 31.46
CA LEU D 536 2.01 31.62 32.89
C LEU D 536 2.59 32.89 33.50
N LEU D 537 3.45 33.59 32.77
CA LEU D 537 3.99 34.86 33.26
C LEU D 537 2.88 35.88 33.46
N SER D 538 1.95 35.96 32.51
CA SER D 538 0.82 36.88 32.65
C SER D 538 -0.04 36.52 33.86
N LEU D 539 -0.31 35.22 34.05
CA LEU D 539 -1.12 34.81 35.19
C LEU D 539 -0.41 35.12 36.51
N VAL D 540 0.91 34.92 36.56
CA VAL D 540 1.67 35.25 37.76
C VAL D 540 1.64 36.74 38.03
N LYS D 541 1.76 37.56 36.97
CA LYS D 541 1.68 39.00 37.14
C LYS D 541 0.31 39.41 37.67
N ILE D 542 -0.76 38.80 37.15
CA ILE D 542 -2.10 39.11 37.62
C ILE D 542 -2.27 38.71 39.09
N PHE D 543 -1.73 37.54 39.46
CA PHE D 543 -1.80 37.11 40.86
C PHE D 543 -1.05 38.06 41.77
N LEU D 544 0.12 38.53 41.33
CA LEU D 544 0.89 39.50 42.12
C LEU D 544 0.13 40.82 42.25
N GLU D 545 -0.50 41.28 41.16
CA GLU D 545 -1.27 42.51 41.21
C GLU D 545 -2.56 42.38 42.00
N THR D 546 -3.04 41.15 42.23
CA THR D 546 -4.23 40.95 43.03
C THR D 546 -3.87 40.35 44.39
N PRO E 27 -28.66 -44.70 -10.75
CA PRO E 27 -28.24 -43.59 -11.61
C PRO E 27 -27.75 -42.38 -10.80
N PRO E 28 -26.43 -42.26 -10.62
CA PRO E 28 -25.89 -41.12 -9.89
C PRO E 28 -26.22 -39.81 -10.58
N ARG E 29 -26.44 -38.77 -9.76
CA ARG E 29 -26.83 -37.46 -10.26
C ARG E 29 -25.65 -36.55 -10.56
N ASP E 30 -24.42 -37.03 -10.38
CA ASP E 30 -23.25 -36.23 -10.67
C ASP E 30 -22.24 -37.08 -11.44
N SER E 31 -21.42 -36.39 -12.24
CA SER E 31 -20.40 -37.07 -13.03
C SER E 31 -19.16 -36.19 -13.09
N LEU E 32 -18.01 -36.82 -13.33
CA LEU E 32 -16.74 -36.14 -13.39
C LEU E 32 -16.08 -36.42 -14.74
N ARG E 33 -15.66 -35.35 -15.41
CA ARG E 33 -14.85 -35.44 -16.62
C ARG E 33 -13.55 -34.69 -16.39
N GLU E 34 -12.43 -35.35 -16.69
CA GLU E 34 -11.13 -34.73 -16.57
C GLU E 34 -10.37 -34.88 -17.88
N GLU E 35 -9.53 -33.90 -18.17
CA GLU E 35 -8.80 -33.90 -19.43
C GLU E 35 -7.54 -33.06 -19.28
N LEU E 36 -6.60 -33.30 -20.20
CA LEU E 36 -5.35 -32.55 -20.27
C LEU E 36 -5.05 -32.29 -21.74
N VAL E 37 -4.94 -31.03 -22.12
CA VAL E 37 -4.67 -30.64 -23.50
C VAL E 37 -3.26 -30.05 -23.56
N ILE E 38 -2.46 -30.57 -24.49
CA ILE E 38 -1.07 -30.15 -24.66
C ILE E 38 -0.95 -29.54 -26.04
N THR E 39 -0.76 -28.21 -26.08
CA THR E 39 -0.67 -27.49 -27.33
C THR E 39 0.72 -26.88 -27.49
N PRO E 40 1.50 -27.28 -28.50
CA PRO E 40 2.77 -26.59 -28.75
C PRO E 40 2.52 -25.15 -29.20
N LEU E 41 3.31 -24.24 -28.67
CA LEU E 41 3.16 -22.83 -28.96
C LEU E 41 4.07 -22.41 -30.11
N PRO E 42 3.72 -21.33 -30.83
CA PRO E 42 4.53 -20.92 -31.98
C PRO E 42 5.95 -20.52 -31.63
N SER E 43 6.23 -20.19 -30.37
CA SER E 43 7.56 -19.76 -29.96
C SER E 43 8.44 -20.92 -29.51
N GLY E 44 7.97 -22.15 -29.64
CA GLY E 44 8.72 -23.31 -29.21
C GLY E 44 8.35 -23.82 -27.83
N ASP E 45 7.56 -23.08 -27.07
CA ASP E 45 7.11 -23.53 -25.76
C ASP E 45 5.97 -24.53 -25.91
N VAL E 46 5.67 -25.21 -24.81
CA VAL E 46 4.58 -26.18 -24.76
C VAL E 46 3.67 -25.80 -23.60
N ALA E 47 2.38 -25.68 -23.88
CA ALA E 47 1.38 -25.29 -22.90
C ALA E 47 0.49 -26.49 -22.59
N ALA E 48 0.29 -26.77 -21.30
CA ALA E 48 -0.58 -27.85 -20.86
C ALA E 48 -1.65 -27.26 -19.96
N THR E 49 -2.91 -27.67 -20.17
CA THR E 49 -4.04 -27.16 -19.41
C THR E 49 -4.84 -28.34 -18.87
N PHE E 50 -4.95 -28.43 -17.55
CA PHE E 50 -5.76 -29.44 -16.90
C PHE E 50 -7.16 -28.87 -16.65
N GLN E 51 -8.17 -29.72 -16.80
CA GLN E 51 -9.54 -29.35 -16.45
C GLN E 51 -10.22 -30.54 -15.80
N PHE E 52 -10.90 -30.29 -14.69
CA PHE E 52 -11.63 -31.31 -13.95
C PHE E 52 -13.05 -30.80 -13.76
N ARG E 53 -13.94 -31.15 -14.67
CA ARG E 53 -15.31 -30.66 -14.66
C ARG E 53 -16.21 -31.64 -13.92
N THR E 54 -16.90 -31.14 -12.90
CA THR E 54 -17.89 -31.92 -12.17
C THR E 54 -19.25 -31.26 -12.35
N ARG E 55 -20.21 -32.03 -12.86
CA ARG E 55 -21.56 -31.53 -13.07
C ARG E 55 -22.52 -32.26 -12.13
N TRP E 56 -23.39 -31.50 -11.47
CA TRP E 56 -24.31 -32.04 -10.48
C TRP E 56 -25.72 -31.62 -10.84
N ASP E 57 -26.64 -32.60 -10.84
CA ASP E 57 -28.05 -32.32 -11.10
C ASP E 57 -28.79 -32.17 -9.77
N SER E 58 -28.47 -31.07 -9.08
CA SER E 58 -29.05 -30.79 -7.78
C SER E 58 -29.39 -29.31 -7.68
N GLU E 59 -30.30 -29.00 -6.77
CA GLU E 59 -30.74 -27.61 -6.56
C GLU E 59 -29.92 -26.98 -5.44
N LEU E 60 -28.67 -26.67 -5.77
CA LEU E 60 -27.77 -26.06 -4.80
C LEU E 60 -28.15 -24.62 -4.51
N GLN E 61 -28.90 -23.98 -5.41
CA GLN E 61 -29.27 -22.59 -5.22
C GLN E 61 -30.19 -22.41 -4.01
N ARG E 62 -30.87 -23.47 -3.59
CA ARG E 62 -31.78 -23.43 -2.45
C ARG E 62 -31.22 -24.28 -1.32
N GLU E 63 -31.40 -23.81 -0.09
CA GLU E 63 -30.91 -24.54 1.07
C GLU E 63 -31.59 -25.90 1.19
N GLY E 64 -30.82 -26.90 1.57
CA GLY E 64 -31.32 -28.26 1.72
C GLY E 64 -30.44 -29.33 1.11
N VAL E 65 -29.55 -28.98 0.18
CA VAL E 65 -28.64 -29.94 -0.44
C VAL E 65 -27.45 -30.07 0.50
N SER E 66 -27.39 -31.18 1.24
CA SER E 66 -26.39 -31.35 2.28
C SER E 66 -25.58 -32.64 2.12
N HIS E 67 -25.77 -33.39 1.05
CA HIS E 67 -25.09 -34.66 0.85
C HIS E 67 -24.25 -34.56 -0.42
N TYR E 68 -22.94 -34.52 -0.25
CA TYR E 68 -22.00 -34.18 -1.32
C TYR E 68 -21.21 -35.41 -1.72
N ARG E 69 -21.17 -35.68 -3.02
CA ARG E 69 -20.23 -36.62 -3.63
C ARG E 69 -19.66 -35.95 -4.87
N LEU E 70 -18.38 -36.22 -5.15
CA LEU E 70 -17.69 -35.62 -6.29
C LEU E 70 -17.63 -34.11 -6.15
N PHE E 71 -18.78 -33.45 -6.14
CA PHE E 71 -18.84 -32.01 -5.93
C PHE E 71 -18.34 -31.69 -4.52
N PRO E 72 -17.34 -30.83 -4.38
CA PRO E 72 -16.76 -30.57 -3.05
C PRO E 72 -17.78 -29.96 -2.10
N LYS E 73 -17.77 -30.39 -0.84
CA LYS E 73 -18.68 -29.73 0.12
C LYS E 73 -18.19 -28.31 0.34
N ALA E 74 -16.88 -28.11 0.36
CA ALA E 74 -16.40 -26.77 0.68
C ALA E 74 -16.98 -25.73 -0.27
N LEU E 75 -17.12 -26.07 -1.54
CA LEU E 75 -17.63 -25.13 -2.53
C LEU E 75 -19.13 -25.27 -2.77
N GLY E 76 -19.72 -26.41 -2.43
CA GLY E 76 -21.16 -26.59 -2.64
C GLY E 76 -22.01 -25.70 -1.74
N GLN E 77 -21.60 -25.55 -0.49
CA GLN E 77 -22.44 -24.82 0.47
C GLN E 77 -22.40 -23.32 0.24
N LEU E 78 -21.41 -22.83 -0.48
CA LEU E 78 -21.34 -21.39 -0.76
C LEU E 78 -22.52 -20.93 -1.60
N ILE E 79 -22.93 -21.74 -2.57
CA ILE E 79 -24.00 -21.35 -3.49
C ILE E 79 -25.30 -21.09 -2.74
N SER E 80 -25.57 -21.89 -1.71
CA SER E 80 -26.79 -21.72 -0.92
C SER E 80 -26.62 -20.69 0.19
N LYS E 81 -25.47 -20.72 0.87
CA LYS E 81 -25.24 -19.79 1.98
C LYS E 81 -25.27 -18.34 1.50
N TYR E 82 -24.49 -18.04 0.46
CA TYR E 82 -24.53 -16.76 -0.22
C TYR E 82 -25.19 -16.97 -1.57
N SER E 83 -26.22 -16.19 -1.87
CA SER E 83 -26.97 -16.45 -3.08
C SER E 83 -26.08 -16.22 -4.29
N LEU E 84 -25.60 -17.30 -4.89
CA LEU E 84 -24.65 -17.24 -5.98
C LEU E 84 -25.25 -17.83 -7.24
N ARG E 85 -24.97 -17.22 -8.38
CA ARG E 85 -25.25 -17.78 -9.68
C ARG E 85 -24.01 -18.27 -10.39
N GLU E 86 -22.95 -17.47 -10.40
CA GLU E 86 -21.68 -17.86 -11.01
C GLU E 86 -20.56 -17.34 -10.14
N LEU E 87 -19.57 -18.20 -9.88
CA LEU E 87 -18.38 -17.83 -9.13
C LEU E 87 -17.14 -18.18 -9.93
N HIS E 88 -16.22 -17.23 -10.05
CA HIS E 88 -14.99 -17.43 -10.80
C HIS E 88 -13.82 -16.87 -9.99
N LEU E 89 -12.88 -17.74 -9.64
CA LEU E 89 -11.69 -17.39 -8.88
C LEU E 89 -10.46 -17.87 -9.63
N SER E 90 -9.42 -17.04 -9.66
CA SER E 90 -8.21 -17.38 -10.38
C SER E 90 -6.99 -16.87 -9.64
N PHE E 91 -5.98 -17.73 -9.52
CA PHE E 91 -4.67 -17.37 -9.00
C PHE E 91 -3.65 -17.61 -10.10
N THR E 92 -2.92 -16.56 -10.49
CA THR E 92 -2.07 -16.61 -11.66
C THR E 92 -0.71 -15.99 -11.37
N GLN E 93 0.33 -16.63 -11.91
CA GLN E 93 1.67 -16.09 -11.95
C GLN E 93 2.07 -15.91 -13.40
N GLY E 94 2.64 -14.75 -13.71
CA GLY E 94 3.05 -14.44 -15.06
C GLY E 94 1.94 -13.81 -15.88
N PHE E 95 2.29 -13.50 -17.13
CA PHE E 95 1.39 -12.82 -18.05
C PHE E 95 1.44 -13.54 -19.39
N TRP E 96 0.26 -13.81 -19.97
CA TRP E 96 0.16 -14.56 -21.21
C TRP E 96 0.57 -13.65 -22.37
N ARG E 97 1.71 -13.96 -22.99
CA ARG E 97 2.22 -13.21 -24.13
C ARG E 97 1.44 -13.66 -25.37
N THR E 98 0.37 -12.93 -25.66
CA THR E 98 -0.56 -13.34 -26.71
C THR E 98 0.12 -13.35 -28.09
N ARG E 99 0.90 -12.32 -28.38
CA ARG E 99 1.47 -12.19 -29.73
C ARG E 99 2.37 -13.36 -30.07
N TYR E 100 3.16 -13.83 -29.11
CA TYR E 100 4.15 -14.87 -29.35
C TYR E 100 3.67 -16.27 -28.97
N TRP E 101 2.58 -16.36 -28.21
CA TRP E 101 2.08 -17.65 -27.77
C TRP E 101 0.79 -18.07 -28.46
N GLY E 102 0.12 -17.16 -29.17
CA GLY E 102 -1.15 -17.46 -29.76
C GLY E 102 -2.27 -17.29 -28.76
N PRO E 103 -3.52 -17.38 -29.22
CA PRO E 103 -4.66 -17.25 -28.32
C PRO E 103 -4.68 -18.36 -27.29
N PRO E 104 -5.05 -18.06 -26.05
CA PRO E 104 -5.20 -19.10 -25.03
C PRO E 104 -6.63 -19.60 -24.93
N PHE E 105 -6.76 -20.82 -24.41
CA PHE E 105 -8.08 -21.32 -24.05
C PHE E 105 -8.70 -20.50 -22.93
N LEU E 106 -7.90 -20.21 -21.90
CA LEU E 106 -8.35 -19.45 -20.75
C LEU E 106 -7.22 -18.57 -20.26
N GLN E 107 -7.52 -17.29 -20.03
CA GLN E 107 -6.54 -16.33 -19.57
C GLN E 107 -7.04 -15.65 -18.30
N ALA E 108 -6.11 -15.40 -17.38
CA ALA E 108 -6.44 -14.77 -16.11
C ALA E 108 -5.39 -13.71 -15.81
N PRO E 109 -5.75 -12.66 -15.07
CA PRO E 109 -4.79 -11.62 -14.74
C PRO E 109 -3.82 -12.08 -13.66
N SER E 110 -2.68 -11.41 -13.60
CA SER E 110 -1.69 -11.74 -12.57
C SER E 110 -2.26 -11.52 -11.19
N GLY E 111 -1.91 -12.41 -10.27
CA GLY E 111 -2.47 -12.34 -8.93
C GLY E 111 -3.85 -12.96 -8.87
N ALA E 112 -4.60 -12.58 -7.84
CA ALA E 112 -5.94 -13.10 -7.62
C ALA E 112 -6.97 -12.32 -8.43
N GLU E 113 -7.96 -13.04 -8.95
CA GLU E 113 -9.08 -12.43 -9.66
C GLU E 113 -10.34 -13.14 -9.21
N LEU E 114 -11.31 -12.37 -8.71
CA LEU E 114 -12.57 -12.91 -8.22
C LEU E 114 -13.71 -12.04 -8.74
N TRP E 115 -14.48 -12.58 -9.69
CA TRP E 115 -15.72 -11.96 -10.12
C TRP E 115 -16.85 -12.96 -9.94
N VAL E 116 -17.94 -12.51 -9.32
CA VAL E 116 -19.02 -13.39 -8.91
C VAL E 116 -20.33 -12.77 -9.37
N TRP E 117 -21.35 -13.63 -9.54
CA TRP E 117 -22.67 -13.21 -9.98
C TRP E 117 -23.68 -13.65 -8.92
N PHE E 118 -24.23 -12.69 -8.19
CA PHE E 118 -25.20 -13.00 -7.15
C PHE E 118 -26.59 -13.19 -7.75
N GLN E 119 -27.40 -13.98 -7.06
CA GLN E 119 -28.77 -14.19 -7.49
C GLN E 119 -29.61 -12.94 -7.27
N ASP E 120 -30.71 -12.84 -8.03
CA ASP E 120 -31.56 -11.67 -7.92
C ASP E 120 -32.23 -11.57 -6.55
N THR E 121 -32.29 -12.69 -5.81
CA THR E 121 -32.96 -12.67 -4.52
C THR E 121 -32.12 -12.00 -3.45
N VAL E 122 -30.82 -11.82 -3.69
CA VAL E 122 -29.96 -11.21 -2.70
C VAL E 122 -30.34 -9.74 -2.51
N THR E 123 -30.04 -9.20 -1.34
CA THR E 123 -30.35 -7.81 -1.02
C THR E 123 -29.09 -6.97 -0.82
N ASP E 124 -28.20 -7.38 0.08
CA ASP E 124 -26.95 -6.67 0.36
C ASP E 124 -25.84 -7.34 -0.43
N VAL E 125 -25.71 -6.95 -1.70
CA VAL E 125 -24.68 -7.52 -2.56
C VAL E 125 -23.28 -7.28 -2.03
N ASP E 126 -22.98 -6.09 -1.53
CA ASP E 126 -21.68 -5.79 -0.96
C ASP E 126 -21.38 -6.57 0.32
N LYS E 127 -22.37 -6.72 1.21
CA LYS E 127 -22.15 -7.52 2.41
C LYS E 127 -21.91 -8.99 2.07
N SER E 128 -22.71 -9.55 1.17
CA SER E 128 -22.46 -10.92 0.73
C SER E 128 -21.12 -11.04 0.03
N TRP E 129 -20.72 -10.00 -0.71
CA TRP E 129 -19.42 -9.99 -1.37
C TRP E 129 -18.29 -10.06 -0.37
N LYS E 130 -18.36 -9.26 0.69
CA LYS E 130 -17.32 -9.29 1.72
C LYS E 130 -17.27 -10.64 2.43
N GLU E 131 -18.45 -11.17 2.81
CA GLU E 131 -18.48 -12.45 3.49
C GLU E 131 -17.92 -13.56 2.61
N LEU E 132 -18.31 -13.58 1.33
CA LEU E 132 -17.84 -14.60 0.41
C LEU E 132 -16.34 -14.48 0.18
N SER E 133 -15.83 -13.25 0.07
CA SER E 133 -14.40 -13.05 -0.12
C SER E 133 -13.62 -13.60 1.06
N ASN E 134 -14.09 -13.33 2.29
CA ASN E 134 -13.40 -13.85 3.46
C ASN E 134 -13.46 -15.37 3.51
N VAL E 135 -14.62 -15.96 3.18
CA VAL E 135 -14.74 -17.41 3.19
C VAL E 135 -13.82 -18.04 2.15
N LEU E 136 -13.76 -17.46 0.95
CA LEU E 136 -12.88 -17.98 -0.07
C LEU E 136 -11.41 -17.83 0.33
N SER E 137 -11.08 -16.75 1.03
CA SER E 137 -9.74 -16.61 1.58
C SER E 137 -9.41 -17.76 2.51
N GLY E 138 -10.35 -18.08 3.40
CA GLY E 138 -10.14 -19.20 4.31
C GLY E 138 -10.01 -20.53 3.59
N ILE E 139 -10.79 -20.72 2.52
CA ILE E 139 -10.78 -21.98 1.80
C ILE E 139 -9.47 -22.16 1.03
N PHE E 140 -9.01 -21.12 0.33
CA PHE E 140 -7.91 -21.25 -0.60
C PHE E 140 -6.59 -20.71 -0.06
N CYS E 141 -6.53 -20.34 1.22
CA CYS E 141 -5.28 -19.92 1.86
C CYS E 141 -4.65 -18.75 1.09
N ALA E 142 -5.48 -17.82 0.65
CA ALA E 142 -5.04 -16.61 -0.02
C ALA E 142 -5.59 -15.39 0.70
N SER E 143 -4.86 -14.28 0.63
CA SER E 143 -5.25 -13.06 1.31
C SER E 143 -6.30 -12.32 0.48
N LEU E 144 -7.46 -12.97 0.35
CA LEU E 144 -8.59 -12.39 -0.34
C LEU E 144 -9.42 -11.47 0.56
N ASN E 145 -9.08 -11.40 1.85
CA ASN E 145 -9.72 -10.44 2.75
C ASN E 145 -9.36 -9.01 2.43
N PHE E 146 -8.37 -8.79 1.57
CA PHE E 146 -7.97 -7.47 1.12
C PHE E 146 -8.89 -6.92 0.04
N ILE E 147 -9.86 -7.71 -0.40
CA ILE E 147 -10.86 -7.24 -1.37
C ILE E 147 -11.81 -6.31 -0.62
N ASP E 148 -11.74 -5.03 -0.94
CA ASP E 148 -12.51 -4.02 -0.25
C ASP E 148 -13.23 -3.17 -1.30
N SER E 149 -13.81 -2.05 -0.85
CA SER E 149 -14.43 -1.11 -1.79
C SER E 149 -13.38 -0.46 -2.68
N THR E 150 -12.12 -0.45 -2.23
CA THR E 150 -11.06 0.18 -3.01
C THR E 150 -10.65 -0.69 -4.20
N ASN E 151 -10.85 -2.00 -4.09
CA ASN E 151 -10.53 -2.91 -5.19
C ASN E 151 -11.74 -3.30 -6.02
N THR E 152 -12.90 -3.44 -5.39
CA THR E 152 -14.09 -3.94 -6.08
C THR E 152 -14.61 -2.92 -7.09
N VAL E 153 -14.99 -3.42 -8.26
CA VAL E 153 -15.66 -2.62 -9.27
C VAL E 153 -16.87 -3.40 -9.77
N THR E 154 -17.83 -2.68 -10.35
CA THR E 154 -19.02 -3.28 -10.93
C THR E 154 -19.03 -2.99 -12.43
N PRO E 155 -18.54 -3.91 -13.26
CA PRO E 155 -18.53 -3.66 -14.71
C PRO E 155 -19.95 -3.47 -15.23
N THR E 156 -20.09 -2.56 -16.20
CA THR E 156 -21.41 -2.26 -16.72
C THR E 156 -21.71 -3.08 -17.97
N ALA E 157 -20.69 -3.39 -18.76
CA ALA E 157 -20.87 -4.13 -20.00
C ALA E 157 -19.96 -5.34 -20.14
N SER E 158 -19.05 -5.55 -19.20
CA SER E 158 -18.07 -6.63 -19.29
C SER E 158 -18.40 -7.71 -18.27
N PHE E 159 -17.76 -8.87 -18.43
CA PHE E 159 -17.91 -10.01 -17.53
C PHE E 159 -19.37 -10.44 -17.42
N LYS E 160 -19.95 -10.78 -18.57
CA LYS E 160 -21.30 -11.33 -18.60
C LYS E 160 -21.28 -12.75 -18.04
N PRO E 161 -22.44 -13.26 -17.61
CA PRO E 161 -22.47 -14.61 -17.04
C PRO E 161 -22.00 -15.65 -18.04
N LEU E 162 -21.24 -16.63 -17.55
CA LEU E 162 -20.70 -17.70 -18.37
C LEU E 162 -21.60 -18.92 -18.44
N GLY E 163 -22.74 -18.89 -17.77
CA GLY E 163 -23.68 -20.00 -17.81
C GLY E 163 -25.07 -19.54 -18.21
N LEU E 164 -26.08 -20.31 -17.82
CA LEU E 164 -27.45 -19.96 -18.16
C LEU E 164 -27.90 -18.73 -17.38
N ALA E 165 -28.44 -17.74 -18.09
CA ALA E 165 -28.81 -16.47 -17.48
C ALA E 165 -30.18 -16.04 -17.99
N ASN E 166 -31.12 -15.83 -17.06
CA ASN E 166 -32.42 -15.29 -17.44
C ASN E 166 -32.32 -13.82 -17.79
N ASP E 167 -31.59 -13.04 -16.99
CA ASP E 167 -31.40 -11.63 -17.24
C ASP E 167 -30.01 -11.24 -16.73
N THR E 168 -29.51 -10.13 -17.25
CA THR E 168 -28.18 -9.63 -16.90
C THR E 168 -28.34 -8.25 -16.27
N ASP E 169 -28.57 -8.23 -14.96
CA ASP E 169 -28.58 -6.99 -14.20
C ASP E 169 -27.24 -6.85 -13.49
N HIS E 170 -26.41 -5.93 -13.96
CA HIS E 170 -25.06 -5.79 -13.42
C HIS E 170 -25.03 -5.25 -12.00
N TYR E 171 -26.20 -4.91 -11.44
CA TYR E 171 -26.26 -4.55 -10.03
C TYR E 171 -25.82 -5.71 -9.14
N PHE E 172 -25.90 -6.95 -9.66
CA PHE E 172 -25.55 -8.14 -8.91
C PHE E 172 -24.19 -8.70 -9.28
N LEU E 173 -23.35 -7.92 -9.95
CA LEU E 173 -22.02 -8.36 -10.36
C LEU E 173 -20.96 -7.59 -9.60
N ARG E 174 -19.98 -8.30 -9.06
CA ARG E 174 -18.82 -7.70 -8.41
C ARG E 174 -17.57 -8.33 -8.98
N TYR E 175 -16.57 -7.50 -9.27
CA TYR E 175 -15.31 -7.96 -9.85
C TYR E 175 -14.16 -7.29 -9.11
N ALA E 176 -13.26 -8.09 -8.55
CA ALA E 176 -12.10 -7.58 -7.85
C ALA E 176 -10.87 -8.37 -8.26
N VAL E 177 -9.73 -7.69 -8.29
CA VAL E 177 -8.45 -8.29 -8.67
C VAL E 177 -7.36 -7.73 -7.77
N LEU E 178 -6.49 -8.62 -7.29
CA LEU E 178 -5.35 -8.26 -6.45
C LEU E 178 -4.07 -8.60 -7.22
N PRO E 179 -3.47 -7.64 -7.94
CA PRO E 179 -2.36 -7.97 -8.82
C PRO E 179 -1.11 -8.46 -8.11
N ARG E 180 -0.94 -8.17 -6.83
CA ARG E 180 0.25 -8.57 -6.10
C ARG E 180 0.08 -9.90 -5.37
N GLU E 181 -1.09 -10.52 -5.45
CA GLU E 181 -1.28 -11.82 -4.83
C GLU E 181 -0.37 -12.85 -5.46
N VAL E 182 0.23 -13.68 -4.63
CA VAL E 182 1.14 -14.72 -5.10
C VAL E 182 0.41 -16.06 -5.09
N VAL E 183 0.87 -16.97 -5.94
CA VAL E 183 0.34 -18.33 -6.01
C VAL E 183 1.49 -19.28 -5.79
N CYS E 184 1.31 -20.26 -4.90
CA CYS E 184 2.37 -21.18 -4.54
C CYS E 184 1.74 -22.51 -4.16
N THR E 185 2.55 -23.39 -3.57
CA THR E 185 2.03 -24.66 -3.08
C THR E 185 1.00 -24.45 -1.98
N GLU E 186 1.17 -23.38 -1.19
CA GLU E 186 0.19 -23.05 -0.16
C GLU E 186 -1.20 -22.81 -0.74
N ASN E 187 -1.30 -22.42 -2.01
CA ASN E 187 -2.56 -22.26 -2.69
C ASN E 187 -2.93 -23.46 -3.55
N LEU E 188 -1.93 -24.22 -4.02
CA LEU E 188 -2.22 -25.38 -4.85
C LEU E 188 -2.72 -26.56 -4.03
N THR E 189 -2.23 -26.72 -2.80
CA THR E 189 -2.67 -27.83 -1.97
C THR E 189 -4.16 -27.78 -1.65
N PRO E 190 -4.74 -26.65 -1.20
CA PRO E 190 -6.21 -26.62 -1.06
C PRO E 190 -6.91 -26.86 -2.37
N TRP E 191 -6.37 -26.35 -3.48
CA TRP E 191 -6.97 -26.56 -4.78
C TRP E 191 -6.93 -28.04 -5.17
N LYS E 192 -5.80 -28.71 -4.92
CA LYS E 192 -5.68 -30.13 -5.23
C LYS E 192 -6.52 -31.00 -4.30
N LYS E 193 -6.81 -30.52 -3.10
CA LYS E 193 -7.61 -31.29 -2.15
C LYS E 193 -9.10 -31.20 -2.41
N LEU E 194 -9.51 -30.38 -3.38
CA LEU E 194 -10.92 -30.28 -3.75
C LEU E 194 -11.30 -31.24 -4.87
N LEU E 195 -10.32 -31.92 -5.48
CA LEU E 195 -10.61 -32.89 -6.52
C LEU E 195 -10.96 -34.23 -5.89
N PRO E 196 -11.88 -35.00 -6.49
CA PRO E 196 -12.24 -36.30 -5.89
C PRO E 196 -11.07 -37.25 -5.77
N CYS E 197 -10.19 -37.32 -6.78
CA CYS E 197 -9.04 -38.22 -6.70
C CYS E 197 -7.96 -37.64 -5.80
N SER E 198 -7.90 -36.31 -5.70
CA SER E 198 -6.98 -35.61 -4.78
C SER E 198 -5.52 -36.01 -5.02
N SER E 199 -5.08 -36.01 -6.28
CA SER E 199 -3.72 -36.30 -6.71
C SER E 199 -3.31 -37.74 -6.43
N LYS E 200 -4.25 -38.64 -6.12
CA LYS E 200 -3.88 -40.03 -5.90
C LYS E 200 -3.99 -40.85 -7.17
N ALA E 201 -4.85 -40.43 -8.10
CA ALA E 201 -5.06 -41.16 -9.34
C ALA E 201 -5.50 -40.19 -10.42
N GLY E 202 -5.43 -40.66 -11.67
CA GLY E 202 -5.85 -39.86 -12.80
C GLY E 202 -4.77 -38.90 -13.28
N LEU E 203 -5.22 -37.85 -13.95
CA LEU E 203 -4.30 -36.83 -14.42
C LEU E 203 -3.80 -35.92 -13.30
N SER E 204 -4.43 -35.98 -12.13
CA SER E 204 -4.02 -35.11 -11.03
C SER E 204 -2.68 -35.53 -10.44
N VAL E 205 -2.20 -36.73 -10.75
CA VAL E 205 -0.89 -37.15 -10.26
C VAL E 205 0.22 -36.36 -10.94
N LEU E 206 -0.06 -35.80 -12.12
CA LEU E 206 0.93 -35.02 -12.84
C LEU E 206 1.19 -33.66 -12.20
N LEU E 207 0.37 -33.24 -11.23
CA LEU E 207 0.47 -31.92 -10.64
C LEU E 207 1.53 -31.93 -9.54
N LYS E 208 2.79 -31.86 -9.97
CA LYS E 208 3.91 -31.74 -9.05
C LYS E 208 4.25 -30.28 -8.83
N ALA E 209 4.34 -29.87 -7.57
CA ALA E 209 4.51 -28.45 -7.25
C ALA E 209 5.80 -27.90 -7.81
N ASP E 210 6.89 -28.67 -7.74
CA ASP E 210 8.18 -28.19 -8.22
C ASP E 210 8.13 -27.92 -9.72
N ARG E 211 7.51 -28.83 -10.48
CA ARG E 211 7.51 -28.70 -11.94
C ARG E 211 6.50 -27.67 -12.40
N LEU E 212 5.35 -27.59 -11.73
CA LEU E 212 4.31 -26.67 -12.18
C LEU E 212 4.73 -25.21 -12.06
N PHE E 213 5.51 -24.88 -11.03
CA PHE E 213 5.98 -23.51 -10.85
C PHE E 213 7.31 -23.23 -11.52
N HIS E 214 7.90 -24.22 -12.18
CA HIS E 214 9.08 -24.01 -13.02
C HIS E 214 8.64 -23.68 -14.45
N THR E 215 7.76 -22.68 -14.54
CA THR E 215 7.05 -22.38 -15.77
C THR E 215 7.02 -20.89 -16.02
N SER E 216 6.82 -20.51 -17.28
CA SER E 216 6.64 -19.10 -17.62
C SER E 216 5.27 -18.60 -17.20
N TYR E 217 4.26 -19.46 -17.23
CA TYR E 217 2.89 -19.11 -16.90
C TYR E 217 2.31 -20.19 -16.00
N HIS E 218 1.44 -19.79 -15.08
CA HIS E 218 0.80 -20.71 -14.16
C HIS E 218 -0.48 -20.07 -13.65
N SER E 219 -1.62 -20.73 -13.88
CA SER E 219 -2.91 -20.21 -13.46
C SER E 219 -3.74 -21.33 -12.86
N GLN E 220 -4.31 -21.08 -11.68
CA GLN E 220 -5.23 -21.99 -11.02
C GLN E 220 -6.58 -21.31 -10.95
N ALA E 221 -7.62 -21.97 -11.46
CA ALA E 221 -8.93 -21.37 -11.56
C ALA E 221 -10.00 -22.31 -11.01
N VAL E 222 -11.03 -21.72 -10.42
CA VAL E 222 -12.21 -22.43 -9.95
C VAL E 222 -13.43 -21.71 -10.51
N HIS E 223 -14.19 -22.40 -11.36
CA HIS E 223 -15.36 -21.81 -12.02
C HIS E 223 -16.60 -22.59 -11.63
N ILE E 224 -17.61 -21.88 -11.15
CA ILE E 224 -18.91 -22.45 -10.82
C ILE E 224 -19.96 -21.72 -11.64
N ARG E 225 -20.80 -22.47 -12.34
CA ARG E 225 -21.83 -21.88 -13.19
C ARG E 225 -22.92 -22.91 -13.42
N PRO E 226 -24.14 -22.48 -13.74
CA PRO E 226 -25.19 -23.44 -14.10
C PRO E 226 -25.20 -23.72 -15.60
N VAL E 227 -25.41 -24.98 -15.96
CA VAL E 227 -25.42 -25.39 -17.37
C VAL E 227 -26.67 -26.20 -17.65
N CYS E 228 -26.94 -26.49 -18.92
CA CYS E 228 -28.11 -27.26 -19.30
C CYS E 228 -27.96 -28.69 -18.81
N ARG E 229 -29.01 -29.20 -18.14
CA ARG E 229 -28.96 -30.58 -17.67
C ARG E 229 -29.04 -31.56 -18.83
N ASN E 230 -29.84 -31.25 -19.84
CA ASN E 230 -30.02 -32.12 -21.00
C ASN E 230 -29.91 -31.28 -22.27
N ALA E 231 -30.06 -31.96 -23.42
CA ALA E 231 -29.97 -31.27 -24.69
C ALA E 231 -31.12 -30.28 -24.88
N ARG E 232 -32.28 -30.57 -24.30
CA ARG E 232 -33.40 -29.63 -24.37
C ARG E 232 -33.12 -28.35 -23.60
N CYS E 233 -32.25 -28.42 -22.60
CA CYS E 233 -31.86 -27.26 -21.79
C CYS E 233 -33.07 -26.58 -21.16
N THR E 234 -34.01 -27.39 -20.66
CA THR E 234 -35.14 -26.87 -19.92
C THR E 234 -34.92 -26.88 -18.41
N SER E 235 -33.80 -27.43 -17.94
CA SER E 235 -33.53 -27.56 -16.53
C SER E 235 -32.11 -27.08 -16.23
N ILE E 236 -31.86 -26.82 -14.95
CA ILE E 236 -30.60 -26.24 -14.49
C ILE E 236 -29.75 -27.34 -13.86
N SER E 237 -28.49 -27.42 -14.27
CA SER E 237 -27.53 -28.31 -13.66
C SER E 237 -26.27 -27.52 -13.32
N TRP E 238 -25.69 -27.83 -12.16
CA TRP E 238 -24.58 -27.06 -11.63
C TRP E 238 -23.25 -27.71 -12.00
N GLU E 239 -22.34 -26.90 -12.56
CA GLU E 239 -21.06 -27.38 -13.05
C GLU E 239 -19.94 -26.69 -12.27
N LEU E 240 -18.97 -27.47 -11.82
CA LEU E 240 -17.74 -26.96 -11.25
C LEU E 240 -16.59 -27.34 -12.16
N ARG E 241 -15.81 -26.35 -12.58
CA ARG E 241 -14.68 -26.56 -13.49
C ARG E 241 -13.43 -26.03 -12.82
N GLN E 242 -12.57 -26.94 -12.39
CA GLN E 242 -11.28 -26.59 -11.80
C GLN E 242 -10.20 -26.78 -12.87
N THR E 243 -9.54 -25.69 -13.25
CA THR E 243 -8.57 -25.71 -14.33
C THR E 243 -7.20 -25.29 -13.82
N LEU E 244 -6.16 -25.73 -14.51
CA LEU E 244 -4.79 -25.38 -14.16
C LEU E 244 -3.99 -25.30 -15.46
N SER E 245 -3.59 -24.09 -15.84
CA SER E 245 -2.87 -23.86 -17.08
C SER E 245 -1.43 -23.47 -16.78
N VAL E 246 -0.49 -24.15 -17.43
CA VAL E 246 0.93 -23.87 -17.30
C VAL E 246 1.55 -23.82 -18.69
N VAL E 247 2.66 -23.10 -18.79
CA VAL E 247 3.43 -22.99 -20.04
C VAL E 247 4.87 -23.30 -19.72
N PHE E 248 5.44 -24.29 -20.41
CA PHE E 248 6.81 -24.72 -20.18
C PHE E 248 7.72 -24.05 -21.21
N ASP E 249 8.69 -23.30 -20.73
CA ASP E 249 9.60 -22.59 -21.63
C ASP E 249 10.52 -23.56 -22.35
N ALA E 250 10.83 -23.24 -23.60
CA ALA E 250 11.67 -24.11 -24.41
C ALA E 250 13.15 -24.05 -24.01
N PHE E 251 13.60 -22.93 -23.46
CA PHE E 251 14.99 -22.77 -23.05
C PHE E 251 15.24 -23.16 -21.61
N ILE E 252 14.29 -22.90 -20.73
CA ILE E 252 14.47 -23.23 -19.31
C ILE E 252 14.27 -24.72 -19.08
N THR E 253 13.12 -25.25 -19.51
CA THR E 253 12.82 -26.66 -19.29
C THR E 253 13.60 -27.55 -20.25
N GLY E 254 13.51 -27.24 -21.55
CA GLY E 254 14.19 -28.08 -22.53
C GLY E 254 15.71 -28.03 -22.41
N GLN E 255 16.26 -26.83 -22.26
CA GLN E 255 17.70 -26.62 -22.22
C GLN E 255 18.40 -27.19 -23.45
N GLY E 256 17.74 -27.06 -24.61
CA GLY E 256 18.27 -27.59 -25.85
C GLY E 256 17.98 -29.05 -26.12
N LYS E 257 17.17 -29.70 -25.28
CA LYS E 257 16.84 -31.11 -25.51
C LYS E 257 16.03 -31.27 -26.80
N LYS E 258 15.11 -30.34 -27.06
CA LYS E 258 14.27 -30.30 -28.25
C LYS E 258 13.30 -31.47 -28.35
N ASP E 259 13.12 -32.23 -27.27
CA ASP E 259 12.16 -33.33 -27.22
C ASP E 259 11.34 -33.21 -25.94
N TRP E 260 10.03 -33.26 -26.07
CA TRP E 260 9.13 -33.10 -24.94
C TRP E 260 8.52 -34.44 -24.54
N SER E 261 8.17 -34.55 -23.27
CA SER E 261 7.58 -35.77 -22.73
C SER E 261 6.82 -35.42 -21.47
N LEU E 262 5.87 -36.29 -21.10
CA LEU E 262 5.16 -36.12 -19.85
C LEU E 262 6.10 -36.22 -18.66
N PHE E 263 7.01 -37.20 -18.70
CA PHE E 263 7.97 -37.34 -17.61
C PHE E 263 8.89 -36.12 -17.51
N ARG E 264 9.38 -35.64 -18.65
CA ARG E 264 10.27 -34.48 -18.63
C ARG E 264 9.56 -33.22 -18.17
N MET E 265 8.23 -33.17 -18.28
CA MET E 265 7.48 -31.98 -17.92
C MET E 265 7.00 -32.01 -16.47
N PHE E 266 6.54 -33.15 -15.98
CA PHE E 266 5.93 -33.23 -14.66
C PHE E 266 6.68 -34.12 -13.68
N SER E 267 7.87 -34.61 -14.05
CA SER E 267 8.65 -35.51 -13.20
C SER E 267 7.86 -36.73 -12.77
N ARG E 268 6.88 -37.12 -13.59
CA ARG E 268 5.97 -38.21 -13.26
C ARG E 268 5.20 -38.59 -14.51
N THR E 269 4.94 -39.88 -14.66
CA THR E 269 4.21 -40.42 -15.80
C THR E 269 2.83 -40.91 -15.34
N LEU E 270 1.87 -40.85 -16.26
CA LEU E 270 0.53 -41.33 -15.96
C LEU E 270 0.54 -42.83 -15.74
N THR E 271 -0.18 -43.29 -14.70
CA THR E 271 -0.24 -44.70 -14.37
C THR E 271 -1.64 -45.28 -14.41
N GLU E 272 -2.65 -44.60 -13.85
CA GLU E 272 -4.01 -45.10 -13.84
C GLU E 272 -4.96 -43.91 -13.97
N PRO E 273 -6.12 -44.11 -14.56
CA PRO E 273 -7.13 -43.04 -14.60
C PRO E 273 -7.89 -42.95 -13.29
N CYS E 274 -8.54 -41.80 -13.10
CA CYS E 274 -9.32 -41.58 -11.90
C CYS E 274 -10.56 -42.47 -11.94
N PRO E 275 -10.76 -43.37 -10.98
CA PRO E 275 -11.91 -44.27 -11.05
C PRO E 275 -13.26 -43.58 -11.02
N LEU E 276 -13.34 -42.38 -10.44
CA LEU E 276 -14.61 -41.67 -10.39
C LEU E 276 -14.97 -41.04 -11.72
N ALA E 277 -13.97 -40.70 -12.53
CA ALA E 277 -14.20 -39.98 -13.77
C ALA E 277 -14.83 -40.88 -14.82
N SER E 278 -15.84 -40.34 -15.51
CA SER E 278 -16.45 -41.02 -16.64
C SER E 278 -15.75 -40.69 -17.96
N GLU E 279 -14.76 -39.79 -17.93
CA GLU E 279 -13.99 -39.45 -19.12
C GLU E 279 -12.66 -38.89 -18.67
N SER E 280 -11.57 -39.54 -19.06
CA SER E 280 -10.23 -39.07 -18.79
C SER E 280 -9.39 -39.28 -20.04
N ARG E 281 -9.15 -38.20 -20.78
CA ARG E 281 -8.42 -38.26 -22.04
C ARG E 281 -7.35 -37.19 -22.06
N VAL E 282 -6.31 -37.44 -22.85
CA VAL E 282 -5.24 -36.48 -23.07
C VAL E 282 -5.26 -36.07 -24.54
N TYR E 283 -5.40 -34.77 -24.78
CA TYR E 283 -5.38 -34.22 -26.13
C TYR E 283 -4.03 -33.57 -26.38
N VAL E 284 -3.37 -33.95 -27.47
CA VAL E 284 -2.10 -33.36 -27.87
C VAL E 284 -2.32 -32.72 -29.24
N ASP E 285 -2.09 -31.41 -29.32
CA ASP E 285 -2.23 -30.71 -30.59
C ASP E 285 -1.12 -31.12 -31.54
N ILE E 286 -1.51 -31.60 -32.72
CA ILE E 286 -0.55 -32.09 -33.71
C ILE E 286 -0.70 -31.37 -35.05
N THR E 287 -1.26 -30.17 -35.04
CA THR E 287 -1.49 -29.44 -36.28
C THR E 287 -0.21 -28.77 -36.76
N THR E 288 0.08 -28.91 -38.06
CA THR E 288 1.15 -28.17 -38.72
C THR E 288 0.51 -27.10 -39.59
N TYR E 289 0.79 -25.84 -39.28
CA TYR E 289 0.12 -24.74 -39.97
C TYR E 289 0.69 -24.52 -41.37
N ASN E 290 1.98 -24.83 -41.56
CA ASN E 290 2.63 -24.63 -42.84
C ASN E 290 2.64 -25.88 -43.72
N GLN E 291 2.92 -27.05 -43.14
CA GLN E 291 3.00 -28.27 -43.92
C GLN E 291 1.64 -28.65 -44.48
N ASP E 292 1.65 -29.33 -45.63
CA ASP E 292 0.42 -29.71 -46.33
C ASP E 292 -0.17 -30.95 -45.66
N ASN E 293 -1.08 -30.69 -44.72
CA ASN E 293 -1.87 -31.71 -44.01
C ASN E 293 -1.03 -32.67 -43.19
N GLU E 294 0.26 -32.37 -42.98
CA GLU E 294 1.08 -33.20 -42.12
C GLU E 294 0.74 -32.95 -40.65
N THR E 295 1.26 -33.80 -39.77
CA THR E 295 0.99 -33.71 -38.35
C THR E 295 2.27 -33.91 -37.55
N LEU E 296 2.24 -33.45 -36.31
CA LEU E 296 3.36 -33.61 -35.40
C LEU E 296 3.55 -35.09 -35.02
N GLU E 297 4.74 -35.40 -34.53
CA GLU E 297 5.09 -36.77 -34.18
C GLU E 297 4.86 -37.01 -32.70
N VAL E 298 4.12 -38.07 -32.38
CA VAL E 298 3.89 -38.51 -31.01
C VAL E 298 4.33 -39.97 -30.91
N HIS E 299 5.17 -40.26 -29.92
CA HIS E 299 5.75 -41.60 -29.83
C HIS E 299 4.72 -42.70 -29.62
N PRO E 300 3.80 -42.62 -28.67
CA PRO E 300 2.78 -43.66 -28.56
C PRO E 300 1.59 -43.36 -29.46
N PRO E 301 1.12 -44.34 -30.22
CA PRO E 301 0.00 -44.10 -31.12
C PRO E 301 -1.24 -43.68 -30.35
N PRO E 302 -1.89 -42.59 -30.78
CA PRO E 302 -3.08 -42.14 -30.06
C PRO E 302 -4.26 -43.07 -30.28
N THR E 303 -5.20 -43.02 -29.34
CA THR E 303 -6.41 -43.81 -29.46
C THR E 303 -7.23 -43.40 -30.69
N THR E 304 -7.41 -42.09 -30.86
CA THR E 304 -8.17 -41.54 -31.98
C THR E 304 -7.64 -40.16 -32.31
N THR E 305 -8.02 -39.66 -33.49
CA THR E 305 -7.67 -38.33 -33.95
C THR E 305 -8.94 -37.52 -34.13
N TYR E 306 -8.97 -36.32 -33.56
CA TYR E 306 -10.16 -35.48 -33.53
C TYR E 306 -9.83 -34.10 -34.10
N GLN E 307 -10.64 -33.65 -35.05
CA GLN E 307 -10.47 -32.36 -35.69
C GLN E 307 -11.73 -31.53 -35.52
N ASP E 308 -11.57 -30.26 -35.20
CA ASP E 308 -12.69 -29.33 -35.08
C ASP E 308 -12.13 -27.92 -35.09
N VAL E 309 -13.04 -26.95 -35.18
CA VAL E 309 -12.68 -25.53 -35.25
C VAL E 309 -12.57 -25.03 -33.82
N ILE E 310 -11.35 -24.91 -33.31
CA ILE E 310 -11.09 -24.39 -31.97
C ILE E 310 -10.36 -23.07 -32.11
N LEU E 311 -10.91 -22.04 -31.47
CA LEU E 311 -10.30 -20.70 -31.46
C LEU E 311 -10.10 -20.16 -32.88
N GLY E 312 -11.04 -20.50 -33.77
CA GLY E 312 -11.08 -19.91 -35.10
C GLY E 312 -10.28 -20.62 -36.17
N THR E 313 -9.52 -21.66 -35.83
CA THR E 313 -8.72 -22.38 -36.80
C THR E 313 -8.96 -23.87 -36.67
N ARG E 314 -8.90 -24.56 -37.81
CA ARG E 314 -9.07 -26.02 -37.81
C ARG E 314 -7.87 -26.66 -37.14
N LYS E 315 -8.10 -27.30 -36.00
CA LYS E 315 -7.03 -27.88 -35.19
C LYS E 315 -7.24 -29.38 -35.07
N THR E 316 -6.16 -30.13 -35.27
CA THR E 316 -6.17 -31.58 -35.17
C THR E 316 -5.58 -32.00 -33.83
N TYR E 317 -6.29 -32.90 -33.13
CA TYR E 317 -5.88 -33.33 -31.81
C TYR E 317 -5.76 -34.85 -31.78
N ALA E 318 -4.78 -35.34 -31.02
CA ALA E 318 -4.60 -36.76 -30.79
C ALA E 318 -5.13 -37.09 -29.39
N ILE E 319 -6.04 -38.05 -29.32
CA ILE E 319 -6.73 -38.39 -28.08
C ILE E 319 -6.09 -39.64 -27.49
N TYR E 320 -5.71 -39.56 -26.23
CA TYR E 320 -5.21 -40.70 -25.46
C TYR E 320 -6.24 -41.03 -24.39
N ASP E 321 -7.16 -41.92 -24.73
CA ASP E 321 -8.24 -42.29 -23.81
C ASP E 321 -7.66 -43.11 -22.67
N LEU E 322 -7.56 -42.50 -21.48
CA LEU E 322 -7.01 -43.20 -20.32
C LEU E 322 -7.96 -44.26 -19.79
N LEU E 323 -9.23 -44.22 -20.17
CA LEU E 323 -10.20 -45.22 -19.74
C LEU E 323 -10.14 -46.50 -20.57
N ASP E 324 -9.33 -46.52 -21.61
CA ASP E 324 -9.18 -47.69 -22.47
C ASP E 324 -8.08 -48.59 -21.92
N THR E 325 -8.41 -49.85 -21.67
CA THR E 325 -7.40 -50.81 -21.25
C THR E 325 -6.39 -51.05 -22.37
N ALA E 326 -6.83 -50.96 -23.62
CA ALA E 326 -5.95 -51.16 -24.77
C ALA E 326 -4.93 -50.04 -24.92
N MET E 327 -5.04 -48.95 -24.17
CA MET E 327 -4.09 -47.85 -24.22
C MET E 327 -3.21 -47.82 -22.98
N ILE E 328 -3.80 -47.83 -21.80
CA ILE E 328 -3.08 -47.82 -20.54
C ILE E 328 -3.80 -48.75 -19.56
N ASN E 329 -3.04 -49.61 -18.89
CA ASN E 329 -3.61 -50.44 -17.84
C ASN E 329 -2.53 -50.68 -16.78
N ASN E 330 -2.81 -51.63 -15.88
CA ASN E 330 -1.93 -51.85 -14.73
C ASN E 330 -0.55 -52.37 -15.12
N SER E 331 -0.40 -52.89 -16.34
CA SER E 331 0.86 -53.49 -16.75
C SER E 331 1.87 -52.50 -17.30
N ARG E 332 1.46 -51.25 -17.57
CA ARG E 332 2.40 -50.28 -18.10
C ARG E 332 1.91 -48.87 -17.80
N ASN E 333 2.86 -47.94 -17.75
CA ASN E 333 2.55 -46.52 -17.58
C ASN E 333 2.53 -45.83 -18.94
N LEU E 334 1.98 -44.63 -18.96
CA LEU E 334 1.86 -43.84 -20.18
C LEU E 334 2.79 -42.63 -20.10
N ASN E 335 3.62 -42.46 -21.13
CA ASN E 335 4.54 -41.33 -21.22
C ASN E 335 4.46 -40.79 -22.64
N ILE E 336 3.70 -39.72 -22.82
CA ILE E 336 3.48 -39.15 -24.15
C ILE E 336 4.69 -38.29 -24.51
N GLN E 337 5.35 -38.63 -25.62
CA GLN E 337 6.52 -37.91 -26.09
C GLN E 337 6.17 -37.15 -27.36
N LEU E 338 6.42 -35.84 -27.35
CA LEU E 338 6.11 -34.96 -28.46
C LEU E 338 7.39 -34.29 -28.96
N LYS E 339 7.60 -34.33 -30.27
CA LYS E 339 8.76 -33.70 -30.89
C LYS E 339 8.34 -32.32 -31.39
N TRP E 340 8.83 -31.27 -30.73
CA TRP E 340 8.47 -29.91 -31.08
C TRP E 340 9.65 -28.98 -30.85
N LYS E 341 10.00 -28.22 -31.87
CA LYS E 341 11.00 -27.17 -31.79
C LYS E 341 10.40 -25.92 -32.40
N ARG E 342 11.04 -24.78 -32.14
CA ARG E 342 10.53 -23.52 -32.66
C ARG E 342 10.51 -23.56 -34.19
N PRO E 343 9.37 -23.34 -34.83
CA PRO E 343 9.33 -23.41 -36.29
C PRO E 343 10.12 -22.27 -36.91
N PRO E 344 10.64 -22.46 -38.11
CA PRO E 344 11.29 -21.36 -38.81
C PRO E 344 10.33 -20.22 -39.07
N GLU E 345 10.89 -19.08 -39.49
CA GLU E 345 10.08 -17.89 -39.73
C GLU E 345 9.01 -18.15 -40.79
N ASN E 346 9.35 -18.93 -41.82
CA ASN E 346 8.38 -19.23 -42.87
C ASN E 346 7.20 -20.03 -42.35
N GLU E 347 7.45 -20.97 -41.45
CA GLU E 347 6.41 -21.85 -40.93
C GLU E 347 5.72 -21.30 -39.69
N ALA E 348 6.09 -20.11 -39.24
CA ALA E 348 5.47 -19.55 -38.04
C ALA E 348 4.00 -19.23 -38.31
N PRO E 349 3.10 -19.51 -37.36
CA PRO E 349 1.71 -19.17 -37.56
C PRO E 349 1.51 -17.66 -37.59
N PRO E 350 0.47 -17.17 -38.26
CA PRO E 350 0.23 -15.73 -38.28
C PRO E 350 -0.08 -15.20 -36.89
N VAL E 351 0.30 -13.95 -36.66
CA VAL E 351 0.07 -13.30 -35.37
C VAL E 351 -1.42 -13.23 -35.10
N PRO E 352 -1.88 -13.44 -33.86
CA PRO E 352 -3.33 -13.40 -33.59
C PRO E 352 -3.92 -12.05 -33.92
N PHE E 353 -5.20 -12.06 -34.29
CA PHE E 353 -5.85 -10.86 -34.80
C PHE E 353 -5.94 -9.76 -33.74
N LEU E 354 -5.98 -10.13 -32.47
CA LEU E 354 -6.08 -9.15 -31.40
C LEU E 354 -5.03 -9.43 -30.34
N HIS E 355 -4.24 -8.41 -30.01
CA HIS E 355 -3.35 -8.43 -28.86
C HIS E 355 -3.15 -6.99 -28.40
N ALA E 356 -2.75 -6.84 -27.14
CA ALA E 356 -2.64 -5.51 -26.56
C ALA E 356 -1.50 -5.47 -25.57
N GLN E 357 -0.92 -4.29 -25.40
CA GLN E 357 0.11 -4.05 -24.40
C GLN E 357 -0.18 -2.75 -23.68
N ARG E 358 0.28 -2.66 -22.43
CA ARG E 358 0.01 -1.52 -21.57
C ARG E 358 1.31 -1.04 -20.94
N TYR E 359 1.42 0.27 -20.77
CA TYR E 359 2.64 0.86 -20.23
C TYR E 359 2.31 2.23 -19.66
N VAL E 360 3.29 2.80 -18.97
CA VAL E 360 3.17 4.11 -18.34
C VAL E 360 4.03 5.09 -19.11
N SER E 361 3.44 6.22 -19.49
CA SER E 361 4.13 7.25 -20.26
C SER E 361 4.62 8.35 -19.33
N GLY E 362 5.84 8.82 -19.59
CA GLY E 362 6.41 9.92 -18.84
C GLY E 362 7.36 9.43 -17.76
N TYR E 363 7.98 10.42 -17.10
CA TYR E 363 8.91 10.17 -16.02
C TYR E 363 8.66 11.16 -14.89
N GLY E 364 9.25 10.87 -13.74
CA GLY E 364 9.06 11.70 -12.56
C GLY E 364 8.07 11.08 -11.59
N LEU E 365 7.73 11.85 -10.56
CA LEU E 365 6.81 11.42 -9.53
C LEU E 365 5.65 12.41 -9.34
N GLN E 366 5.27 13.10 -10.41
CA GLN E 366 4.15 14.04 -10.34
C GLN E 366 3.01 13.68 -11.28
N LYS E 367 3.30 13.36 -12.54
CA LYS E 367 2.25 13.12 -13.52
C LYS E 367 2.73 12.08 -14.52
N GLY E 368 1.76 11.46 -15.19
CA GLY E 368 2.08 10.46 -16.19
C GLY E 368 0.84 10.14 -16.99
N GLU E 369 0.96 9.09 -17.82
CA GLU E 369 -0.14 8.63 -18.65
C GLU E 369 -0.18 7.11 -18.65
N LEU E 370 -1.38 6.55 -18.59
CA LEU E 370 -1.59 5.11 -18.71
C LEU E 370 -2.01 4.84 -20.14
N SER E 371 -1.06 4.41 -20.95
CA SER E 371 -1.28 4.22 -22.39
C SER E 371 -1.49 2.74 -22.68
N THR E 372 -2.51 2.45 -23.48
CA THR E 372 -2.83 1.08 -23.90
C THR E 372 -2.83 1.04 -25.42
N LEU E 373 -2.10 0.08 -25.98
CA LEU E 373 -2.05 -0.11 -27.43
C LEU E 373 -2.87 -1.34 -27.78
N LEU E 374 -3.83 -1.18 -28.68
CA LEU E 374 -4.71 -2.26 -29.11
C LEU E 374 -4.43 -2.56 -30.57
N TYR E 375 -3.92 -3.76 -30.84
CA TYR E 375 -3.51 -4.16 -32.18
C TYR E 375 -4.60 -4.97 -32.83
N ASN E 376 -5.02 -4.56 -34.02
CA ASN E 376 -5.91 -5.33 -34.87
C ASN E 376 -5.11 -5.76 -36.10
N THR E 377 -4.76 -7.03 -36.15
CA THR E 377 -3.89 -7.55 -37.20
C THR E 377 -4.69 -8.11 -38.38
N HIS E 378 -6.01 -8.09 -38.33
CA HIS E 378 -6.80 -8.62 -39.42
C HIS E 378 -6.64 -7.73 -40.66
N PRO E 379 -6.35 -8.31 -41.82
CA PRO E 379 -6.08 -7.48 -43.00
C PRO E 379 -7.23 -6.59 -43.44
N TYR E 380 -8.48 -7.05 -43.31
CA TYR E 380 -9.60 -6.31 -43.89
C TYR E 380 -10.84 -6.22 -43.02
N ARG E 381 -10.85 -6.82 -41.83
CA ARG E 381 -12.04 -6.84 -40.99
C ARG E 381 -11.80 -6.01 -39.73
N ALA E 382 -12.75 -5.14 -39.43
CA ALA E 382 -12.72 -4.33 -38.22
C ALA E 382 -13.75 -4.85 -37.23
N PHE E 383 -13.34 -5.04 -35.98
CA PHE E 383 -14.23 -5.58 -34.98
C PHE E 383 -14.23 -4.72 -33.73
N PRO E 384 -15.36 -4.62 -33.04
CA PRO E 384 -15.39 -3.83 -31.81
C PRO E 384 -14.66 -4.53 -30.67
N VAL E 385 -14.21 -3.72 -29.71
CA VAL E 385 -13.53 -4.22 -28.53
C VAL E 385 -14.09 -3.49 -27.32
N LEU E 386 -13.98 -4.11 -26.15
CA LEU E 386 -14.53 -3.58 -24.91
C LEU E 386 -13.40 -3.47 -23.89
N LEU E 387 -12.90 -2.25 -23.68
CA LEU E 387 -11.79 -2.01 -22.79
C LEU E 387 -12.29 -1.68 -21.39
N LEU E 388 -11.78 -2.37 -20.39
CA LEU E 388 -12.14 -2.16 -18.99
C LEU E 388 -10.89 -1.78 -18.23
N ASP E 389 -10.88 -0.57 -17.67
CA ASP E 389 -9.76 -0.07 -16.88
C ASP E 389 -10.21 0.16 -15.45
N THR E 390 -9.42 -0.32 -14.49
CA THR E 390 -9.65 -0.07 -13.07
C THR E 390 -8.37 0.46 -12.48
N VAL E 391 -8.37 1.73 -12.09
CA VAL E 391 -7.18 2.41 -11.60
C VAL E 391 -7.40 2.79 -10.14
N PRO E 392 -6.43 2.57 -9.25
CA PRO E 392 -6.63 2.87 -7.84
C PRO E 392 -6.85 4.36 -7.60
N TRP E 393 -7.24 4.69 -6.36
CA TRP E 393 -7.65 6.06 -6.06
C TRP E 393 -6.46 7.01 -5.97
N TYR E 394 -5.25 6.50 -5.72
CA TYR E 394 -4.12 7.40 -5.54
C TYR E 394 -3.60 7.90 -6.89
N LEU E 395 -3.98 7.23 -7.98
CA LEU E 395 -3.62 7.68 -9.33
C LEU E 395 -4.79 8.46 -9.90
N ARG E 396 -4.91 9.71 -9.46
CA ARG E 396 -6.06 10.53 -9.84
C ARG E 396 -6.07 10.78 -11.34
N LEU E 397 -7.11 10.32 -12.01
CA LEU E 397 -7.23 10.38 -13.46
C LEU E 397 -8.01 11.63 -13.86
N TYR E 398 -7.70 12.16 -15.03
CA TYR E 398 -8.42 13.28 -15.62
C TYR E 398 -9.06 12.78 -16.91
N VAL E 399 -10.38 12.58 -16.89
CA VAL E 399 -11.05 11.98 -18.03
C VAL E 399 -11.11 12.92 -19.21
N HIS E 400 -10.91 14.23 -19.01
CA HIS E 400 -10.88 15.14 -20.13
C HIS E 400 -9.63 14.98 -20.97
N THR E 401 -8.64 14.24 -20.48
CA THR E 401 -7.41 13.96 -21.21
C THR E 401 -7.45 12.62 -21.94
N LEU E 402 -8.60 11.93 -21.93
CA LEU E 402 -8.71 10.62 -22.55
C LEU E 402 -8.76 10.78 -24.07
N THR E 403 -7.73 10.26 -24.75
CA THR E 403 -7.66 10.30 -26.21
C THR E 403 -7.53 8.88 -26.74
N ILE E 404 -8.31 8.56 -27.76
CA ILE E 404 -8.24 7.29 -28.46
C ILE E 404 -7.92 7.60 -29.92
N THR E 405 -6.68 7.34 -30.32
CA THR E 405 -6.19 7.66 -31.66
C THR E 405 -5.83 6.37 -32.38
N SER E 406 -6.53 6.08 -33.47
CA SER E 406 -6.26 4.92 -34.29
C SER E 406 -5.91 5.36 -35.70
N LYS E 407 -4.81 4.84 -36.23
CA LYS E 407 -4.29 5.21 -37.56
C LYS E 407 -3.98 6.71 -37.63
N GLY E 408 -3.62 7.31 -36.51
CA GLY E 408 -3.23 8.71 -36.49
C GLY E 408 -4.36 9.71 -36.45
N LYS E 409 -5.59 9.27 -36.27
CA LYS E 409 -6.73 10.17 -36.21
C LYS E 409 -7.61 9.79 -35.03
N GLU E 410 -8.40 10.77 -34.58
CA GLU E 410 -9.22 10.59 -33.39
C GLU E 410 -10.28 9.51 -33.62
N ASN E 411 -10.49 8.69 -32.59
CA ASN E 411 -11.48 7.63 -32.61
C ASN E 411 -12.49 7.88 -31.50
N LYS E 412 -13.77 7.83 -31.83
CA LYS E 412 -14.82 8.09 -30.86
C LYS E 412 -15.41 6.76 -30.39
N PRO E 413 -15.22 6.38 -29.13
CA PRO E 413 -15.80 5.11 -28.66
C PRO E 413 -17.31 5.11 -28.78
N SER E 414 -17.86 3.95 -29.14
CA SER E 414 -19.31 3.82 -29.30
C SER E 414 -20.02 3.96 -27.96
N TYR E 415 -19.42 3.47 -26.88
CA TYR E 415 -20.01 3.51 -25.55
C TYR E 415 -18.90 3.75 -24.55
N ILE E 416 -19.04 4.80 -23.74
CA ILE E 416 -18.05 5.15 -22.73
C ILE E 416 -18.75 5.32 -21.39
N HIS E 417 -18.28 4.57 -20.39
CA HIS E 417 -18.77 4.69 -19.02
C HIS E 417 -17.58 4.92 -18.11
N TYR E 418 -17.63 5.99 -17.33
CA TYR E 418 -16.54 6.35 -16.44
C TYR E 418 -17.09 6.71 -15.08
N GLN E 419 -16.55 6.11 -14.04
CA GLN E 419 -16.87 6.53 -12.68
C GLN E 419 -15.62 7.07 -12.01
N PRO E 420 -15.72 8.20 -11.32
CA PRO E 420 -14.54 8.76 -10.65
C PRO E 420 -14.28 8.10 -9.31
N ALA E 421 -13.00 8.04 -8.97
CA ALA E 421 -12.59 7.46 -7.70
C ALA E 421 -12.75 8.46 -6.57
N GLN E 422 -13.01 7.92 -5.38
CA GLN E 422 -13.07 8.71 -4.16
C GLN E 422 -11.91 8.27 -3.26
N ASP E 423 -11.22 9.23 -2.67
CA ASP E 423 -10.03 8.93 -1.88
C ASP E 423 -10.37 7.94 -0.77
N ARG E 424 -9.71 6.79 -0.81
CA ARG E 424 -9.79 5.71 0.17
C ARG E 424 -11.14 5.01 0.16
N LEU E 425 -11.98 5.21 -0.87
CA LEU E 425 -13.31 4.62 -0.90
C LEU E 425 -13.69 3.95 -2.20
N GLN E 426 -13.04 4.28 -3.31
CA GLN E 426 -13.47 3.77 -4.62
C GLN E 426 -12.30 3.85 -5.58
N PRO E 427 -12.20 2.90 -6.52
CA PRO E 427 -11.22 3.03 -7.60
C PRO E 427 -11.82 3.67 -8.84
N HIS E 428 -10.98 4.14 -9.75
CA HIS E 428 -11.47 4.61 -11.04
C HIS E 428 -11.95 3.43 -11.87
N LEU E 429 -13.07 3.62 -12.56
CA LEU E 429 -13.58 2.63 -13.50
C LEU E 429 -13.82 3.33 -14.82
N LEU E 430 -13.32 2.74 -15.91
CA LEU E 430 -13.43 3.34 -17.23
C LEU E 430 -13.66 2.24 -18.24
N GLU E 431 -14.86 2.19 -18.81
CA GLU E 431 -15.23 1.20 -19.81
C GLU E 431 -15.49 1.89 -21.14
N MET E 432 -14.92 1.36 -22.21
CA MET E 432 -15.11 1.90 -23.54
C MET E 432 -15.40 0.76 -24.52
N LEU E 433 -16.21 1.07 -25.53
CA LEU E 433 -16.49 0.14 -26.62
C LEU E 433 -15.91 0.75 -27.89
N ILE E 434 -14.68 0.39 -28.19
CA ILE E 434 -13.93 0.97 -29.30
C ILE E 434 -14.02 0.06 -30.51
N GLN E 435 -14.07 0.65 -31.69
CA GLN E 435 -14.10 -0.09 -32.95
C GLN E 435 -12.69 -0.04 -33.55
N LEU E 436 -11.98 -1.15 -33.48
CA LEU E 436 -10.61 -1.21 -33.96
C LEU E 436 -10.60 -1.36 -35.48
N PRO E 437 -10.03 -0.41 -36.23
CA PRO E 437 -9.96 -0.56 -37.68
C PRO E 437 -8.97 -1.66 -38.06
N ALA E 438 -9.20 -2.23 -39.25
CA ALA E 438 -8.39 -3.35 -39.71
C ALA E 438 -6.96 -2.92 -39.98
N ASN E 439 -6.01 -3.77 -39.59
CA ASN E 439 -4.59 -3.54 -39.79
C ASN E 439 -4.15 -2.20 -39.21
N SER E 440 -4.41 -2.03 -37.91
CA SER E 440 -4.15 -0.78 -37.23
C SER E 440 -3.75 -1.04 -35.79
N VAL E 441 -3.17 0.00 -35.16
CA VAL E 441 -2.87 0.00 -33.74
C VAL E 441 -3.58 1.21 -33.13
N THR E 442 -4.40 0.95 -32.11
CA THR E 442 -5.19 1.99 -31.46
C THR E 442 -4.59 2.27 -30.08
N LYS E 443 -4.31 3.53 -29.79
CA LYS E 443 -3.69 3.93 -28.54
C LYS E 443 -4.72 4.63 -27.67
N VAL E 444 -4.90 4.12 -26.45
CA VAL E 444 -5.83 4.69 -25.48
C VAL E 444 -5.00 5.21 -24.32
N SER E 445 -4.88 6.53 -24.22
CA SER E 445 -4.06 7.16 -23.19
C SER E 445 -4.89 8.10 -22.35
N ILE E 446 -4.68 8.05 -21.03
CA ILE E 446 -5.35 8.94 -20.09
C ILE E 446 -4.32 9.43 -19.08
N GLN E 447 -4.41 10.70 -18.71
CA GLN E 447 -3.44 11.33 -17.84
C GLN E 447 -3.80 11.12 -16.37
N PHE E 448 -2.76 11.00 -15.54
CA PHE E 448 -2.95 10.87 -14.10
C PHE E 448 -1.89 11.65 -13.36
N GLU E 449 -2.22 12.06 -12.15
CA GLU E 449 -1.28 12.71 -11.23
C GLU E 449 -1.11 11.85 -10.00
N ARG E 450 0.14 11.53 -9.67
CA ARG E 450 0.41 10.71 -8.49
C ARG E 450 0.08 11.49 -7.22
N ALA E 451 -0.38 10.78 -6.21
CA ALA E 451 -0.83 11.38 -4.96
C ALA E 451 0.11 11.02 -3.82
N LEU E 452 0.36 12.00 -2.95
CA LEU E 452 1.15 11.76 -1.75
C LEU E 452 0.22 11.30 -0.63
N LEU E 453 0.53 10.16 -0.03
CA LEU E 453 -0.29 9.59 1.03
C LEU E 453 0.35 9.84 2.40
N LYS E 454 -0.39 9.49 3.43
CA LYS E 454 0.15 9.58 4.78
C LYS E 454 1.23 8.54 4.98
N TRP E 455 2.14 8.80 5.93
CA TRP E 455 3.26 7.90 6.14
C TRP E 455 2.86 6.52 6.65
N THR E 456 1.62 6.36 7.12
CA THR E 456 1.11 5.07 7.56
C THR E 456 0.26 4.39 6.49
N GLU E 457 0.04 5.02 5.35
CA GLU E 457 -0.80 4.46 4.29
C GLU E 457 0.00 3.75 3.22
N TYR E 458 1.32 3.67 3.37
CA TYR E 458 2.17 3.02 2.39
C TYR E 458 2.39 1.56 2.74
N THR E 459 2.78 0.79 1.74
CA THR E 459 3.12 -0.61 1.92
C THR E 459 4.45 -0.74 2.65
N PRO E 460 4.75 -1.91 3.21
CA PRO E 460 6.07 -2.09 3.85
C PRO E 460 7.22 -1.85 2.91
N ASP E 461 7.02 -2.03 1.60
CA ASP E 461 8.02 -1.68 0.60
C ASP E 461 7.49 -0.48 -0.20
N PRO E 462 7.62 0.75 0.31
CA PRO E 462 7.01 1.90 -0.37
C PRO E 462 7.78 2.41 -1.57
N ASN E 463 9.05 2.07 -1.71
CA ASN E 463 9.84 2.45 -2.88
C ASN E 463 9.74 1.45 -4.00
N HIS E 464 9.06 0.31 -3.79
CA HIS E 464 8.85 -0.64 -4.86
C HIS E 464 7.84 -0.10 -5.87
N GLY E 465 6.76 0.48 -5.38
CA GLY E 465 5.71 1.03 -6.22
C GLY E 465 4.37 0.42 -5.90
N PHE E 466 3.34 0.94 -6.57
CA PHE E 466 1.99 0.48 -6.42
C PHE E 466 1.52 -0.15 -7.73
N TYR E 467 0.86 -1.30 -7.64
CA TYR E 467 0.44 -2.04 -8.81
C TYR E 467 -0.89 -1.51 -9.33
N VAL E 468 -0.92 -1.17 -10.60
CA VAL E 468 -2.17 -0.87 -11.30
C VAL E 468 -2.73 -2.18 -11.84
N SER E 469 -3.99 -2.45 -11.54
CA SER E 469 -4.59 -3.72 -11.92
C SER E 469 -4.58 -3.88 -13.44
N PRO E 470 -4.32 -5.09 -13.94
CA PRO E 470 -4.31 -5.29 -15.40
C PRO E 470 -5.66 -4.98 -16.03
N SER E 471 -5.60 -4.42 -17.24
CA SER E 471 -6.81 -4.08 -17.97
C SER E 471 -7.40 -5.30 -18.65
N VAL E 472 -8.71 -5.28 -18.86
CA VAL E 472 -9.44 -6.40 -19.41
C VAL E 472 -9.93 -6.02 -20.80
N LEU E 473 -9.64 -6.86 -21.78
CA LEU E 473 -10.03 -6.65 -23.18
C LEU E 473 -10.97 -7.76 -23.61
N SER E 474 -12.23 -7.42 -23.84
CA SER E 474 -13.23 -8.35 -24.34
C SER E 474 -13.54 -8.00 -25.78
N ALA E 475 -13.56 -9.01 -26.65
CA ALA E 475 -13.80 -8.77 -28.06
C ALA E 475 -14.36 -10.04 -28.70
N LEU E 476 -14.94 -9.85 -29.89
CA LEU E 476 -15.42 -10.95 -30.72
C LEU E 476 -14.50 -11.00 -31.94
N VAL E 477 -13.39 -11.72 -31.81
CA VAL E 477 -12.38 -11.75 -32.87
C VAL E 477 -12.89 -12.58 -34.04
N PRO E 478 -12.75 -12.11 -35.28
CA PRO E 478 -13.16 -12.92 -36.43
C PRO E 478 -12.29 -14.17 -36.57
N SER E 479 -12.88 -15.19 -37.18
CA SER E 479 -12.25 -16.50 -37.31
C SER E 479 -11.97 -16.80 -38.77
N MET E 480 -10.91 -17.58 -39.01
CA MET E 480 -10.56 -17.98 -40.37
C MET E 480 -11.66 -18.82 -40.99
N VAL E 481 -12.19 -19.79 -40.25
CA VAL E 481 -13.21 -20.71 -40.74
C VAL E 481 -14.38 -20.72 -39.77
N ALA E 482 -15.54 -21.13 -40.27
CA ALA E 482 -16.77 -21.15 -39.49
C ALA E 482 -16.83 -22.41 -38.63
N ALA E 483 -17.33 -22.24 -37.41
CA ALA E 483 -17.46 -23.35 -36.46
C ALA E 483 -18.91 -23.78 -36.35
N LYS E 484 -19.12 -25.10 -36.45
CA LYS E 484 -20.45 -25.65 -36.29
C LYS E 484 -20.90 -25.58 -34.84
N PRO E 485 -22.22 -25.60 -34.60
CA PRO E 485 -22.71 -25.66 -33.22
C PRO E 485 -22.12 -26.85 -32.49
N VAL E 486 -21.73 -26.62 -31.24
CA VAL E 486 -21.02 -27.60 -30.43
C VAL E 486 -21.92 -28.08 -29.31
N ASP E 487 -21.75 -29.35 -28.92
CA ASP E 487 -22.47 -29.93 -27.80
C ASP E 487 -21.54 -30.01 -26.61
N TRP E 488 -21.91 -29.33 -25.52
CA TRP E 488 -21.00 -29.22 -24.38
C TRP E 488 -20.77 -30.55 -23.68
N GLU E 489 -21.66 -31.53 -23.86
CA GLU E 489 -21.50 -32.84 -23.26
C GLU E 489 -20.81 -33.84 -24.18
N GLU E 490 -20.53 -33.46 -25.43
CA GLU E 490 -19.86 -34.34 -26.38
C GLU E 490 -18.68 -33.66 -27.05
N SER E 491 -18.08 -32.67 -26.40
CA SER E 491 -16.96 -31.93 -26.94
C SER E 491 -15.87 -31.81 -25.90
N PRO E 492 -14.62 -31.57 -26.31
CA PRO E 492 -13.54 -31.42 -25.34
C PRO E 492 -13.79 -30.24 -24.41
N LEU E 493 -13.32 -30.37 -23.17
CA LEU E 493 -13.61 -29.37 -22.14
C LEU E 493 -13.01 -28.00 -22.47
N PHE E 494 -11.99 -27.95 -23.33
CA PHE E 494 -11.42 -26.65 -23.67
C PHE E 494 -12.27 -25.91 -24.71
N ASN E 495 -13.19 -26.61 -25.36
CA ASN E 495 -14.07 -26.01 -26.35
C ASN E 495 -15.39 -25.54 -25.77
N SER E 496 -15.66 -25.81 -24.50
CA SER E 496 -16.91 -25.42 -23.87
C SER E 496 -16.71 -24.37 -22.77
N LEU E 497 -15.61 -23.64 -22.81
CA LEU E 497 -15.37 -22.63 -21.78
C LEU E 497 -16.26 -21.41 -21.97
N PHE E 498 -16.42 -20.94 -23.21
CA PHE E 498 -17.22 -19.78 -23.51
C PHE E 498 -18.38 -20.13 -24.42
N PRO E 499 -19.58 -19.58 -24.18
CA PRO E 499 -20.67 -19.77 -25.12
C PRO E 499 -20.33 -19.17 -26.48
N VAL E 500 -20.76 -19.85 -27.54
CA VAL E 500 -20.51 -19.42 -28.90
C VAL E 500 -21.84 -18.96 -29.50
N SER E 501 -21.89 -17.72 -29.97
CA SER E 501 -23.10 -17.15 -30.55
C SER E 501 -23.06 -17.10 -32.06
N ASP E 502 -21.92 -16.78 -32.65
CA ASP E 502 -21.77 -16.72 -34.10
C ASP E 502 -20.72 -17.73 -34.55
N GLY E 503 -20.96 -18.31 -35.73
CA GLY E 503 -20.04 -19.30 -36.26
C GLY E 503 -18.69 -18.73 -36.64
N SER E 504 -18.67 -17.49 -37.14
CA SER E 504 -17.45 -16.87 -37.65
C SER E 504 -16.77 -15.96 -36.64
N ASN E 505 -17.23 -15.94 -35.40
CA ASN E 505 -16.63 -15.11 -34.37
C ASN E 505 -16.48 -15.91 -33.09
N TYR E 506 -15.39 -15.66 -32.37
CA TYR E 506 -15.16 -16.27 -31.08
C TYR E 506 -14.76 -15.20 -30.07
N PHE E 507 -15.12 -15.45 -28.81
CA PHE E 507 -14.94 -14.47 -27.74
C PHE E 507 -13.63 -14.71 -27.01
N VAL E 508 -12.86 -13.64 -26.83
CA VAL E 508 -11.60 -13.69 -26.10
C VAL E 508 -11.60 -12.60 -25.05
N ARG E 509 -11.04 -12.90 -23.89
CA ARG E 509 -10.89 -11.94 -22.80
C ARG E 509 -9.41 -11.81 -22.47
N LEU E 510 -8.74 -10.89 -23.15
CA LEU E 510 -7.32 -10.65 -22.90
C LEU E 510 -7.14 -9.76 -21.67
N TYR E 511 -6.06 -10.01 -20.93
CA TYR E 511 -5.64 -9.16 -19.84
C TYR E 511 -4.24 -8.62 -20.15
N THR E 512 -4.07 -7.31 -20.00
CA THR E 512 -2.79 -6.69 -20.28
C THR E 512 -1.85 -6.88 -19.09
N GLU E 513 -0.68 -6.27 -19.17
CA GLU E 513 0.31 -6.41 -18.12
C GLU E 513 -0.07 -5.55 -16.92
N PRO E 514 0.28 -5.99 -15.71
CA PRO E 514 0.18 -5.10 -14.55
C PRO E 514 1.16 -3.95 -14.68
N LEU E 515 0.79 -2.81 -14.11
CA LEU E 515 1.60 -1.60 -14.17
C LEU E 515 2.11 -1.25 -12.79
N LEU E 516 3.41 -0.99 -12.69
CA LEU E 516 4.05 -0.63 -11.44
C LEU E 516 4.37 0.86 -11.48
N VAL E 517 3.70 1.64 -10.64
CA VAL E 517 3.88 3.09 -10.59
C VAL E 517 4.33 3.48 -9.20
N ASN E 518 5.25 4.43 -9.13
CA ASN E 518 5.81 4.91 -7.87
C ASN E 518 5.14 6.20 -7.45
N LEU E 519 4.73 6.27 -6.23
CA LEU E 519 4.19 7.50 -5.69
C LEU E 519 5.27 8.29 -4.97
N PRO E 520 5.15 9.62 -4.89
CA PRO E 520 6.06 10.37 -4.03
C PRO E 520 5.90 9.93 -2.58
N THR E 521 7.02 9.87 -1.86
CA THR E 521 6.96 9.31 -0.53
C THR E 521 7.49 10.30 0.50
N PRO E 522 6.88 10.35 1.68
CA PRO E 522 7.49 11.11 2.79
C PRO E 522 8.71 10.38 3.35
N ASP E 523 9.28 10.89 4.44
CA ASP E 523 10.55 10.37 4.91
C ASP E 523 10.42 9.03 5.64
N PHE E 524 9.32 8.83 6.37
CA PHE E 524 9.06 7.63 7.18
C PHE E 524 9.94 7.56 8.41
N SER E 525 10.91 8.47 8.51
CA SER E 525 11.74 8.57 9.71
C SER E 525 11.70 9.97 10.30
N MET E 526 10.76 10.81 9.86
CA MET E 526 10.66 12.19 10.27
C MET E 526 9.28 12.58 10.80
N PRO E 527 8.62 11.78 11.67
CA PRO E 527 7.34 12.24 12.22
C PRO E 527 7.51 13.14 13.43
N TYR E 528 8.51 12.86 14.27
CA TYR E 528 8.75 13.69 15.44
C TYR E 528 9.40 15.01 15.05
N ASN E 529 10.40 14.94 14.17
CA ASN E 529 11.12 16.14 13.77
C ASN E 529 10.22 17.08 12.97
N VAL E 530 9.37 16.54 12.11
CA VAL E 530 8.44 17.39 11.35
C VAL E 530 7.45 18.05 12.28
N ILE E 531 6.93 17.31 13.26
CA ILE E 531 6.04 17.91 14.24
C ILE E 531 6.74 19.05 14.97
N CYS E 532 7.97 18.80 15.41
CA CYS E 532 8.72 19.82 16.13
C CYS E 532 8.94 21.06 15.27
N LEU E 533 9.34 20.87 14.01
CA LEU E 533 9.69 22.00 13.16
C LEU E 533 8.46 22.81 12.77
N THR E 534 7.38 22.15 12.36
CA THR E 534 6.17 22.88 11.99
C THR E 534 5.56 23.57 13.20
N CYS E 535 5.56 22.91 14.36
CA CYS E 535 5.06 23.55 15.56
C CYS E 535 5.91 24.74 15.95
N THR E 536 7.22 24.65 15.77
CA THR E 536 8.11 25.79 16.03
C THR E 536 7.81 26.95 15.09
N VAL E 537 7.56 26.65 13.81
CA VAL E 537 7.24 27.71 12.86
C VAL E 537 5.94 28.41 13.25
N VAL E 538 4.95 27.63 13.69
CA VAL E 538 3.70 28.23 14.15
C VAL E 538 3.94 29.07 15.41
N ALA E 539 4.74 28.54 16.34
CA ALA E 539 5.01 29.25 17.58
C ALA E 539 5.80 30.53 17.35
N VAL E 540 6.55 30.61 16.26
CA VAL E 540 7.24 31.86 15.92
C VAL E 540 6.22 32.98 15.74
N CYS E 541 5.20 32.73 14.91
CA CYS E 541 4.14 33.71 14.72
C CYS E 541 3.38 33.96 16.01
N TYR E 542 3.09 32.89 16.76
CA TYR E 542 2.35 33.07 18.00
C TYR E 542 3.10 34.00 18.96
N GLY E 543 4.39 33.74 19.17
CA GLY E 543 5.16 34.55 20.10
C GLY E 543 5.34 35.98 19.63
N SER E 544 5.63 36.16 18.33
CA SER E 544 5.81 37.52 17.82
C SER E 544 4.53 38.33 17.95
N PHE E 545 3.39 37.76 17.53
CA PHE E 545 2.13 38.47 17.64
C PHE E 545 1.73 38.69 19.10
N TYR E 546 2.02 37.71 19.98
CA TYR E 546 1.71 37.88 21.39
C TYR E 546 2.49 39.05 21.98
N ASN E 547 3.78 39.13 21.69
CA ASN E 547 4.57 40.27 22.15
C ASN E 547 4.02 41.57 21.62
N LEU E 548 3.76 41.64 20.31
CA LEU E 548 3.33 42.91 19.71
C LEU E 548 1.96 43.34 20.24
N LEU E 549 1.07 42.39 20.53
CA LEU E 549 -0.27 42.75 20.97
C LEU E 549 -0.32 43.02 22.48
N THR E 550 0.55 42.37 23.25
CA THR E 550 0.47 42.49 24.70
C THR E 550 1.36 43.60 25.23
N ARG E 551 2.66 43.54 24.92
CA ARG E 551 3.57 44.51 25.50
C ARG E 551 3.38 45.89 24.88
N THR E 552 3.82 46.91 25.61
CA THR E 552 3.75 48.29 25.17
C THR E 552 5.13 48.91 25.30
N PHE E 553 5.35 49.97 24.52
CA PHE E 553 6.66 50.61 24.47
C PHE E 553 6.94 51.39 25.75
N HIS E 554 8.21 51.39 26.15
CA HIS E 554 8.66 52.12 27.32
C HIS E 554 10.02 52.72 27.03
N ILE E 555 10.40 53.73 27.82
CA ILE E 555 11.68 54.38 27.64
C ILE E 555 12.74 53.68 28.49
N GLU E 556 13.90 53.46 27.88
CA GLU E 556 15.06 52.84 28.54
C GLU E 556 14.72 51.46 29.09
N ALA F 4 -6.16 57.53 -14.81
CA ALA F 4 -4.92 58.28 -14.97
C ALA F 4 -4.04 57.63 -16.03
N ALA F 5 -3.22 58.45 -16.69
CA ALA F 5 -2.31 57.93 -17.72
C ALA F 5 -1.32 56.91 -17.19
N PRO F 6 -0.61 57.13 -16.07
CA PRO F 6 0.30 56.09 -15.58
C PRO F 6 -0.40 54.79 -15.22
N LEU F 7 -1.63 54.85 -14.71
CA LEU F 7 -2.36 53.62 -14.42
C LEU F 7 -2.66 52.86 -15.71
N VAL F 8 -3.05 53.57 -16.77
CA VAL F 8 -3.29 52.93 -18.06
C VAL F 8 -2.01 52.31 -18.60
N LEU F 9 -0.88 53.02 -18.45
CA LEU F 9 0.40 52.48 -18.92
C LEU F 9 0.77 51.21 -18.16
N VAL F 10 0.59 51.20 -16.85
CA VAL F 10 0.90 50.02 -16.05
C VAL F 10 -0.02 48.87 -16.43
N LEU F 11 -1.31 49.16 -16.64
CA LEU F 11 -2.25 48.12 -17.05
C LEU F 11 -1.85 47.52 -18.40
N VAL F 12 -1.43 48.37 -19.34
CA VAL F 12 -1.01 47.90 -20.65
C VAL F 12 0.22 47.02 -20.53
N VAL F 13 1.20 47.45 -19.74
CA VAL F 13 2.42 46.66 -19.58
C VAL F 13 2.10 45.30 -18.96
N ALA F 14 1.27 45.29 -17.92
CA ALA F 14 0.92 44.03 -17.27
C ALA F 14 0.17 43.10 -18.21
N VAL F 15 -0.79 43.63 -18.96
CA VAL F 15 -1.56 42.81 -19.89
C VAL F 15 -0.65 42.25 -20.97
N THR F 16 0.27 43.07 -21.49
CA THR F 16 1.19 42.59 -22.52
C THR F 16 2.08 41.49 -22.00
N VAL F 17 2.62 41.65 -20.78
CA VAL F 17 3.47 40.62 -20.21
C VAL F 17 2.69 39.33 -20.01
N ARG F 18 1.46 39.43 -19.49
CA ARG F 18 0.65 38.24 -19.26
C ARG F 18 0.33 37.54 -20.57
N ALA F 19 -0.02 38.31 -21.62
CA ALA F 19 -0.32 37.69 -22.90
C ALA F 19 0.91 37.02 -23.51
N ALA F 20 2.06 37.68 -23.41
CA ALA F 20 3.29 37.09 -23.93
C ALA F 20 3.62 35.79 -23.23
N LEU F 21 3.43 35.74 -21.90
CA LEU F 21 3.67 34.49 -21.19
C LEU F 21 2.60 33.45 -21.50
N PHE F 22 1.37 33.89 -21.80
CA PHE F 22 0.32 32.97 -22.21
C PHE F 22 0.69 32.26 -23.51
N ARG F 23 1.22 33.00 -24.48
CA ARG F 23 1.58 32.44 -25.77
C ARG F 23 2.95 31.79 -25.79
N SER F 24 3.67 31.82 -24.66
CA SER F 24 4.99 31.21 -24.60
C SER F 24 4.88 29.70 -24.38
N SER F 25 6.02 29.02 -24.44
CA SER F 25 6.07 27.59 -24.17
C SER F 25 6.15 27.28 -22.68
N LEU F 26 6.31 28.30 -21.83
CA LEU F 26 6.35 28.11 -20.39
C LEU F 26 4.98 28.07 -19.74
N ALA F 27 3.91 28.24 -20.52
CA ALA F 27 2.57 28.20 -19.95
C ALA F 27 2.26 26.85 -19.34
N GLU F 28 2.64 25.76 -20.05
CA GLU F 28 2.41 24.42 -19.51
C GLU F 28 3.24 24.19 -18.26
N PHE F 29 4.49 24.67 -18.25
CA PHE F 29 5.34 24.51 -17.08
C PHE F 29 4.76 25.24 -15.88
N ILE F 30 4.28 26.47 -16.08
CA ILE F 30 3.72 27.26 -14.99
C ILE F 30 2.41 26.65 -14.50
N SER F 31 1.61 26.11 -15.42
CA SER F 31 0.28 25.64 -15.06
C SER F 31 0.34 24.48 -14.08
N GLU F 32 1.44 23.75 -14.06
CA GLU F 32 1.57 22.55 -13.24
C GLU F 32 2.40 22.76 -11.99
N ARG F 33 2.73 24.01 -11.64
CA ARG F 33 3.54 24.27 -10.46
C ARG F 33 2.71 24.13 -9.19
N VAL F 34 3.22 23.36 -8.24
CA VAL F 34 2.50 23.18 -6.97
C VAL F 34 2.43 24.48 -6.19
N GLU F 35 3.41 25.37 -6.41
CA GLU F 35 3.41 26.66 -5.71
C GLU F 35 2.36 27.59 -6.31
N VAL F 36 2.02 27.40 -7.59
CA VAL F 36 1.16 28.34 -8.29
C VAL F 36 -0.28 27.86 -8.29
N VAL F 37 -0.49 26.55 -8.46
CA VAL F 37 -1.83 26.00 -8.44
C VAL F 37 -2.00 25.14 -7.18
N SER F 38 -3.25 24.93 -6.80
CA SER F 38 -3.58 24.19 -5.59
C SER F 38 -4.76 23.28 -5.91
N PRO F 39 -5.02 22.28 -5.06
CA PRO F 39 -6.16 21.39 -5.33
C PRO F 39 -7.49 22.12 -5.46
N LEU F 40 -7.64 23.27 -4.82
CA LEU F 40 -8.86 24.06 -4.92
C LEU F 40 -8.82 25.13 -6.00
N SER F 41 -7.72 25.23 -6.76
CA SER F 41 -7.56 26.35 -7.67
C SER F 41 -6.92 25.99 -9.00
N SER F 42 -6.67 24.72 -9.29
CA SER F 42 -6.02 24.35 -10.54
C SER F 42 -6.99 24.52 -11.71
N TRP F 43 -6.43 24.83 -12.87
CA TRP F 43 -7.24 24.98 -14.08
C TRP F 43 -7.57 23.64 -14.72
N LYS F 44 -6.64 22.68 -14.65
CA LYS F 44 -6.91 21.35 -15.16
C LYS F 44 -8.10 20.75 -14.44
N ARG F 45 -8.26 21.06 -13.15
CA ARG F 45 -9.39 20.53 -12.41
C ARG F 45 -10.70 21.20 -12.81
N VAL F 46 -10.65 22.49 -13.19
CA VAL F 46 -11.83 23.13 -13.75
C VAL F 46 -12.25 22.45 -15.04
N VAL F 47 -11.28 22.19 -15.93
CA VAL F 47 -11.60 21.52 -17.18
C VAL F 47 -12.13 20.11 -16.92
N GLU F 48 -11.54 19.39 -15.95
CA GLU F 48 -12.01 18.05 -15.63
C GLU F 48 -13.43 18.07 -15.07
N GLY F 49 -13.73 19.02 -14.18
CA GLY F 49 -15.07 19.10 -13.63
C GLY F 49 -16.10 19.54 -14.64
N LEU F 50 -15.68 20.31 -15.64
CA LEU F 50 -16.60 20.65 -16.73
C LEU F 50 -16.82 19.47 -17.66
N SER F 51 -15.79 18.67 -17.89
CA SER F 51 -15.93 17.50 -18.75
C SER F 51 -16.76 16.42 -18.07
N LEU F 52 -16.66 16.30 -16.75
CA LEU F 52 -17.43 15.29 -16.03
C LEU F 52 -18.93 15.55 -16.14
N LEU F 53 -19.34 16.82 -16.19
CA LEU F 53 -20.76 17.14 -16.33
C LEU F 53 -21.30 16.71 -17.68
N ASP F 54 -20.45 16.66 -18.71
CA ASP F 54 -20.89 16.21 -20.02
C ASP F 54 -21.13 14.70 -20.05
N LEU F 55 -20.53 13.95 -19.14
CA LEU F 55 -20.73 12.51 -19.05
C LEU F 55 -21.92 12.13 -18.18
N GLY F 56 -22.61 13.10 -17.59
CA GLY F 56 -23.67 12.82 -16.65
C GLY F 56 -23.20 12.53 -15.25
N VAL F 57 -21.90 12.61 -14.98
CA VAL F 57 -21.34 12.37 -13.66
C VAL F 57 -21.22 13.70 -12.94
N SER F 58 -21.70 13.75 -11.71
CA SER F 58 -21.57 14.95 -10.91
C SER F 58 -20.09 15.21 -10.63
N PRO F 59 -19.59 16.43 -10.85
CA PRO F 59 -18.16 16.68 -10.65
C PRO F 59 -17.70 16.53 -9.21
N TYR F 60 -18.61 16.57 -8.25
CA TYR F 60 -18.28 16.45 -6.84
C TYR F 60 -18.29 15.01 -6.36
N SER F 61 -18.58 14.05 -7.24
CA SER F 61 -18.48 12.65 -6.88
C SER F 61 -17.05 12.12 -6.94
N GLY F 62 -16.13 12.85 -7.58
CA GLY F 62 -14.75 12.47 -7.64
C GLY F 62 -13.90 13.21 -6.62
N ALA F 63 -12.58 13.02 -6.73
CA ALA F 63 -11.62 13.64 -5.83
C ALA F 63 -10.67 14.58 -6.55
N VAL F 64 -11.07 15.12 -7.70
CA VAL F 64 -10.21 16.02 -8.47
C VAL F 64 -10.79 17.43 -8.45
N PHE F 65 -12.11 17.53 -8.47
CA PHE F 65 -12.79 18.82 -8.56
C PHE F 65 -13.20 19.29 -7.17
N HIS F 66 -12.77 20.50 -6.80
CA HIS F 66 -13.07 21.07 -5.50
C HIS F 66 -13.45 22.55 -5.58
N GLU F 67 -14.04 22.98 -6.69
CA GLU F 67 -14.40 24.37 -6.85
C GLU F 67 -15.91 24.56 -6.69
N THR F 68 -16.30 25.79 -6.39
CA THR F 68 -17.68 26.12 -6.07
C THR F 68 -18.54 26.17 -7.33
N PRO F 69 -19.84 25.95 -7.20
CA PRO F 69 -20.72 25.99 -8.37
C PRO F 69 -20.67 27.29 -9.15
N LEU F 70 -20.42 28.42 -8.49
CA LEU F 70 -20.33 29.68 -9.22
C LEU F 70 -19.20 29.67 -10.24
N ILE F 71 -18.07 29.05 -9.89
CA ILE F 71 -16.95 28.96 -10.82
C ILE F 71 -17.34 28.10 -12.03
N ILE F 72 -18.03 26.99 -11.80
CA ILE F 72 -18.41 26.14 -12.92
C ILE F 72 -19.44 26.84 -13.81
N TYR F 73 -20.34 27.63 -13.21
CA TYR F 73 -21.28 28.38 -14.03
C TYR F 73 -20.57 29.45 -14.85
N LEU F 74 -19.61 30.15 -14.25
CA LEU F 74 -18.88 31.17 -14.97
C LEU F 74 -18.09 30.58 -16.13
N PHE F 75 -17.41 29.45 -15.89
CA PHE F 75 -16.55 28.87 -16.90
C PHE F 75 -17.29 27.93 -17.84
N HIS F 76 -18.57 27.64 -17.60
CA HIS F 76 -19.37 26.98 -18.62
C HIS F 76 -19.60 27.91 -19.80
N PHE F 77 -20.03 29.14 -19.52
CA PHE F 77 -20.18 30.13 -20.58
C PHE F 77 -18.82 30.62 -21.07
N LEU F 78 -17.87 30.80 -20.17
CA LEU F 78 -16.57 31.39 -20.52
C LEU F 78 -15.44 30.37 -20.53
N ILE F 79 -15.70 29.14 -20.98
CA ILE F 79 -14.61 28.19 -21.16
C ILE F 79 -13.67 28.68 -22.25
N ASP F 80 -14.21 29.33 -23.28
CA ASP F 80 -13.39 30.06 -24.21
C ASP F 80 -13.02 31.42 -23.61
N TYR F 81 -11.98 32.03 -24.18
CA TYR F 81 -11.45 33.30 -23.69
C TYR F 81 -11.03 33.22 -22.23
N ALA F 82 -10.55 32.06 -21.77
CA ALA F 82 -10.16 31.92 -20.37
C ALA F 82 -9.00 32.84 -20.03
N GLU F 83 -8.00 32.91 -20.91
CA GLU F 83 -6.87 33.79 -20.66
C GLU F 83 -7.32 35.25 -20.63
N LEU F 84 -8.27 35.62 -21.49
CA LEU F 84 -8.83 36.96 -21.45
C LEU F 84 -9.56 37.20 -20.13
N VAL F 85 -10.29 36.19 -19.65
CA VAL F 85 -10.99 36.31 -18.38
C VAL F 85 -10.02 36.57 -17.24
N PHE F 86 -8.91 35.83 -17.21
CA PHE F 86 -7.98 35.97 -16.10
C PHE F 86 -7.20 37.28 -16.19
N MET F 87 -6.84 37.72 -17.40
CA MET F 87 -6.21 39.03 -17.55
C MET F 87 -7.16 40.13 -17.09
N ILE F 88 -8.44 40.02 -17.43
CA ILE F 88 -9.41 41.02 -17.01
C ILE F 88 -9.58 41.02 -15.50
N THR F 89 -9.58 39.83 -14.88
CA THR F 89 -9.67 39.79 -13.42
C THR F 89 -8.47 40.43 -12.75
N ASP F 90 -7.27 40.18 -13.28
CA ASP F 90 -6.09 40.82 -12.71
C ASP F 90 -6.15 42.34 -12.87
N ALA F 91 -6.55 42.82 -14.04
CA ALA F 91 -6.67 44.26 -14.25
C ALA F 91 -7.73 44.86 -13.33
N LEU F 92 -8.84 44.15 -13.14
CA LEU F 92 -9.90 44.64 -12.27
C LEU F 92 -9.45 44.69 -10.82
N THR F 93 -8.69 43.69 -10.37
CA THR F 93 -8.11 43.75 -9.04
C THR F 93 -7.18 44.95 -8.88
N ALA F 94 -6.36 45.20 -9.89
CA ALA F 94 -5.48 46.37 -9.84
C ALA F 94 -6.27 47.66 -9.75
N ILE F 95 -7.33 47.78 -10.54
CA ILE F 95 -8.14 49.00 -10.52
C ILE F 95 -8.81 49.19 -9.16
N ALA F 96 -9.39 48.12 -8.63
CA ALA F 96 -10.05 48.21 -7.33
C ALA F 96 -9.07 48.60 -6.23
N LEU F 97 -7.89 47.98 -6.21
CA LEU F 97 -6.88 48.34 -5.21
C LEU F 97 -6.43 49.78 -5.39
N TYR F 98 -6.23 50.21 -6.63
CA TYR F 98 -5.81 51.59 -6.90
C TYR F 98 -6.81 52.58 -6.31
N PHE F 99 -8.10 52.41 -6.62
CA PHE F 99 -9.07 53.39 -6.16
C PHE F 99 -9.30 53.29 -4.65
N ALA F 100 -9.25 52.08 -4.10
CA ALA F 100 -9.40 51.93 -2.66
C ALA F 100 -8.29 52.65 -1.91
N ILE F 101 -7.04 52.46 -2.35
CA ILE F 101 -5.92 53.12 -1.69
C ILE F 101 -5.97 54.63 -1.91
N GLN F 102 -6.43 55.05 -3.09
CA GLN F 102 -6.54 56.49 -3.35
C GLN F 102 -7.53 57.15 -2.41
N ASP F 103 -8.66 56.49 -2.13
CA ASP F 103 -9.61 57.06 -1.17
C ASP F 103 -9.08 56.96 0.25
N PHE F 104 -8.39 55.86 0.57
CA PHE F 104 -7.85 55.70 1.93
C PHE F 104 -6.82 56.76 2.24
N ASN F 105 -6.01 57.16 1.25
CA ASN F 105 -5.03 58.21 1.48
C ASN F 105 -5.71 59.53 1.84
N LYS F 106 -6.80 59.88 1.14
CA LYS F 106 -7.53 61.08 1.49
C LYS F 106 -8.11 60.98 2.90
N VAL F 107 -8.67 59.82 3.24
CA VAL F 107 -9.28 59.67 4.57
C VAL F 107 -8.23 59.84 5.67
N VAL F 108 -7.07 59.18 5.50
CA VAL F 108 -6.02 59.28 6.51
C VAL F 108 -5.42 60.68 6.56
N PHE F 109 -5.36 61.39 5.43
CA PHE F 109 -4.87 62.76 5.47
C PHE F 109 -5.85 63.68 6.21
N LYS F 110 -7.15 63.47 6.01
CA LYS F 110 -8.13 64.24 6.77
C LYS F 110 -7.99 63.98 8.26
N LYS F 111 -7.82 62.71 8.65
CA LYS F 111 -7.61 62.41 10.06
C LYS F 111 -6.34 63.09 10.59
N GLN F 112 -5.25 63.03 9.83
CA GLN F 112 -4.01 63.64 10.28
C GLN F 112 -4.16 65.13 10.42
N LYS F 113 -4.85 65.79 9.49
CA LYS F 113 -5.10 67.22 9.61
C LYS F 113 -5.94 67.53 10.83
N LEU F 114 -6.90 66.65 11.16
CA LEU F 114 -7.72 66.87 12.34
C LEU F 114 -6.88 66.84 13.61
N LEU F 115 -6.09 65.77 13.80
CA LEU F 115 -5.25 65.74 15.01
C LEU F 115 -4.10 66.74 14.97
N LEU F 116 -3.75 67.28 13.80
CA LEU F 116 -2.79 68.38 13.78
C LEU F 116 -3.43 69.68 14.24
N GLU F 117 -4.66 69.93 13.80
CA GLU F 117 -5.38 71.12 14.26
C GLU F 117 -5.65 71.06 15.75
N LEU F 118 -5.99 69.87 16.26
CA LEU F 118 -6.19 69.71 17.69
C LEU F 118 -4.89 69.64 18.47
N ASP F 119 -3.74 69.63 17.79
CA ASP F 119 -2.43 69.55 18.43
C ASP F 119 -2.29 68.31 19.31
N GLN F 120 -2.92 67.21 18.90
CA GLN F 120 -2.87 65.99 19.69
C GLN F 120 -1.51 65.30 19.56
N TYR F 121 -0.75 65.61 18.51
CA TYR F 121 0.53 64.97 18.30
C TYR F 121 1.61 65.61 19.18
N ALA F 122 2.82 65.07 19.08
CA ALA F 122 3.94 65.60 19.82
C ALA F 122 4.39 66.94 19.25
N PRO F 123 5.06 67.77 20.05
CA PRO F 123 5.48 69.09 19.55
C PRO F 123 6.33 69.03 18.29
N ASP F 124 7.24 68.06 18.17
CA ASP F 124 8.17 67.99 17.04
C ASP F 124 8.14 66.58 16.46
N VAL F 125 7.19 66.33 15.57
CA VAL F 125 7.09 65.08 14.83
C VAL F 125 6.99 65.37 13.34
N ALA F 126 7.61 66.47 12.91
CA ALA F 126 7.46 66.93 11.53
C ALA F 126 7.94 65.88 10.54
N GLU F 127 8.98 65.12 10.88
CA GLU F 127 9.46 64.08 9.99
C GLU F 127 8.42 62.99 9.81
N LEU F 128 7.67 62.68 10.87
CA LEU F 128 6.67 61.61 10.78
C LEU F 128 5.40 62.08 10.10
N ILE F 129 5.26 63.39 9.89
CA ILE F 129 4.06 63.93 9.28
C ILE F 129 3.98 63.52 7.83
N ARG F 130 2.83 62.98 7.43
CA ARG F 130 2.60 62.57 6.05
C ARG F 130 2.14 63.76 5.22
N THR F 131 2.64 63.84 4.00
CA THR F 131 2.42 64.98 3.11
C THR F 131 1.82 64.50 1.81
N PRO F 132 1.04 65.34 1.13
CA PRO F 132 0.44 64.92 -0.14
C PRO F 132 1.47 64.56 -1.21
N MET F 133 2.66 65.16 -1.17
CA MET F 133 3.68 64.84 -2.15
C MET F 133 4.13 63.39 -2.04
N GLU F 134 4.29 62.89 -0.81
CA GLU F 134 4.75 61.52 -0.63
C GLU F 134 3.65 60.51 -0.93
N MET F 135 2.39 60.94 -0.84
CA MET F 135 1.25 60.06 -1.05
C MET F 135 0.71 60.11 -2.48
N ARG F 136 1.37 60.83 -3.38
CA ARG F 136 0.84 61.01 -4.73
C ARG F 136 0.82 59.70 -5.50
N TYR F 137 1.91 58.94 -5.43
CA TYR F 137 2.06 57.73 -6.24
C TYR F 137 1.86 56.45 -5.46
N ILE F 138 1.37 56.53 -4.21
CA ILE F 138 1.05 55.30 -3.47
C ILE F 138 -0.05 54.50 -4.14
N PRO F 139 -1.17 55.09 -4.61
CA PRO F 139 -2.16 54.27 -5.31
C PRO F 139 -1.62 53.61 -6.56
N LEU F 140 -0.75 54.29 -7.31
CA LEU F 140 -0.14 53.69 -8.49
C LEU F 140 0.81 52.56 -8.13
N LYS F 141 1.62 52.75 -7.08
CA LYS F 141 2.52 51.68 -6.65
C LYS F 141 1.76 50.48 -6.10
N VAL F 142 0.59 50.69 -5.51
CA VAL F 142 -0.21 49.57 -5.04
C VAL F 142 -0.62 48.68 -6.21
N ALA F 143 -1.10 49.29 -7.29
CA ALA F 143 -1.49 48.54 -8.49
C ALA F 143 -0.30 47.98 -9.23
N LEU F 144 0.86 48.62 -9.14
CA LEU F 144 2.07 48.11 -9.77
C LEU F 144 2.71 46.95 -9.01
N PHE F 145 2.64 46.94 -7.68
CA PHE F 145 3.17 45.82 -6.90
C PHE F 145 2.32 44.57 -7.05
N TYR F 146 1.11 44.69 -7.56
CA TYR F 146 0.24 43.53 -7.79
C TYR F 146 0.29 43.06 -9.24
N LEU F 147 0.17 43.99 -10.19
CA LEU F 147 0.17 43.60 -11.60
C LEU F 147 1.49 42.96 -12.01
N LEU F 148 2.61 43.56 -11.60
CA LEU F 148 3.93 43.12 -12.04
C LEU F 148 4.62 42.22 -11.03
N ASN F 149 3.92 41.83 -9.97
CA ASN F 149 4.46 40.83 -9.06
C ASN F 149 4.64 39.52 -9.82
N PRO F 150 5.81 38.87 -9.74
CA PRO F 150 5.95 37.55 -10.37
C PRO F 150 4.94 36.55 -9.87
N TYR F 151 4.56 36.63 -8.60
CA TYR F 151 3.55 35.72 -8.05
C TYR F 151 2.23 35.86 -8.80
N THR F 152 1.76 37.10 -8.97
CA THR F 152 0.48 37.32 -9.64
C THR F 152 0.55 36.94 -11.11
N ILE F 153 1.67 37.25 -11.76
CA ILE F 153 1.82 36.90 -13.17
C ILE F 153 1.75 35.39 -13.35
N LEU F 154 2.45 34.64 -12.49
CA LEU F 154 2.38 33.19 -12.56
C LEU F 154 0.98 32.69 -12.24
N SER F 155 0.34 33.27 -11.22
CA SER F 155 -0.98 32.80 -10.80
C SER F 155 -2.05 33.06 -11.84
N CYS F 156 -1.89 34.08 -12.68
CA CYS F 156 -2.85 34.33 -13.74
C CYS F 156 -2.49 33.63 -15.05
N VAL F 157 -1.21 33.41 -15.32
CA VAL F 157 -0.83 32.62 -16.49
C VAL F 157 -1.22 31.16 -16.30
N ALA F 158 -1.11 30.66 -15.08
CA ALA F 158 -1.55 29.30 -14.78
C ALA F 158 -3.07 29.17 -14.80
N LYS F 159 -3.79 30.28 -14.90
CA LYS F 159 -5.25 30.29 -14.97
C LYS F 159 -5.85 29.69 -13.69
N SER F 160 -5.45 30.25 -12.56
CA SER F 160 -5.96 29.81 -11.27
C SER F 160 -7.06 30.74 -10.78
N THR F 161 -8.09 30.15 -10.17
CA THR F 161 -9.20 30.93 -9.62
C THR F 161 -8.78 31.77 -8.41
N CYS F 162 -7.57 31.56 -7.93
CA CYS F 162 -7.00 32.45 -6.92
C CYS F 162 -7.06 33.91 -7.36
N ALA F 163 -6.85 34.16 -8.65
CA ALA F 163 -6.99 35.52 -9.16
C ALA F 163 -8.41 36.04 -8.97
N ILE F 164 -9.42 35.19 -9.21
CA ILE F 164 -10.80 35.60 -9.04
C ILE F 164 -11.11 35.91 -7.58
N ASN F 165 -10.60 35.08 -6.67
CA ASN F 165 -10.84 35.25 -5.22
C ASN F 165 -10.12 36.50 -4.74
N ASN F 166 -8.95 36.80 -5.28
CA ASN F 166 -8.25 38.04 -4.99
C ASN F 166 -9.03 39.25 -5.48
N THR F 167 -9.63 39.14 -6.67
CA THR F 167 -10.47 40.23 -7.17
C THR F 167 -11.66 40.47 -6.26
N LEU F 168 -12.28 39.40 -5.76
CA LEU F 168 -13.39 39.56 -4.83
C LEU F 168 -12.95 40.26 -3.56
N ILE F 169 -11.79 39.88 -3.01
CA ILE F 169 -11.32 40.53 -1.79
C ILE F 169 -11.00 42.00 -2.06
N ALA F 170 -10.40 42.30 -3.21
CA ALA F 170 -10.08 43.68 -3.55
C ALA F 170 -11.33 44.52 -3.67
N PHE F 171 -12.38 43.98 -4.29
CA PHE F 171 -13.64 44.71 -4.40
C PHE F 171 -14.29 44.88 -3.04
N PHE F 172 -14.16 43.89 -2.15
CA PHE F 172 -14.63 44.08 -0.78
C PHE F 172 -13.91 45.24 -0.11
N ILE F 173 -12.59 45.32 -0.28
CA ILE F 173 -11.83 46.42 0.32
C ILE F 173 -12.29 47.75 -0.26
N LEU F 174 -12.47 47.81 -1.58
CA LEU F 174 -12.88 49.06 -2.22
C LEU F 174 -14.26 49.51 -1.72
N THR F 175 -15.22 48.59 -1.70
CA THR F 175 -16.56 48.95 -1.25
C THR F 175 -16.57 49.35 0.21
N THR F 176 -15.80 48.66 1.05
CA THR F 176 -15.71 49.04 2.46
C THR F 176 -15.12 50.44 2.62
N ILE F 177 -14.07 50.75 1.85
CA ILE F 177 -13.44 52.06 1.92
C ILE F 177 -14.37 53.15 1.38
N LYS F 178 -15.28 52.82 0.48
CA LYS F 178 -16.17 53.80 -0.13
C LYS F 178 -17.58 53.66 0.46
N GLY F 179 -17.64 53.43 1.77
CA GLY F 179 -18.93 53.30 2.43
C GLY F 179 -19.54 51.96 2.09
N SER F 180 -20.68 51.99 1.41
CA SER F 180 -21.28 50.83 0.75
C SER F 180 -21.27 49.59 1.63
N ALA F 181 -22.01 49.67 2.75
CA ALA F 181 -22.11 48.52 3.64
C ALA F 181 -22.72 47.32 2.92
N PHE F 182 -23.76 47.57 2.12
CA PHE F 182 -24.41 46.50 1.36
C PHE F 182 -23.42 45.81 0.43
N LEU F 183 -22.73 46.58 -0.41
CA LEU F 183 -21.82 45.98 -1.38
C LEU F 183 -20.64 45.30 -0.69
N SER F 184 -20.16 45.88 0.41
CA SER F 184 -19.08 45.24 1.17
C SER F 184 -19.53 43.90 1.72
N ALA F 185 -20.76 43.83 2.24
CA ALA F 185 -21.28 42.56 2.75
C ALA F 185 -21.43 41.53 1.63
N ILE F 186 -21.93 41.94 0.47
CA ILE F 186 -22.08 41.02 -0.65
C ILE F 186 -20.71 40.50 -1.09
N PHE F 187 -19.73 41.38 -1.20
CA PHE F 187 -18.41 40.95 -1.67
C PHE F 187 -17.69 40.10 -0.63
N LEU F 188 -17.90 40.39 0.65
CA LEU F 188 -17.33 39.53 1.69
C LEU F 188 -17.99 38.16 1.69
N ALA F 189 -19.30 38.10 1.43
CA ALA F 189 -19.97 36.82 1.32
C ALA F 189 -19.44 36.03 0.12
N LEU F 190 -19.20 36.72 -1.00
CA LEU F 190 -18.64 36.05 -2.16
C LEU F 190 -17.23 35.55 -1.90
N ALA F 191 -16.43 36.33 -1.17
CA ALA F 191 -15.07 35.90 -0.83
C ALA F 191 -15.09 34.71 0.14
N THR F 192 -16.02 34.72 1.11
CA THR F 192 -16.16 33.58 2.00
C THR F 192 -16.67 32.35 1.25
N TYR F 193 -17.44 32.57 0.19
CA TYR F 193 -17.92 31.46 -0.62
C TYR F 193 -16.76 30.70 -1.26
N GLN F 194 -15.81 31.43 -1.85
CA GLN F 194 -14.71 30.76 -2.55
C GLN F 194 -13.76 30.10 -1.57
N SER F 195 -13.34 30.83 -0.54
CA SER F 195 -12.50 30.29 0.52
C SER F 195 -13.14 30.66 1.86
N LEU F 196 -13.12 29.71 2.80
CA LEU F 196 -13.76 29.95 4.09
C LEU F 196 -13.08 31.06 4.87
N TYR F 197 -11.75 31.12 4.82
CA TYR F 197 -10.99 32.01 5.69
C TYR F 197 -11.33 33.49 5.56
N PRO F 198 -11.56 34.06 4.38
CA PRO F 198 -11.84 35.50 4.29
C PRO F 198 -13.00 36.00 5.16
N LEU F 199 -13.70 35.13 5.88
CA LEU F 199 -14.72 35.62 6.80
C LEU F 199 -14.11 36.37 7.97
N THR F 200 -12.79 36.23 8.19
CA THR F 200 -12.14 36.93 9.29
C THR F 200 -12.09 38.43 9.04
N LEU F 201 -12.20 38.85 7.78
CA LEU F 201 -12.16 40.27 7.43
C LEU F 201 -13.44 41.00 7.82
N PHE F 202 -14.41 40.28 8.38
CA PHE F 202 -15.65 40.90 8.84
C PHE F 202 -15.38 41.94 9.91
N VAL F 203 -14.50 41.63 10.87
CA VAL F 203 -14.17 42.59 11.91
C VAL F 203 -13.47 43.83 11.37
N PRO F 204 -12.43 43.71 10.53
CA PRO F 204 -11.86 44.94 9.92
C PRO F 204 -12.86 45.74 9.13
N GLY F 205 -13.71 45.08 8.33
CA GLY F 205 -14.70 45.82 7.56
C GLY F 205 -15.68 46.56 8.44
N LEU F 206 -16.17 45.89 9.50
CA LEU F 206 -17.10 46.52 10.42
C LEU F 206 -16.45 47.69 11.15
N LEU F 207 -15.20 47.53 11.58
CA LEU F 207 -14.51 48.60 12.27
C LEU F 207 -14.32 49.81 11.35
N TYR F 208 -13.92 49.58 10.11
CA TYR F 208 -13.74 50.71 9.19
C TYR F 208 -15.07 51.38 8.89
N LEU F 209 -16.14 50.61 8.72
CA LEU F 209 -17.45 51.22 8.46
C LEU F 209 -17.92 52.05 9.63
N LEU F 210 -17.74 51.54 10.86
CA LEU F 210 -18.13 52.30 12.04
C LEU F 210 -17.31 53.58 12.16
N GLN F 211 -16.00 53.50 11.90
CA GLN F 211 -15.16 54.69 11.95
C GLN F 211 -15.57 55.71 10.90
N ARG F 212 -15.88 55.24 9.69
CA ARG F 212 -16.30 56.15 8.62
C ARG F 212 -17.62 56.83 8.96
N GLN F 213 -18.55 56.09 9.56
CA GLN F 213 -19.86 56.64 9.88
C GLN F 213 -19.86 57.39 11.21
N TYR F 214 -18.72 57.49 11.88
CA TYR F 214 -18.56 58.24 13.13
C TYR F 214 -19.46 57.70 14.23
N ILE F 215 -19.41 56.39 14.43
CA ILE F 215 -20.05 55.74 15.57
C ILE F 215 -18.96 55.28 16.53
N PRO F 216 -18.90 55.80 17.75
CA PRO F 216 -17.92 55.27 18.72
C PRO F 216 -18.15 53.80 18.98
N VAL F 217 -17.07 53.03 19.00
CA VAL F 217 -17.15 51.58 19.21
C VAL F 217 -17.00 51.38 20.72
N LYS F 218 -18.13 51.48 21.42
CA LYS F 218 -18.19 51.32 22.86
C LYS F 218 -19.26 50.31 23.22
N MET F 219 -19.03 49.59 24.32
CA MET F 219 -20.02 48.61 24.79
C MET F 219 -21.32 49.29 25.17
N LYS F 220 -21.23 50.43 25.86
CA LYS F 220 -22.43 51.18 26.25
C LYS F 220 -23.14 51.81 25.05
N SER F 221 -22.43 52.03 23.96
CA SER F 221 -23.03 52.65 22.78
C SER F 221 -24.07 51.72 22.17
N LYS F 222 -25.19 52.30 21.75
CA LYS F 222 -26.27 51.54 21.11
C LYS F 222 -26.24 51.64 19.60
N ALA F 223 -25.80 52.78 19.05
CA ALA F 223 -25.68 52.89 17.59
C ALA F 223 -24.65 51.90 17.05
N PHE F 224 -23.58 51.65 17.80
CA PHE F 224 -22.60 50.65 17.39
C PHE F 224 -23.25 49.27 17.29
N TRP F 225 -24.04 48.90 18.30
CA TRP F 225 -24.70 47.60 18.27
C TRP F 225 -25.69 47.51 17.12
N ILE F 226 -26.44 48.59 16.87
CA ILE F 226 -27.43 48.57 15.79
C ILE F 226 -26.73 48.39 14.44
N PHE F 227 -25.68 49.18 14.19
CA PHE F 227 -24.97 49.09 12.91
C PHE F 227 -24.28 47.73 12.77
N SER F 228 -23.67 47.23 13.85
CA SER F 228 -23.02 45.93 13.78
C SER F 228 -24.03 44.83 13.50
N TRP F 229 -25.22 44.89 14.09
CA TRP F 229 -26.25 43.91 13.82
C TRP F 229 -26.71 43.99 12.37
N GLU F 230 -26.89 45.21 11.84
CA GLU F 230 -27.28 45.32 10.44
C GLU F 230 -26.22 44.73 9.52
N TYR F 231 -24.95 45.04 9.77
CA TYR F 231 -23.88 44.52 8.92
C TYR F 231 -23.78 43.01 9.02
N ALA F 232 -23.88 42.46 10.23
CA ALA F 232 -23.79 41.01 10.40
C ALA F 232 -24.95 40.31 9.73
N MET F 233 -26.17 40.84 9.89
CA MET F 233 -27.33 40.24 9.22
C MET F 233 -27.19 40.32 7.71
N MET F 234 -26.69 41.44 7.20
CA MET F 234 -26.50 41.60 5.76
C MET F 234 -25.50 40.57 5.24
N TYR F 235 -24.39 40.41 5.95
CA TYR F 235 -23.37 39.42 5.54
C TYR F 235 -23.91 38.01 5.59
N VAL F 236 -24.57 37.64 6.68
CA VAL F 236 -25.08 36.27 6.83
C VAL F 236 -26.16 36.00 5.79
N GLY F 237 -27.03 36.97 5.54
CA GLY F 237 -28.04 36.78 4.51
C GLY F 237 -27.46 36.64 3.13
N SER F 238 -26.45 37.45 2.81
CA SER F 238 -25.81 37.34 1.50
C SER F 238 -25.08 36.02 1.33
N LEU F 239 -24.54 35.46 2.40
CA LEU F 239 -23.91 34.15 2.30
C LEU F 239 -24.93 33.02 2.21
N VAL F 240 -26.01 33.10 2.99
CA VAL F 240 -27.06 32.09 2.97
C VAL F 240 -27.73 32.05 1.60
N VAL F 241 -28.03 33.22 1.04
CA VAL F 241 -28.68 33.28 -0.27
C VAL F 241 -27.77 32.68 -1.34
N ILE F 242 -26.47 32.96 -1.27
CA ILE F 242 -25.54 32.40 -2.24
C ILE F 242 -25.48 30.88 -2.11
N ILE F 243 -25.40 30.37 -0.88
CA ILE F 243 -25.34 28.92 -0.69
C ILE F 243 -26.60 28.27 -1.23
N CYS F 244 -27.77 28.80 -0.85
CA CYS F 244 -29.03 28.21 -1.27
C CYS F 244 -29.22 28.28 -2.77
N LEU F 245 -28.84 29.41 -3.38
CA LEU F 245 -28.95 29.54 -4.84
C LEU F 245 -28.06 28.53 -5.55
N SER F 246 -26.78 28.46 -5.15
CA SER F 246 -25.85 27.57 -5.82
C SER F 246 -26.09 26.10 -5.49
N PHE F 247 -26.94 25.80 -4.50
CA PHE F 247 -27.42 24.44 -4.35
C PHE F 247 -28.14 23.96 -5.61
N PHE F 248 -28.96 24.83 -6.20
CA PHE F 248 -29.84 24.46 -7.30
C PHE F 248 -29.12 24.22 -8.61
N LEU F 249 -27.82 24.54 -8.71
CA LEU F 249 -27.12 24.33 -9.96
C LEU F 249 -27.05 22.85 -10.31
N LEU F 250 -26.74 22.00 -9.33
CA LEU F 250 -26.76 20.55 -9.51
C LEU F 250 -27.84 19.89 -8.68
N SER F 251 -28.69 20.68 -8.01
CA SER F 251 -29.80 20.18 -7.21
C SER F 251 -29.31 19.18 -6.15
N SER F 252 -28.17 19.47 -5.54
CA SER F 252 -27.61 18.61 -4.51
C SER F 252 -26.69 19.44 -3.62
N TRP F 253 -26.43 18.91 -2.43
CA TRP F 253 -25.61 19.57 -1.44
C TRP F 253 -24.19 19.03 -1.41
N ASP F 254 -23.79 18.24 -2.41
CA ASP F 254 -22.48 17.60 -2.39
C ASP F 254 -21.33 18.58 -2.58
N PHE F 255 -21.59 19.81 -3.00
CA PHE F 255 -20.52 20.78 -3.15
C PHE F 255 -20.00 21.26 -1.80
N ILE F 256 -20.86 21.33 -0.80
CA ILE F 256 -20.43 21.78 0.52
C ILE F 256 -19.34 20.88 1.09
N PRO F 257 -19.47 19.54 1.10
CA PRO F 257 -18.32 18.74 1.49
C PRO F 257 -17.11 18.98 0.62
N ALA F 258 -17.22 18.79 -0.69
CA ALA F 258 -16.07 18.80 -1.58
C ALA F 258 -15.29 20.12 -1.50
N VAL F 259 -15.95 21.20 -1.11
CA VAL F 259 -15.23 22.47 -0.98
C VAL F 259 -14.82 22.71 0.48
N TYR F 260 -15.80 22.86 1.37
CA TYR F 260 -15.49 23.34 2.71
C TYR F 260 -14.87 22.25 3.58
N GLY F 261 -15.35 21.02 3.48
CA GLY F 261 -14.71 19.94 4.22
C GLY F 261 -13.30 19.69 3.73
N PHE F 262 -13.07 19.87 2.43
CA PHE F 262 -11.73 19.81 1.87
C PHE F 262 -10.85 20.90 2.47
N ILE F 263 -11.37 22.13 2.54
CA ILE F 263 -10.60 23.23 3.09
C ILE F 263 -10.27 23.01 4.56
N LEU F 264 -11.23 22.50 5.32
CA LEU F 264 -11.09 22.40 6.77
C LEU F 264 -10.40 21.14 7.25
N SER F 265 -10.44 20.05 6.47
CA SER F 265 -9.90 18.78 6.92
C SER F 265 -8.60 18.40 6.24
N VAL F 266 -8.22 19.09 5.16
CA VAL F 266 -6.98 18.84 4.43
C VAL F 266 -6.83 17.36 4.06
N PRO F 267 -7.64 16.84 3.13
CA PRO F 267 -7.48 15.43 2.75
C PRO F 267 -6.39 15.20 1.71
N ASP F 268 -6.05 16.19 0.89
CA ASP F 268 -5.12 15.94 -0.25
C ASP F 268 -3.69 15.59 0.21
N LEU F 269 -3.09 16.38 1.09
CA LEU F 269 -1.68 16.13 1.50
C LEU F 269 -0.79 16.19 0.26
N THR F 270 -1.01 17.16 -0.63
CA THR F 270 -0.18 17.33 -1.85
C THR F 270 0.79 18.49 -1.62
N PRO F 271 2.10 18.38 -1.97
CA PRO F 271 3.08 19.42 -1.67
C PRO F 271 2.61 20.86 -1.97
N ASN F 272 2.94 21.80 -1.09
CA ASN F 272 2.58 23.23 -1.32
C ASN F 272 3.52 24.11 -0.50
N ILE F 273 3.44 25.43 -0.68
CA ILE F 273 4.30 26.37 0.10
C ILE F 273 3.79 26.42 1.53
N GLY F 274 2.67 25.74 1.81
CA GLY F 274 2.06 25.78 3.16
C GLY F 274 2.80 24.92 4.17
N LEU F 275 2.24 24.78 5.37
CA LEU F 275 2.88 23.99 6.45
C LEU F 275 1.99 22.79 6.81
N PHE F 276 0.89 22.58 6.09
CA PHE F 276 -0.05 21.48 6.42
C PHE F 276 0.25 20.22 5.61
N TRP F 277 0.90 20.34 4.45
CA TRP F 277 1.12 19.17 3.57
C TRP F 277 1.97 18.11 4.27
N TYR F 278 3.12 18.48 4.83
CA TYR F 278 4.02 17.47 5.45
C TYR F 278 3.52 17.20 6.86
N PHE F 279 3.16 18.23 7.61
CA PHE F 279 2.75 17.99 9.00
C PHE F 279 1.75 16.85 8.99
N PHE F 280 0.87 16.80 8.01
CA PHE F 280 -0.13 15.73 8.05
C PHE F 280 0.27 14.50 7.25
N ALA F 281 1.27 14.59 6.38
CA ALA F 281 1.83 13.39 5.79
C ALA F 281 2.68 12.63 6.81
N GLU F 282 3.52 13.36 7.55
CA GLU F 282 4.34 12.77 8.60
C GLU F 282 3.66 13.08 9.94
N MET F 283 2.74 12.20 10.33
CA MET F 283 1.90 12.49 11.48
C MET F 283 1.37 11.19 12.09
N PHE F 284 1.37 11.15 13.41
CA PHE F 284 0.73 10.06 14.14
C PHE F 284 -0.77 10.24 14.15
N GLU F 285 -1.50 9.18 13.83
CA GLU F 285 -2.94 9.26 13.71
C GLU F 285 -3.64 9.43 15.04
N HIS F 286 -2.93 9.31 16.17
CA HIS F 286 -3.53 9.54 17.47
C HIS F 286 -4.02 10.98 17.61
N PHE F 287 -3.20 11.94 17.18
CA PHE F 287 -3.46 13.36 17.40
C PHE F 287 -3.84 14.10 16.13
N SER F 288 -4.26 13.38 15.09
CA SER F 288 -4.57 14.04 13.82
C SER F 288 -5.71 15.04 13.99
N LEU F 289 -6.80 14.61 14.63
CA LEU F 289 -7.94 15.51 14.82
C LEU F 289 -7.56 16.71 15.68
N PHE F 290 -6.84 16.48 16.78
CA PHE F 290 -6.47 17.57 17.67
C PHE F 290 -5.59 18.58 16.94
N PHE F 291 -4.61 18.11 16.18
CA PHE F 291 -3.68 19.03 15.55
C PHE F 291 -4.30 19.74 14.36
N VAL F 292 -5.20 19.07 13.61
CA VAL F 292 -5.88 19.79 12.53
C VAL F 292 -6.82 20.85 13.12
N CYS F 293 -7.46 20.55 14.24
CA CYS F 293 -8.28 21.55 14.91
C CYS F 293 -7.44 22.73 15.35
N VAL F 294 -6.27 22.47 15.94
CA VAL F 294 -5.40 23.55 16.38
C VAL F 294 -4.94 24.38 15.19
N PHE F 295 -4.54 23.73 14.10
CA PHE F 295 -4.00 24.45 12.95
C PHE F 295 -5.06 25.30 12.25
N GLN F 296 -6.30 24.82 12.18
CA GLN F 296 -7.35 25.65 11.61
C GLN F 296 -7.86 26.70 12.59
N ILE F 297 -7.69 26.49 13.89
CA ILE F 297 -7.94 27.56 14.85
C ILE F 297 -6.93 28.68 14.69
N ASN F 298 -5.68 28.31 14.35
CA ASN F 298 -4.60 29.29 14.25
C ASN F 298 -4.97 30.47 13.33
N VAL F 299 -5.66 30.19 12.22
CA VAL F 299 -5.99 31.26 11.28
C VAL F 299 -6.95 32.25 11.91
N PHE F 300 -7.99 31.75 12.58
CA PHE F 300 -8.99 32.59 13.21
C PHE F 300 -8.56 33.08 14.60
N PHE F 301 -7.37 32.71 15.04
CA PHE F 301 -6.95 32.99 16.41
C PHE F 301 -6.71 34.47 16.65
N TYR F 302 -6.07 35.15 15.71
CA TYR F 302 -5.53 36.48 15.94
C TYR F 302 -6.50 37.61 15.62
N THR F 303 -7.67 37.31 15.06
CA THR F 303 -8.56 38.39 14.62
C THR F 303 -9.04 39.22 15.81
N ILE F 304 -9.42 38.58 16.91
CA ILE F 304 -9.94 39.29 18.08
C ILE F 304 -8.83 40.08 18.78
N PRO F 305 -7.69 39.47 19.15
CA PRO F 305 -6.64 40.29 19.78
C PRO F 305 -6.12 41.38 18.88
N LEU F 306 -6.07 41.15 17.56
CA LEU F 306 -5.69 42.21 16.64
C LEU F 306 -6.72 43.32 16.62
N ALA F 307 -8.01 42.98 16.71
CA ALA F 307 -9.03 44.01 16.78
C ALA F 307 -8.91 44.83 18.05
N ILE F 308 -8.50 44.19 19.15
CA ILE F 308 -8.33 44.91 20.41
C ILE F 308 -7.28 46.02 20.25
N LYS F 309 -6.11 45.66 19.71
CA LYS F 309 -5.02 46.62 19.60
C LYS F 309 -5.27 47.64 18.49
N LEU F 310 -5.81 47.18 17.36
CA LEU F 310 -5.94 47.98 16.15
C LEU F 310 -7.37 48.44 15.92
N LYS F 311 -8.09 48.81 17.00
CA LYS F 311 -9.48 49.24 16.84
C LYS F 311 -9.58 50.49 16.00
N GLU F 312 -8.65 51.42 16.17
CA GLU F 312 -8.68 52.70 15.46
C GLU F 312 -7.84 52.70 14.20
N HIS F 313 -7.27 51.55 13.82
CA HIS F 313 -6.49 51.41 12.59
C HIS F 313 -6.98 50.20 11.82
N PRO F 314 -8.17 50.31 11.20
CA PRO F 314 -8.79 49.10 10.64
C PRO F 314 -8.16 48.62 9.35
N ILE F 315 -7.60 49.52 8.53
CA ILE F 315 -7.02 49.10 7.26
C ILE F 315 -5.73 48.31 7.47
N PHE F 316 -4.89 48.73 8.41
CA PHE F 316 -3.71 47.95 8.74
C PHE F 316 -4.11 46.60 9.33
N PHE F 317 -5.18 46.59 10.12
CA PHE F 317 -5.72 45.34 10.64
C PHE F 317 -6.15 44.42 9.51
N MET F 318 -6.81 44.97 8.50
CA MET F 318 -7.22 44.18 7.35
C MET F 318 -6.01 43.64 6.59
N PHE F 319 -4.98 44.46 6.42
CA PHE F 319 -3.77 44.01 5.74
C PHE F 319 -3.09 42.88 6.49
N ILE F 320 -2.99 43.01 7.80
CA ILE F 320 -2.38 41.95 8.62
C ILE F 320 -3.23 40.68 8.55
N GLN F 321 -4.56 40.83 8.57
CA GLN F 321 -5.43 39.67 8.48
C GLN F 321 -5.29 38.95 7.14
N ILE F 322 -5.21 39.71 6.05
CA ILE F 322 -5.00 39.11 4.74
C ILE F 322 -3.69 38.35 4.71
N ALA F 323 -2.63 38.95 5.28
CA ALA F 323 -1.34 38.28 5.34
C ALA F 323 -1.41 36.99 6.14
N VAL F 324 -2.09 37.02 7.29
CA VAL F 324 -2.21 35.82 8.13
C VAL F 324 -2.97 34.73 7.40
N ILE F 325 -4.04 35.10 6.70
CA ILE F 325 -4.78 34.13 5.90
C ILE F 325 -3.86 33.50 4.86
N ALA F 326 -3.13 34.34 4.12
CA ALA F 326 -2.27 33.83 3.06
C ALA F 326 -1.16 32.96 3.59
N ILE F 327 -0.71 33.20 4.82
CA ILE F 327 0.36 32.39 5.41
C ILE F 327 -0.17 31.07 5.95
N PHE F 328 -1.26 31.09 6.72
CA PHE F 328 -1.72 29.93 7.47
C PHE F 328 -2.91 29.22 6.81
N LYS F 329 -3.21 29.54 5.56
CA LYS F 329 -4.27 28.83 4.86
C LYS F 329 -3.92 27.34 4.75
N SER F 330 -4.96 26.52 4.62
CA SER F 330 -4.74 25.08 4.48
C SER F 330 -4.02 24.76 3.19
N TYR F 331 -4.37 25.45 2.09
CA TYR F 331 -3.76 25.24 0.78
C TYR F 331 -3.29 26.59 0.26
N PRO F 332 -2.18 27.11 0.77
CA PRO F 332 -1.72 28.43 0.36
C PRO F 332 -1.19 28.45 -1.06
N THR F 333 -1.15 29.65 -1.62
CA THR F 333 -0.73 29.86 -3.00
C THR F 333 0.06 31.16 -3.08
N VAL F 334 1.02 31.20 -4.02
CA VAL F 334 1.77 32.43 -4.25
C VAL F 334 0.83 33.54 -4.70
N GLY F 335 -0.27 33.19 -5.36
CA GLY F 335 -1.27 34.20 -5.68
C GLY F 335 -1.91 34.80 -4.44
N ASP F 336 -2.20 33.97 -3.44
CA ASP F 336 -2.69 34.48 -2.17
C ASP F 336 -1.65 35.36 -1.49
N VAL F 337 -0.38 34.95 -1.56
CA VAL F 337 0.69 35.74 -0.95
C VAL F 337 0.82 37.08 -1.64
N ALA F 338 0.60 37.13 -2.95
CA ALA F 338 0.77 38.36 -3.71
C ALA F 338 -0.31 39.40 -3.42
N LEU F 339 -1.43 39.01 -2.79
CA LEU F 339 -2.48 39.99 -2.52
C LEU F 339 -2.07 40.94 -1.40
N TYR F 340 -1.41 40.44 -0.36
CA TYR F 340 -0.98 41.32 0.72
C TYR F 340 0.36 41.99 0.46
N MET F 341 1.08 41.58 -0.57
CA MET F 341 2.25 42.35 -0.99
C MET F 341 1.89 43.53 -1.88
N ALA F 342 0.63 43.64 -2.30
CA ALA F 342 0.18 44.85 -2.96
C ALA F 342 -0.04 46.00 -1.98
N PHE F 343 -0.13 45.70 -0.69
CA PHE F 343 -0.32 46.71 0.35
C PHE F 343 1.00 47.29 0.85
N PHE F 344 2.13 46.72 0.45
CA PHE F 344 3.42 47.22 0.94
C PHE F 344 3.68 48.68 0.60
N PRO F 345 3.37 49.19 -0.59
CA PRO F 345 3.57 50.63 -0.82
C PRO F 345 2.76 51.52 0.10
N VAL F 346 1.62 51.03 0.61
CA VAL F 346 0.84 51.84 1.55
C VAL F 346 1.63 52.08 2.82
N TRP F 347 2.29 51.05 3.34
CA TRP F 347 2.98 51.10 4.62
C TRP F 347 4.48 51.31 4.47
N ASN F 348 4.92 51.86 3.33
CA ASN F 348 6.33 52.12 3.10
C ASN F 348 6.81 53.39 3.78
N HIS F 349 5.91 54.19 4.36
CA HIS F 349 6.33 55.30 5.19
C HIS F 349 6.83 54.84 6.55
N LEU F 350 6.65 53.56 6.88
CA LEU F 350 7.15 52.97 8.10
C LEU F 350 8.59 52.47 7.96
N TYR F 351 9.27 52.86 6.87
CA TYR F 351 10.55 52.25 6.53
C TYR F 351 11.62 52.55 7.58
N ARG F 352 11.64 53.78 8.11
CA ARG F 352 12.68 54.15 9.05
C ARG F 352 12.68 53.30 10.30
N PHE F 353 11.51 52.79 10.71
CA PHE F 353 11.38 51.96 11.89
C PHE F 353 11.46 50.48 11.57
N LEU F 354 11.70 50.12 10.30
CA LEU F 354 11.76 48.73 9.88
C LEU F 354 13.18 48.20 10.08
N ARG F 355 13.32 47.30 11.04
CA ARG F 355 14.52 46.49 11.17
C ARG F 355 14.42 45.31 10.21
N ASN F 356 15.52 44.56 10.07
CA ASN F 356 15.52 43.24 9.46
C ASN F 356 14.67 43.17 8.19
N ILE F 357 14.81 44.17 7.33
CA ILE F 357 14.08 44.21 6.07
C ILE F 357 14.89 43.57 4.94
N PHE F 358 16.19 43.88 4.87
CA PHE F 358 17.03 43.34 3.81
C PHE F 358 17.13 41.82 3.92
N VAL F 359 17.39 41.32 5.13
CA VAL F 359 17.56 39.89 5.32
C VAL F 359 16.28 39.14 5.01
N LEU F 360 15.14 39.66 5.47
CA LEU F 360 13.88 38.96 5.23
C LEU F 360 13.49 38.99 3.76
N THR F 361 13.70 40.11 3.07
CA THR F 361 13.43 40.15 1.64
C THR F 361 14.32 39.18 0.89
N CYS F 362 15.61 39.13 1.25
CA CYS F 362 16.52 38.19 0.60
C CYS F 362 16.09 36.75 0.86
N ILE F 363 15.66 36.44 2.09
CA ILE F 363 15.23 35.08 2.40
C ILE F 363 14.00 34.71 1.58
N ILE F 364 13.04 35.63 1.48
CA ILE F 364 11.83 35.35 0.70
C ILE F 364 12.17 35.12 -0.76
N ILE F 365 13.05 35.95 -1.32
CA ILE F 365 13.45 35.77 -2.72
C ILE F 365 14.16 34.43 -2.92
N VAL F 366 15.05 34.09 -1.98
CA VAL F 366 15.81 32.84 -2.10
C VAL F 366 14.87 31.64 -2.06
N CYS F 367 13.94 31.65 -1.09
CA CYS F 367 12.99 30.52 -0.95
C CYS F 367 12.15 30.38 -2.23
N SER F 368 11.65 31.51 -2.74
CA SER F 368 10.78 31.47 -3.95
C SER F 368 11.55 30.86 -5.12
N LEU F 369 12.78 31.30 -5.35
CA LEU F 369 13.60 30.80 -6.49
C LEU F 369 13.97 29.34 -6.22
N LEU F 370 14.11 28.96 -4.94
CA LEU F 370 14.51 27.62 -4.59
C LEU F 370 13.35 26.62 -4.57
N PHE F 371 12.11 27.09 -4.55
CA PHE F 371 10.98 26.17 -4.66
C PHE F 371 11.04 25.32 -5.93
N PRO F 372 11.15 25.88 -7.13
CA PRO F 372 11.19 25.02 -8.32
C PRO F 372 12.41 24.12 -8.39
N VAL F 373 13.57 24.62 -7.96
CA VAL F 373 14.80 23.83 -8.08
C VAL F 373 14.74 22.61 -7.18
N LEU F 374 14.35 22.79 -5.92
CA LEU F 374 14.30 21.66 -5.01
C LEU F 374 13.10 20.76 -5.31
N TRP F 375 12.01 21.32 -5.81
CA TRP F 375 10.90 20.47 -6.27
C TRP F 375 11.34 19.58 -7.41
N HIS F 376 12.09 20.13 -8.37
CA HIS F 376 12.59 19.31 -9.47
C HIS F 376 13.56 18.26 -8.98
N LEU F 377 14.45 18.63 -8.06
CA LEU F 377 15.40 17.65 -7.53
C LEU F 377 14.69 16.50 -6.83
N TRP F 378 13.65 16.81 -6.05
CA TRP F 378 12.92 15.76 -5.36
C TRP F 378 12.14 14.90 -6.33
N ILE F 379 11.38 15.51 -7.23
CA ILE F 379 10.39 14.78 -8.01
C ILE F 379 10.99 14.17 -9.26
N TYR F 380 11.69 14.95 -10.08
CA TYR F 380 12.17 14.49 -11.36
C TYR F 380 13.59 13.94 -11.31
N ALA F 381 14.51 14.68 -10.68
CA ALA F 381 15.88 14.20 -10.60
C ALA F 381 16.00 12.99 -9.69
N GLY F 382 15.23 12.97 -8.60
CA GLY F 382 15.27 11.88 -7.66
C GLY F 382 16.41 11.90 -6.66
N SER F 383 17.26 12.93 -6.71
CA SER F 383 18.41 13.01 -5.82
C SER F 383 18.10 13.74 -4.52
N ALA F 384 16.86 14.18 -4.32
CA ALA F 384 16.47 14.87 -3.10
C ALA F 384 15.23 14.21 -2.52
N ASN F 385 14.98 14.50 -1.25
CA ASN F 385 13.84 13.97 -0.52
C ASN F 385 12.73 15.01 -0.48
N SER F 386 11.65 14.67 0.23
CA SER F 386 10.63 15.66 0.54
C SER F 386 11.11 16.61 1.64
N ASN F 387 12.20 16.23 2.32
CA ASN F 387 12.72 17.06 3.40
C ASN F 387 13.24 18.39 2.88
N PHE F 388 13.85 18.39 1.69
CA PHE F 388 14.34 19.63 1.11
C PHE F 388 13.19 20.61 0.86
N PHE F 389 12.12 20.13 0.22
CA PHE F 389 10.96 20.98 -0.03
C PHE F 389 10.30 21.42 1.26
N TYR F 390 10.23 20.53 2.25
CA TYR F 390 9.67 20.92 3.55
C TYR F 390 10.49 22.03 4.20
N ALA F 391 11.83 21.92 4.13
CA ALA F 391 12.68 22.96 4.69
C ALA F 391 12.47 24.28 3.97
N ILE F 392 12.31 24.24 2.66
CA ILE F 392 12.06 25.47 1.92
C ILE F 392 10.73 26.09 2.34
N THR F 393 9.69 25.29 2.51
CA THR F 393 8.41 25.83 2.97
C THR F 393 8.54 26.43 4.36
N LEU F 394 9.27 25.76 5.25
CA LEU F 394 9.48 26.29 6.60
C LEU F 394 10.16 27.64 6.55
N THR F 395 11.24 27.75 5.79
CA THR F 395 11.98 29.01 5.72
C THR F 395 11.12 30.10 5.08
N PHE F 396 10.37 29.77 4.03
CA PHE F 396 9.51 30.74 3.39
C PHE F 396 8.45 31.28 4.34
N ASN F 397 7.80 30.39 5.09
CA ASN F 397 6.75 30.84 6.00
C ASN F 397 7.34 31.61 7.18
N VAL F 398 8.52 31.22 7.66
CA VAL F 398 9.16 31.98 8.73
C VAL F 398 9.50 33.39 8.24
N GLY F 399 10.03 33.49 7.03
CA GLY F 399 10.30 34.82 6.47
C GLY F 399 9.05 35.66 6.34
N GLN F 400 7.96 35.05 5.85
CA GLN F 400 6.70 35.77 5.73
C GLN F 400 6.21 36.27 7.10
N ILE F 401 6.24 35.39 8.10
CA ILE F 401 5.77 35.74 9.43
C ILE F 401 6.61 36.87 10.01
N LEU F 402 7.93 36.77 9.88
CA LEU F 402 8.80 37.80 10.42
C LEU F 402 8.62 39.13 9.69
N LEU F 403 8.40 39.10 8.37
CA LEU F 403 8.17 40.32 7.63
C LEU F 403 6.87 41.00 8.08
N ILE F 404 5.80 40.22 8.26
CA ILE F 404 4.53 40.79 8.67
C ILE F 404 4.62 41.35 10.09
N SER F 405 5.25 40.60 11.01
CA SER F 405 5.43 41.11 12.36
C SER F 405 6.35 42.33 12.38
N ASP F 406 7.28 42.40 11.43
CA ASP F 406 8.19 43.54 11.35
C ASP F 406 7.45 44.80 10.94
N TYR F 407 6.56 44.68 9.94
CA TYR F 407 5.73 45.82 9.57
C TYR F 407 4.81 46.22 10.71
N PHE F 408 4.26 45.24 11.42
CA PHE F 408 3.42 45.54 12.59
C PHE F 408 4.21 46.31 13.65
N TYR F 409 5.44 45.89 13.91
CA TYR F 409 6.28 46.57 14.88
C TYR F 409 6.60 47.99 14.44
N ALA F 410 6.89 48.18 13.15
CA ALA F 410 7.15 49.53 12.64
C ALA F 410 5.93 50.42 12.80
N PHE F 411 4.74 49.88 12.53
CA PHE F 411 3.51 50.65 12.70
C PHE F 411 3.34 51.07 14.16
N LEU F 412 3.55 50.14 15.09
CA LEU F 412 3.42 50.47 16.50
C LEU F 412 4.45 51.52 16.92
N ARG F 413 5.68 51.39 16.43
CA ARG F 413 6.72 52.38 16.75
C ARG F 413 6.33 53.76 16.25
N ARG F 414 5.82 53.85 15.03
CA ARG F 414 5.42 55.16 14.52
C ARG F 414 4.29 55.75 15.33
N GLU F 415 3.30 54.94 15.71
CA GLU F 415 2.22 55.47 16.54
C GLU F 415 2.73 55.96 17.88
N TYR F 416 3.62 55.20 18.51
CA TYR F 416 4.17 55.61 19.80
C TYR F 416 4.95 56.90 19.68
N TYR F 417 5.78 57.02 18.64
CA TYR F 417 6.55 58.24 18.45
C TYR F 417 5.65 59.43 18.18
N LEU F 418 4.62 59.25 17.36
CA LEU F 418 3.69 60.34 17.10
C LEU F 418 3.01 60.80 18.38
N THR F 419 2.64 59.86 19.24
CA THR F 419 1.93 60.22 20.46
C THR F 419 2.83 60.82 21.54
N HIS F 420 4.05 60.33 21.69
CA HIS F 420 4.87 60.67 22.85
C HIS F 420 6.04 61.59 22.55
N GLY F 421 6.53 61.63 21.31
CA GLY F 421 7.62 62.53 20.99
C GLY F 421 8.88 61.86 20.45
N LEU F 422 9.23 62.18 19.22
CA LEU F 422 10.46 61.71 18.62
C LEU F 422 11.61 62.64 19.00
N TYR F 423 12.78 62.04 19.26
CA TYR F 423 13.94 62.81 19.70
C TYR F 423 14.82 63.18 18.52
N MET G 1 22.68 -12.19 6.04
CA MET G 1 23.80 -11.40 6.61
C MET G 1 24.42 -12.24 7.72
N SER G 2 23.90 -12.03 8.93
CA SER G 2 24.10 -12.88 10.08
C SER G 2 23.14 -12.30 11.12
N SER G 3 21.96 -11.89 10.64
CA SER G 3 20.92 -11.29 11.44
C SER G 3 21.45 -10.03 12.12
#